data_9ESD
#
_entry.id   9ESD
#
_cell.length_a   143.736
_cell.length_b   143.736
_cell.length_c   141.218
_cell.angle_alpha   90
_cell.angle_beta   90
_cell.angle_gamma   120
#
_symmetry.space_group_name_H-M   'P 63'
#
loop_
_entity.id
_entity.type
_entity.pdbx_description
1 polymer 'Tryptophan 2,3-dioxygenase'
2 non-polymer 'PROTOPORPHYRIN IX CONTAINING FE'
3 non-polymer (1~{R})-1-cyclohexyl-2-[(5~{S})-5~{H}-imidazo[1,5-b]isoindol-5-yl]ethanol
4 water water
#
_entity_poly.entity_id   1
_entity_poly.type   'polypeptide(L)'
_entity_poly.pdbx_seq_one_letter_code
;MGKIYGEYLMLDKLLDAQCMLSEEDKRPVHDEHLFIITHQAYELWFKQIIFEFDSIRDMLDAEVIDETKTLEIVKRLNRV
VLILKLLVDQVPILETMTPLDFMDFRKYLAPASGFQSLQFRLIENKLGVLTEQRVRYNQKYSDVFSDEEARNSIRNSEKD
PSLLELVQRWLERTPGLEESGFNFWAKFQESVDRFLEAQVQSAMEEPVEKAKNYRLMDIEKRREVYRSIFDPAVHDALVR
RGDRRFSHRALQGAIMITFYRDEPRFSQPHQLLTLLMDIDSLITKWRYNHVIMVQRMIGSQQLGTGGSSGYQYLRSTLSD
RYKVFLDLFNLSTFLIPREAIPPLDETIRKKLINKSVLEHHHHHH
;
_entity_poly.pdbx_strand_id   A,B,C,D
#
loop_
_chem_comp.id
_chem_comp.type
_chem_comp.name
_chem_comp.formula
5PK non-polymer (1~{R})-1-cyclohexyl-2-[(5~{S})-5~{H}-imidazo[1,5-b]isoindol-5-yl]ethanol 'C18 H22 N2 O'
HEM non-polymer 'PROTOPORPHYRIN IX CONTAINING FE' 'C34 H32 Fe N4 O4'
#
# COMPACT_ATOMS: atom_id res chain seq x y z
N LYS A 3 -16.11 -10.80 -28.74
CA LYS A 3 -15.26 -11.98 -28.82
C LYS A 3 -13.76 -11.65 -28.56
N ILE A 4 -13.06 -10.94 -29.47
CA ILE A 4 -11.66 -10.57 -29.18
C ILE A 4 -11.57 -9.38 -28.20
N TYR A 5 -10.45 -9.26 -27.48
CA TYR A 5 -10.15 -8.24 -26.47
C TYR A 5 -10.82 -6.86 -26.69
N GLY A 6 -10.42 -6.12 -27.74
CA GLY A 6 -10.91 -4.78 -28.01
C GLY A 6 -12.39 -4.66 -28.27
N GLU A 7 -12.97 -5.67 -28.89
CA GLU A 7 -14.39 -5.68 -29.20
C GLU A 7 -15.20 -6.07 -27.97
N TYR A 8 -14.72 -7.08 -27.23
CA TYR A 8 -15.35 -7.56 -26.00
C TYR A 8 -15.42 -6.43 -24.96
N LEU A 9 -14.32 -5.68 -24.81
CA LEU A 9 -14.27 -4.56 -23.85
C LEU A 9 -14.82 -3.26 -24.41
N MET A 10 -15.31 -3.24 -25.66
CA MET A 10 -15.86 -2.07 -26.35
C MET A 10 -14.96 -0.85 -26.25
N LEU A 11 -13.67 -1.06 -26.53
CA LEU A 11 -12.67 -0.02 -26.45
C LEU A 11 -12.89 1.11 -27.43
N ASP A 12 -13.57 0.85 -28.58
CA ASP A 12 -13.88 1.93 -29.52
C ASP A 12 -14.83 2.96 -28.88
N LYS A 13 -15.71 2.50 -27.99
CA LYS A 13 -16.61 3.39 -27.28
C LYS A 13 -15.90 3.98 -26.03
N LEU A 14 -15.26 3.13 -25.21
CA LEU A 14 -14.58 3.54 -23.97
C LEU A 14 -13.48 4.55 -24.20
N LEU A 15 -12.61 4.28 -25.19
CA LEU A 15 -11.48 5.13 -25.51
C LEU A 15 -11.83 6.32 -26.43
N ASP A 16 -13.13 6.59 -26.63
CA ASP A 16 -13.60 7.73 -27.39
C ASP A 16 -14.46 8.67 -26.52
N ALA A 17 -14.30 8.60 -25.18
CA ALA A 17 -15.07 9.44 -24.26
C ALA A 17 -14.19 10.49 -23.54
N GLN A 18 -12.99 10.77 -24.05
CA GLN A 18 -12.09 11.73 -23.42
C GLN A 18 -11.98 12.98 -24.29
N CYS A 19 -12.67 14.04 -23.88
CA CYS A 19 -12.67 15.28 -24.64
C CYS A 19 -12.18 16.44 -23.80
N MET A 20 -10.94 16.87 -24.05
CA MET A 20 -10.35 18.00 -23.35
C MET A 20 -10.92 19.31 -23.91
N LEU A 21 -11.68 20.05 -23.10
CA LEU A 21 -12.26 21.31 -23.54
C LEU A 21 -11.22 22.43 -23.71
N SER A 22 -10.08 22.35 -22.98
CA SER A 22 -8.99 23.32 -23.15
C SER A 22 -8.26 23.09 -24.50
N GLU A 23 -8.25 21.85 -25.00
CA GLU A 23 -7.65 21.53 -26.30
C GLU A 23 -8.58 22.04 -27.42
N GLU A 24 -9.91 21.86 -27.24
CA GLU A 24 -10.97 22.31 -28.17
C GLU A 24 -10.89 23.82 -28.34
N ASP A 25 -10.61 24.56 -27.24
CA ASP A 25 -10.51 26.02 -27.25
C ASP A 25 -9.12 26.56 -27.61
N LYS A 26 -8.19 25.66 -27.99
CA LYS A 26 -6.82 25.89 -28.39
C LYS A 26 -5.95 26.60 -27.33
N ARG A 27 -6.29 26.36 -26.08
CA ARG A 27 -5.48 26.78 -24.93
C ARG A 27 -5.29 25.46 -24.13
N PRO A 28 -4.46 24.50 -24.59
CA PRO A 28 -4.43 23.18 -23.92
C PRO A 28 -3.69 23.10 -22.61
N VAL A 29 -4.33 22.45 -21.64
CA VAL A 29 -3.70 22.21 -20.35
C VAL A 29 -3.48 20.70 -20.33
N HIS A 30 -2.22 20.24 -20.44
CA HIS A 30 -1.86 18.82 -20.46
C HIS A 30 -2.54 18.00 -19.36
N ASP A 31 -2.60 18.53 -18.13
CA ASP A 31 -3.18 17.83 -16.99
C ASP A 31 -4.67 17.65 -17.05
N GLU A 32 -5.38 18.35 -17.97
CA GLU A 32 -6.83 18.14 -18.11
C GLU A 32 -7.13 16.68 -18.50
N HIS A 33 -6.22 16.02 -19.26
CA HIS A 33 -6.39 14.62 -19.65
C HIS A 33 -6.40 13.74 -18.36
N LEU A 34 -5.49 14.01 -17.42
CA LEU A 34 -5.42 13.28 -16.14
C LEU A 34 -6.72 13.44 -15.37
N PHE A 35 -7.24 14.69 -15.31
CA PHE A 35 -8.47 15.06 -14.63
C PHE A 35 -9.64 14.20 -15.15
N ILE A 36 -9.75 14.06 -16.49
CA ILE A 36 -10.80 13.26 -17.10
C ILE A 36 -10.64 11.75 -16.78
N ILE A 37 -9.45 11.17 -17.05
CA ILE A 37 -9.17 9.75 -16.81
C ILE A 37 -9.37 9.35 -15.33
N THR A 38 -8.87 10.17 -14.37
CA THR A 38 -9.04 9.87 -12.94
C THR A 38 -10.53 9.74 -12.58
N HIS A 39 -11.33 10.72 -13.00
CA HIS A 39 -12.77 10.72 -12.74
C HIS A 39 -13.48 9.57 -13.43
N GLN A 40 -13.07 9.24 -14.67
CA GLN A 40 -13.67 8.13 -15.39
C GLN A 40 -13.34 6.79 -14.76
N ALA A 41 -12.12 6.64 -14.19
CA ALA A 41 -11.74 5.42 -13.50
C ALA A 41 -12.62 5.27 -12.25
N TYR A 42 -12.88 6.38 -11.51
CA TYR A 42 -13.76 6.40 -10.34
C TYR A 42 -15.16 5.91 -10.75
N GLU A 43 -15.71 6.46 -11.84
CA GLU A 43 -17.04 6.10 -12.33
C GLU A 43 -17.15 4.67 -12.77
N LEU A 44 -16.11 4.10 -13.38
CA LEU A 44 -16.13 2.67 -13.74
C LEU A 44 -16.23 1.81 -12.47
N TRP A 45 -15.40 2.11 -11.44
CA TRP A 45 -15.42 1.40 -10.17
C TRP A 45 -16.69 1.68 -9.34
N PHE A 46 -17.34 2.85 -9.51
CA PHE A 46 -18.64 3.15 -8.86
C PHE A 46 -19.69 2.23 -9.45
N LYS A 47 -19.65 2.00 -10.77
CA LYS A 47 -20.59 1.09 -11.45
C LYS A 47 -20.42 -0.30 -10.92
N GLN A 48 -19.15 -0.74 -10.71
CA GLN A 48 -18.86 -2.05 -10.14
C GLN A 48 -19.42 -2.16 -8.71
N ILE A 49 -19.22 -1.13 -7.86
CA ILE A 49 -19.70 -1.14 -6.47
C ILE A 49 -21.21 -1.24 -6.45
N ILE A 50 -21.90 -0.47 -7.29
CA ILE A 50 -23.36 -0.50 -7.40
C ILE A 50 -23.83 -1.89 -7.84
N PHE A 51 -23.15 -2.50 -8.82
CA PHE A 51 -23.47 -3.83 -9.30
C PHE A 51 -23.32 -4.85 -8.16
N GLU A 52 -22.27 -4.71 -7.35
CA GLU A 52 -22.06 -5.60 -6.21
C GLU A 52 -23.14 -5.40 -5.15
N PHE A 53 -23.38 -4.13 -4.77
CA PHE A 53 -24.37 -3.73 -3.78
C PHE A 53 -25.77 -4.20 -4.17
N ASP A 54 -26.16 -4.10 -5.45
CA ASP A 54 -27.48 -4.54 -5.89
C ASP A 54 -27.64 -6.04 -5.77
N SER A 55 -26.59 -6.78 -6.09
CA SER A 55 -26.65 -8.24 -5.96
C SER A 55 -26.69 -8.67 -4.47
N ILE A 56 -26.00 -7.94 -3.58
CA ILE A 56 -26.01 -8.24 -2.16
C ILE A 56 -27.38 -7.91 -1.58
N ARG A 57 -27.98 -6.77 -2.00
CA ARG A 57 -29.29 -6.34 -1.56
C ARG A 57 -30.33 -7.40 -1.93
N ASP A 58 -30.23 -7.96 -3.16
CA ASP A 58 -31.12 -9.01 -3.62
C ASP A 58 -30.96 -10.31 -2.82
N MET A 59 -29.72 -10.70 -2.51
CA MET A 59 -29.48 -11.90 -1.69
C MET A 59 -29.97 -11.70 -0.23
N LEU A 60 -29.92 -10.46 0.28
CA LEU A 60 -30.39 -10.18 1.63
C LEU A 60 -31.91 -10.03 1.70
N ASP A 61 -32.58 -9.73 0.57
CA ASP A 61 -34.03 -9.59 0.54
C ASP A 61 -34.67 -10.96 0.40
N ALA A 62 -34.48 -11.80 1.42
CA ALA A 62 -34.98 -13.17 1.51
C ALA A 62 -35.17 -13.54 2.98
N GLU A 63 -36.15 -14.41 3.30
CA GLU A 63 -36.40 -14.80 4.68
C GLU A 63 -35.29 -15.69 5.20
N VAL A 64 -34.83 -16.63 4.37
CA VAL A 64 -33.73 -17.52 4.75
C VAL A 64 -32.44 -17.15 4.03
N ILE A 65 -31.39 -16.86 4.81
CA ILE A 65 -30.07 -16.55 4.28
C ILE A 65 -29.13 -17.64 4.78
N ASP A 66 -28.88 -18.65 3.93
CA ASP A 66 -28.06 -19.80 4.32
C ASP A 66 -26.55 -19.49 4.30
N GLU A 67 -25.74 -20.43 4.79
CA GLU A 67 -24.29 -20.29 4.87
C GLU A 67 -23.66 -20.08 3.51
N THR A 68 -24.18 -20.75 2.46
CA THR A 68 -23.65 -20.63 1.11
C THR A 68 -23.82 -19.23 0.59
N LYS A 69 -25.02 -18.65 0.76
CA LYS A 69 -25.25 -17.29 0.32
C LYS A 69 -24.48 -16.28 1.19
N THR A 70 -24.31 -16.58 2.49
CA THR A 70 -23.55 -15.71 3.41
C THR A 70 -22.11 -15.58 2.94
N LEU A 71 -21.49 -16.69 2.53
CA LEU A 71 -20.14 -16.74 2.00
C LEU A 71 -19.99 -15.86 0.72
N GLU A 72 -21.01 -15.89 -0.15
CA GLU A 72 -20.98 -15.09 -1.37
C GLU A 72 -21.14 -13.60 -1.05
N ILE A 73 -21.98 -13.25 -0.07
CA ILE A 73 -22.15 -11.85 0.33
C ILE A 73 -20.81 -11.32 0.90
N VAL A 74 -20.13 -12.13 1.75
CA VAL A 74 -18.83 -11.80 2.34
C VAL A 74 -17.78 -11.56 1.23
N LYS A 75 -17.75 -12.43 0.20
CA LYS A 75 -16.87 -12.26 -0.95
C LYS A 75 -17.08 -10.92 -1.65
N ARG A 76 -18.33 -10.55 -1.87
CA ARG A 76 -18.65 -9.31 -2.59
C ARG A 76 -18.44 -8.06 -1.75
N LEU A 77 -18.68 -8.15 -0.43
CA LEU A 77 -18.41 -7.02 0.47
C LEU A 77 -16.92 -6.83 0.56
N ASN A 78 -16.14 -7.92 0.65
CA ASN A 78 -14.68 -7.83 0.72
C ASN A 78 -14.11 -7.21 -0.59
N ARG A 79 -14.71 -7.56 -1.73
CA ARG A 79 -14.33 -7.01 -3.04
C ARG A 79 -14.57 -5.50 -3.07
N VAL A 80 -15.70 -5.02 -2.52
CA VAL A 80 -15.99 -3.59 -2.43
C VAL A 80 -14.94 -2.87 -1.57
N VAL A 81 -14.46 -3.54 -0.48
CA VAL A 81 -13.41 -2.98 0.39
C VAL A 81 -12.12 -2.78 -0.43
N LEU A 82 -11.74 -3.79 -1.23
CA LEU A 82 -10.56 -3.69 -2.09
C LEU A 82 -10.69 -2.56 -3.11
N ILE A 83 -11.88 -2.38 -3.70
CA ILE A 83 -12.11 -1.33 -4.68
C ILE A 83 -12.04 0.06 -4.01
N LEU A 84 -12.61 0.20 -2.81
CA LEU A 84 -12.59 1.45 -2.07
C LEU A 84 -11.17 1.83 -1.69
N LYS A 85 -10.33 0.85 -1.31
CA LYS A 85 -8.92 1.08 -1.00
C LYS A 85 -8.20 1.61 -2.24
N LEU A 86 -8.51 1.05 -3.41
CA LEU A 86 -7.93 1.49 -4.67
C LEU A 86 -8.41 2.92 -5.00
N LEU A 87 -9.66 3.23 -4.75
CA LEU A 87 -10.21 4.57 -5.01
C LEU A 87 -9.59 5.63 -4.08
N VAL A 88 -9.29 5.27 -2.81
CA VAL A 88 -8.61 6.20 -1.90
C VAL A 88 -7.19 6.49 -2.45
N ASP A 89 -6.52 5.47 -3.03
CA ASP A 89 -5.19 5.62 -3.62
C ASP A 89 -5.18 6.40 -4.95
N GLN A 90 -6.34 6.64 -5.57
CA GLN A 90 -6.41 7.44 -6.78
C GLN A 90 -6.26 8.94 -6.51
N VAL A 91 -6.54 9.39 -5.27
CA VAL A 91 -6.42 10.81 -4.89
C VAL A 91 -4.99 11.35 -5.07
N PRO A 92 -3.93 10.72 -4.54
CA PRO A 92 -2.57 11.25 -4.78
C PRO A 92 -2.18 11.38 -6.25
N ILE A 93 -2.78 10.59 -7.15
CA ILE A 93 -2.47 10.68 -8.59
C ILE A 93 -2.99 12.02 -9.13
N LEU A 94 -4.22 12.43 -8.76
CA LEU A 94 -4.75 13.72 -9.21
C LEU A 94 -4.02 14.89 -8.50
N GLU A 95 -3.58 14.70 -7.23
CA GLU A 95 -2.82 15.75 -6.49
C GLU A 95 -1.47 16.13 -7.17
N THR A 96 -1.08 15.37 -8.16
CA THR A 96 0.11 15.56 -8.96
C THR A 96 -0.10 16.76 -9.97
N MET A 97 -1.37 17.18 -10.19
CA MET A 97 -1.72 18.33 -11.01
C MET A 97 -1.60 19.58 -10.15
N THR A 98 -0.91 20.63 -10.65
CA THR A 98 -0.73 21.85 -9.87
C THR A 98 -2.01 22.72 -9.83
N PRO A 99 -2.20 23.49 -8.75
CA PRO A 99 -3.35 24.39 -8.69
C PRO A 99 -3.46 25.38 -9.86
N LEU A 100 -2.32 25.93 -10.35
CA LEU A 100 -2.29 26.86 -11.49
C LEU A 100 -2.71 26.19 -12.80
N ASP A 101 -2.37 24.90 -12.97
CA ASP A 101 -2.80 24.16 -14.15
C ASP A 101 -4.28 23.91 -14.09
N PHE A 102 -4.80 23.54 -12.91
CA PHE A 102 -6.24 23.34 -12.74
C PHE A 102 -7.00 24.65 -13.00
N MET A 103 -6.47 25.78 -12.51
CA MET A 103 -7.06 27.11 -12.69
C MET A 103 -7.20 27.48 -14.18
N ASP A 104 -6.27 27.02 -15.03
CA ASP A 104 -6.30 27.27 -16.47
C ASP A 104 -7.38 26.50 -17.25
N PHE A 105 -8.03 25.49 -16.65
CA PHE A 105 -9.09 24.77 -17.36
C PHE A 105 -10.41 24.67 -16.57
N ARG A 106 -10.45 25.15 -15.30
CA ARG A 106 -11.69 25.05 -14.53
C ARG A 106 -12.83 25.95 -15.06
N LYS A 107 -12.54 26.89 -15.98
CA LYS A 107 -13.58 27.73 -16.61
C LYS A 107 -14.55 26.88 -17.44
N TYR A 108 -14.09 25.75 -17.97
CA TYR A 108 -14.94 24.87 -18.78
C TYR A 108 -15.82 23.92 -17.92
N LEU A 109 -15.73 24.00 -16.58
CA LEU A 109 -16.43 23.13 -15.64
C LEU A 109 -17.57 23.90 -14.97
N ALA A 110 -18.75 23.29 -14.86
CA ALA A 110 -19.92 23.94 -14.29
C ALA A 110 -20.40 23.20 -13.05
N PRO A 111 -20.92 23.94 -12.05
CA PRO A 111 -21.43 23.29 -10.83
C PRO A 111 -22.73 22.51 -11.04
N PHE A 115 -26.44 16.94 -6.41
CA PHE A 115 -25.31 16.06 -6.16
C PHE A 115 -24.22 16.19 -7.24
N GLN A 116 -22.95 15.88 -6.89
CA GLN A 116 -21.88 15.99 -7.86
C GLN A 116 -21.86 14.83 -8.87
N SER A 117 -21.85 13.58 -8.37
CA SER A 117 -21.83 12.36 -9.16
C SER A 117 -23.10 11.55 -8.90
N LEU A 118 -23.78 11.14 -9.96
CA LEU A 118 -25.00 10.34 -9.82
C LEU A 118 -24.67 9.00 -9.13
N GLN A 119 -23.63 8.29 -9.61
CA GLN A 119 -23.25 7.00 -9.07
C GLN A 119 -22.78 7.06 -7.65
N PHE A 120 -22.07 8.12 -7.26
CA PHE A 120 -21.61 8.27 -5.87
C PHE A 120 -22.81 8.40 -4.94
N ARG A 121 -23.84 9.17 -5.36
CA ARG A 121 -25.08 9.34 -4.59
C ARG A 121 -25.83 8.03 -4.51
N LEU A 122 -25.88 7.27 -5.60
CA LEU A 122 -26.51 5.94 -5.61
C LEU A 122 -25.83 5.01 -4.63
N ILE A 123 -24.51 5.06 -4.51
CA ILE A 123 -23.76 4.23 -3.57
C ILE A 123 -24.15 4.60 -2.12
N GLU A 124 -24.18 5.92 -1.84
CA GLU A 124 -24.57 6.44 -0.52
C GLU A 124 -25.96 5.97 -0.15
N ASN A 125 -26.94 6.13 -1.05
CA ASN A 125 -28.32 5.72 -0.78
C ASN A 125 -28.45 4.21 -0.64
N LYS A 126 -27.82 3.43 -1.53
CA LYS A 126 -27.88 1.98 -1.46
C LYS A 126 -27.22 1.41 -0.21
N LEU A 127 -26.19 2.09 0.32
CA LEU A 127 -25.54 1.65 1.55
C LEU A 127 -26.43 1.99 2.74
N GLY A 128 -26.99 3.21 2.75
CA GLY A 128 -27.90 3.62 3.79
C GLY A 128 -27.63 4.98 4.38
N VAL A 129 -26.95 5.86 3.64
CA VAL A 129 -26.68 7.22 4.12
C VAL A 129 -28.04 7.95 4.24
N LEU A 130 -28.34 8.45 5.45
CA LEU A 130 -29.62 9.06 5.77
C LEU A 130 -29.94 10.36 5.03
N THR A 131 -31.14 10.39 4.41
CA THR A 131 -31.68 11.56 3.71
C THR A 131 -32.00 12.70 4.70
N GLU A 132 -32.40 12.35 5.94
CA GLU A 132 -32.66 13.34 6.98
C GLU A 132 -31.37 13.84 7.67
N GLN A 133 -30.28 13.07 7.59
CA GLN A 133 -29.00 13.47 8.20
C GLN A 133 -28.02 14.04 7.16
N ASP A 147 -32.71 14.68 -16.66
CA ASP A 147 -32.61 13.31 -17.15
C ASP A 147 -33.52 12.41 -16.31
N GLU A 148 -34.57 11.87 -16.93
CA GLU A 148 -35.56 11.01 -16.29
C GLU A 148 -34.99 9.70 -15.74
N GLU A 149 -33.98 9.15 -16.41
CA GLU A 149 -33.37 7.90 -15.97
C GLU A 149 -32.58 8.11 -14.67
N ALA A 150 -31.96 9.29 -14.51
CA ALA A 150 -31.20 9.64 -13.32
C ALA A 150 -32.15 9.87 -12.15
N ARG A 151 -33.28 10.56 -12.39
CA ARG A 151 -34.27 10.82 -11.35
C ARG A 151 -34.85 9.53 -10.81
N ASN A 152 -35.11 8.60 -11.72
CA ASN A 152 -35.63 7.27 -11.43
C ASN A 152 -34.67 6.48 -10.55
N SER A 153 -33.37 6.52 -10.90
CA SER A 153 -32.35 5.81 -10.15
C SER A 153 -32.28 6.33 -8.72
N ILE A 154 -32.33 7.68 -8.54
CA ILE A 154 -32.29 8.30 -7.23
C ILE A 154 -33.49 7.88 -6.40
N ARG A 155 -34.70 7.95 -7.00
CA ARG A 155 -35.94 7.55 -6.33
C ARG A 155 -35.88 6.10 -5.89
N ASN A 156 -35.48 5.18 -6.79
CA ASN A 156 -35.39 3.76 -6.46
C ASN A 156 -34.38 3.50 -5.37
N SER A 157 -33.26 4.23 -5.36
CA SER A 157 -32.24 4.06 -4.32
C SER A 157 -32.74 4.55 -2.94
N GLU A 158 -33.69 5.49 -2.91
CA GLU A 158 -34.28 5.99 -1.68
C GLU A 158 -35.46 5.13 -1.19
N LYS A 159 -36.26 4.58 -2.12
CA LYS A 159 -37.45 3.80 -1.76
C LYS A 159 -37.14 2.34 -1.51
N ASP A 160 -36.28 1.74 -2.33
CA ASP A 160 -35.93 0.33 -2.15
C ASP A 160 -35.08 0.13 -0.90
N PRO A 161 -35.19 -1.02 -0.21
CA PRO A 161 -34.39 -1.22 1.00
C PRO A 161 -32.88 -1.06 0.80
N SER A 162 -32.25 -0.25 1.65
CA SER A 162 -30.81 -0.07 1.62
C SER A 162 -30.10 -1.26 2.34
N LEU A 163 -28.77 -1.34 2.27
CA LEU A 163 -28.02 -2.39 2.97
C LEU A 163 -28.20 -2.24 4.48
N LEU A 164 -28.27 -1.00 4.99
CA LEU A 164 -28.55 -0.71 6.40
C LEU A 164 -29.84 -1.41 6.88
N GLU A 165 -30.93 -1.27 6.12
CA GLU A 165 -32.23 -1.86 6.44
C GLU A 165 -32.22 -3.37 6.31
N LEU A 166 -31.66 -3.90 5.21
CA LEU A 166 -31.60 -5.36 4.98
C LEU A 166 -30.70 -6.09 5.97
N VAL A 167 -29.61 -5.46 6.40
CA VAL A 167 -28.74 -6.03 7.42
C VAL A 167 -29.49 -6.08 8.77
N GLN A 168 -30.30 -5.06 9.06
CA GLN A 168 -31.09 -5.01 10.29
C GLN A 168 -32.10 -6.14 10.32
N ARG A 169 -32.78 -6.39 9.19
CA ARG A 169 -33.73 -7.49 9.10
C ARG A 169 -33.06 -8.83 9.32
N TRP A 170 -31.85 -9.00 8.75
CA TRP A 170 -31.05 -10.20 8.90
C TRP A 170 -30.63 -10.41 10.36
N LEU A 171 -30.15 -9.33 11.02
CA LEU A 171 -29.72 -9.34 12.42
C LEU A 171 -30.89 -9.66 13.36
N GLU A 172 -32.09 -9.17 13.05
CA GLU A 172 -33.30 -9.43 13.84
C GLU A 172 -33.69 -10.91 13.86
N ARG A 173 -33.34 -11.66 12.81
CA ARG A 173 -33.65 -13.07 12.72
C ARG A 173 -32.47 -13.96 13.14
N THR A 174 -31.50 -13.41 13.91
CA THR A 174 -30.33 -14.15 14.37
C THR A 174 -30.77 -15.31 15.27
N PRO A 175 -30.39 -16.55 14.93
CA PRO A 175 -30.74 -17.68 15.80
C PRO A 175 -29.93 -17.60 17.09
N GLY A 176 -30.65 -17.68 18.19
CA GLY A 176 -30.10 -17.53 19.52
C GLY A 176 -30.85 -16.50 20.34
N LEU A 177 -31.56 -15.58 19.69
CA LEU A 177 -32.32 -14.52 20.34
C LEU A 177 -33.69 -14.95 20.82
N GLU A 178 -34.29 -15.98 20.18
CA GLU A 178 -35.65 -16.41 20.55
C GLU A 178 -35.76 -16.94 21.97
N GLU A 179 -36.78 -16.44 22.69
CA GLU A 179 -37.06 -16.81 24.08
C GLU A 179 -37.28 -18.31 24.26
N SER A 180 -37.90 -18.97 23.28
CA SER A 180 -38.14 -20.41 23.34
C SER A 180 -36.87 -21.25 23.18
N GLY A 181 -35.85 -20.68 22.52
CA GLY A 181 -34.59 -21.37 22.27
C GLY A 181 -33.47 -20.95 23.19
N PHE A 182 -32.35 -20.48 22.61
CA PHE A 182 -31.17 -20.09 23.38
C PHE A 182 -31.43 -18.92 24.31
N ASN A 183 -32.36 -18.01 23.93
CA ASN A 183 -32.78 -16.86 24.75
C ASN A 183 -31.57 -16.05 25.25
N PHE A 184 -30.68 -15.69 24.32
CA PHE A 184 -29.44 -14.96 24.63
C PHE A 184 -29.64 -13.70 25.47
N TRP A 185 -30.56 -12.82 25.07
CA TRP A 185 -30.75 -11.53 25.74
C TRP A 185 -31.01 -11.66 27.25
N ALA A 186 -31.88 -12.60 27.68
CA ALA A 186 -32.15 -12.82 29.10
C ALA A 186 -30.93 -13.37 29.82
N LYS A 187 -30.24 -14.35 29.20
CA LYS A 187 -29.03 -14.92 29.81
C LYS A 187 -27.94 -13.84 29.97
N PHE A 188 -27.84 -12.92 29.00
CA PHE A 188 -26.87 -11.82 28.96
C PHE A 188 -27.17 -10.82 30.07
N GLN A 189 -28.43 -10.39 30.29
CA GLN A 189 -28.75 -9.48 31.40
C GLN A 189 -28.42 -10.14 32.76
N GLU A 190 -28.71 -11.42 32.87
CA GLU A 190 -28.44 -12.23 34.05
C GLU A 190 -26.93 -12.30 34.32
N SER A 191 -26.11 -12.54 33.28
CA SER A 191 -24.65 -12.61 33.42
C SER A 191 -24.08 -11.26 33.78
N VAL A 192 -24.65 -10.16 33.23
CA VAL A 192 -24.16 -8.81 33.53
C VAL A 192 -24.36 -8.52 35.02
N ASP A 193 -25.57 -8.82 35.54
CA ASP A 193 -25.89 -8.63 36.97
C ASP A 193 -24.90 -9.38 37.86
N ARG A 194 -24.65 -10.65 37.54
CA ARG A 194 -23.71 -11.54 38.23
CA ARG A 194 -23.71 -11.48 38.28
C ARG A 194 -22.28 -10.94 38.20
N PHE A 195 -21.84 -10.49 37.00
CA PHE A 195 -20.51 -9.92 36.78
C PHE A 195 -20.30 -8.62 37.54
N LEU A 196 -21.26 -7.70 37.46
CA LEU A 196 -21.18 -6.42 38.16
C LEU A 196 -21.24 -6.60 39.69
N GLU A 197 -21.99 -7.60 40.16
CA GLU A 197 -22.05 -7.94 41.59
C GLU A 197 -20.69 -8.41 42.06
N ALA A 198 -20.00 -9.27 41.27
CA ALA A 198 -18.67 -9.74 41.63
C ALA A 198 -17.65 -8.60 41.61
N GLN A 199 -17.82 -7.62 40.70
CA GLN A 199 -16.94 -6.46 40.63
C GLN A 199 -17.10 -5.60 41.87
N VAL A 200 -18.34 -5.40 42.33
CA VAL A 200 -18.64 -4.63 43.53
C VAL A 200 -17.96 -5.26 44.75
N GLN A 201 -18.11 -6.59 44.92
CA GLN A 201 -17.50 -7.26 46.05
C GLN A 201 -15.97 -7.17 46.03
N SER A 202 -15.37 -7.22 44.85
CA SER A 202 -13.91 -7.11 44.71
C SER A 202 -13.45 -5.68 45.01
N ALA A 203 -14.22 -4.68 44.56
CA ALA A 203 -13.93 -3.27 44.80
C ALA A 203 -14.09 -2.92 46.29
N MET A 204 -15.04 -3.58 46.98
CA MET A 204 -15.26 -3.39 48.42
C MET A 204 -14.06 -3.85 49.25
N GLU A 205 -13.30 -4.83 48.75
CA GLU A 205 -12.11 -5.32 49.44
C GLU A 205 -10.82 -4.59 49.05
N GLU A 206 -10.93 -3.47 48.34
CA GLU A 206 -9.75 -2.69 47.94
C GLU A 206 -9.21 -1.99 49.17
N PRO A 207 -7.92 -2.21 49.51
CA PRO A 207 -7.37 -1.57 50.72
C PRO A 207 -7.34 -0.04 50.66
N VAL A 208 -6.93 0.52 49.52
CA VAL A 208 -6.86 1.97 49.34
C VAL A 208 -8.27 2.51 49.09
N GLU A 209 -8.67 3.55 49.83
CA GLU A 209 -10.00 4.14 49.68
C GLU A 209 -10.22 4.76 48.29
N LYS A 210 -9.18 5.43 47.74
CA LYS A 210 -9.23 6.09 46.43
C LYS A 210 -9.49 5.09 45.29
N ALA A 211 -8.83 3.92 45.34
CA ALA A 211 -8.99 2.86 44.35
C ALA A 211 -10.37 2.19 44.44
N LYS A 212 -10.89 2.08 45.67
CA LYS A 212 -12.20 1.50 45.93
C LYS A 212 -13.26 2.43 45.33
N ASN A 213 -13.13 3.74 45.54
CA ASN A 213 -14.09 4.71 45.03
C ASN A 213 -14.03 4.82 43.50
N TYR A 214 -12.84 4.67 42.90
CA TYR A 214 -12.69 4.71 41.45
C TYR A 214 -13.40 3.52 40.83
N ARG A 215 -13.16 2.31 41.38
CA ARG A 215 -13.81 1.11 40.86
C ARG A 215 -15.32 1.16 41.02
N LEU A 216 -15.83 1.68 42.16
CA LEU A 216 -17.26 1.79 42.40
C LEU A 216 -17.92 2.78 41.44
N MET A 217 -17.23 3.92 41.15
CA MET A 217 -17.72 4.92 40.18
C MET A 217 -17.74 4.30 38.77
N ASP A 218 -16.76 3.45 38.46
CA ASP A 218 -16.63 2.79 37.19
C ASP A 218 -17.73 1.76 37.00
N ILE A 219 -18.09 1.00 38.05
CA ILE A 219 -19.20 0.02 38.01
C ILE A 219 -20.54 0.75 37.73
N GLU A 220 -20.70 1.94 38.32
CA GLU A 220 -21.88 2.79 38.11
C GLU A 220 -21.97 3.24 36.64
N LYS A 221 -20.81 3.50 35.99
CA LYS A 221 -20.78 3.86 34.57
C LYS A 221 -21.16 2.65 33.70
N ARG A 222 -20.73 1.44 34.09
CA ARG A 222 -21.12 0.21 33.41
C ARG A 222 -22.63 0.02 33.51
N ARG A 223 -23.22 0.28 34.71
CA ARG A 223 -24.68 0.19 34.91
C ARG A 223 -25.44 1.08 33.93
N GLU A 224 -24.95 2.32 33.71
CA GLU A 224 -25.58 3.23 32.76
C GLU A 224 -25.45 2.70 31.31
N VAL A 225 -24.29 2.12 30.96
CA VAL A 225 -24.04 1.52 29.65
C VAL A 225 -25.06 0.40 29.39
N TYR A 226 -25.24 -0.49 30.38
CA TYR A 226 -26.16 -1.61 30.23
C TYR A 226 -27.61 -1.18 30.25
N ARG A 227 -27.93 -0.11 30.95
CA ARG A 227 -29.27 0.45 30.97
C ARG A 227 -29.65 0.94 29.56
N SER A 228 -28.67 1.50 28.81
CA SER A 228 -28.87 1.98 27.43
C SER A 228 -29.26 0.89 26.44
N ILE A 229 -29.00 -0.41 26.77
CA ILE A 229 -29.38 -1.52 25.91
C ILE A 229 -30.47 -2.42 26.54
N PHE A 230 -30.49 -2.54 27.87
CA PHE A 230 -31.49 -3.40 28.52
C PHE A 230 -32.84 -2.70 28.74
N ASP A 231 -32.89 -1.36 28.60
CA ASP A 231 -34.15 -0.63 28.68
C ASP A 231 -34.46 -0.19 27.24
N PRO A 232 -35.48 -0.79 26.61
CA PRO A 232 -35.79 -0.44 25.22
C PRO A 232 -36.17 1.02 25.01
N ALA A 233 -36.73 1.70 26.03
CA ALA A 233 -37.08 3.11 25.93
C ALA A 233 -35.84 4.00 25.82
N VAL A 234 -34.76 3.64 26.53
CA VAL A 234 -33.50 4.38 26.44
C VAL A 234 -32.89 4.20 25.04
N HIS A 235 -32.96 2.97 24.51
CA HIS A 235 -32.46 2.68 23.15
C HIS A 235 -33.26 3.50 22.13
N ASP A 236 -34.61 3.50 22.23
CA ASP A 236 -35.49 4.24 21.34
C ASP A 236 -35.19 5.74 21.29
N ALA A 237 -34.89 6.33 22.45
CA ALA A 237 -34.54 7.74 22.58
C ALA A 237 -33.24 8.04 21.86
N LEU A 238 -32.26 7.14 21.98
CA LEU A 238 -30.96 7.30 21.29
C LEU A 238 -31.11 7.24 19.78
N VAL A 239 -32.06 6.41 19.28
CA VAL A 239 -32.33 6.27 17.85
C VAL A 239 -32.95 7.56 17.31
N ARG A 240 -33.91 8.13 18.06
CA ARG A 240 -34.57 9.38 17.69
C ARG A 240 -33.56 10.53 17.64
N ARG A 241 -32.65 10.57 18.63
CA ARG A 241 -31.59 11.59 18.71
C ARG A 241 -30.52 11.46 17.59
N GLY A 242 -30.46 10.31 16.93
CA GLY A 242 -29.48 10.06 15.88
C GLY A 242 -28.20 9.40 16.36
N ASP A 243 -28.11 9.09 17.67
CA ASP A 243 -26.96 8.39 18.26
C ASP A 243 -26.89 6.92 17.83
N ARG A 244 -28.05 6.32 17.57
CA ARG A 244 -28.17 4.95 17.08
C ARG A 244 -29.10 4.92 15.85
N ARG A 245 -28.97 3.89 15.03
CA ARG A 245 -29.80 3.69 13.84
C ARG A 245 -30.55 2.38 13.88
N PHE A 246 -29.93 1.36 14.49
CA PHE A 246 -30.46 0.00 14.55
C PHE A 246 -31.70 -0.10 15.39
N SER A 247 -32.58 -1.04 15.02
CA SER A 247 -33.72 -1.37 15.85
C SER A 247 -33.17 -2.09 17.09
N HIS A 248 -33.93 -2.13 18.19
CA HIS A 248 -33.47 -2.80 19.41
C HIS A 248 -33.06 -4.26 19.15
N ARG A 249 -33.88 -5.01 18.39
CA ARG A 249 -33.58 -6.42 18.08
C ARG A 249 -32.38 -6.61 17.12
N ALA A 250 -32.13 -5.67 16.20
CA ALA A 250 -30.96 -5.76 15.32
C ALA A 250 -29.69 -5.58 16.16
N LEU A 251 -29.72 -4.66 17.13
CA LEU A 251 -28.61 -4.43 18.04
C LEU A 251 -28.34 -5.67 18.92
N GLN A 252 -29.39 -6.37 19.39
CA GLN A 252 -29.23 -7.59 20.18
C GLN A 252 -28.53 -8.66 19.35
N GLY A 253 -28.95 -8.80 18.08
CA GLY A 253 -28.33 -9.74 17.16
C GLY A 253 -26.87 -9.41 16.88
N ALA A 254 -26.55 -8.13 16.66
CA ALA A 254 -25.19 -7.68 16.38
C ALA A 254 -24.29 -7.91 17.59
N ILE A 255 -24.81 -7.63 18.81
CA ILE A 255 -24.07 -7.87 20.05
C ILE A 255 -23.78 -9.37 20.19
N MET A 256 -24.80 -10.20 19.96
CA MET A 256 -24.62 -11.66 20.07
C MET A 256 -23.53 -12.18 19.13
N ILE A 257 -23.54 -11.69 17.88
CA ILE A 257 -22.53 -12.07 16.90
C ILE A 257 -21.12 -11.71 17.37
N THR A 258 -20.92 -10.49 17.95
CA THR A 258 -19.58 -10.13 18.44
C THR A 258 -19.12 -10.99 19.62
N PHE A 259 -20.06 -11.45 20.43
CA PHE A 259 -19.74 -12.27 21.60
C PHE A 259 -19.20 -13.65 21.23
N TYR A 260 -19.77 -14.24 20.18
CA TYR A 260 -19.40 -15.59 19.75
C TYR A 260 -18.65 -15.66 18.42
N ARG A 261 -17.96 -14.57 18.02
CA ARG A 261 -17.23 -14.50 16.74
C ARG A 261 -16.22 -15.64 16.53
N ASP A 262 -15.63 -16.19 17.59
CA ASP A 262 -14.69 -17.31 17.47
C ASP A 262 -15.38 -18.64 17.13
N GLU A 263 -16.69 -18.73 17.32
CA GLU A 263 -17.46 -19.92 17.03
C GLU A 263 -17.75 -20.05 15.54
N PRO A 264 -17.55 -21.25 14.98
CA PRO A 264 -17.81 -21.45 13.54
C PRO A 264 -19.16 -20.94 13.03
N ARG A 265 -20.22 -21.08 13.84
CA ARG A 265 -21.56 -20.66 13.48
C ARG A 265 -21.70 -19.13 13.33
N PHE A 266 -20.89 -18.36 14.03
CA PHE A 266 -20.97 -16.91 14.00
C PHE A 266 -19.80 -16.23 13.30
N SER A 267 -18.79 -16.97 12.81
CA SER A 267 -17.61 -16.36 12.21
C SER A 267 -17.91 -15.61 10.91
N GLN A 268 -18.67 -16.21 10.00
CA GLN A 268 -19.04 -15.54 8.75
C GLN A 268 -20.03 -14.38 9.00
N PRO A 269 -21.08 -14.53 9.84
CA PRO A 269 -21.91 -13.35 10.18
C PRO A 269 -21.08 -12.20 10.74
N HIS A 270 -20.05 -12.50 11.55
CA HIS A 270 -19.18 -11.47 12.14
C HIS A 270 -18.32 -10.80 11.07
N GLN A 271 -17.76 -11.61 10.14
CA GLN A 271 -16.97 -11.08 9.04
C GLN A 271 -17.83 -10.14 8.17
N LEU A 272 -19.11 -10.46 7.99
CA LEU A 272 -20.05 -9.63 7.25
C LEU A 272 -20.17 -8.24 7.95
N LEU A 273 -20.33 -8.21 9.29
CA LEU A 273 -20.40 -6.94 10.02
C LEU A 273 -19.11 -6.14 9.92
N THR A 274 -17.95 -6.83 10.08
CA THR A 274 -16.62 -6.24 10.00
C THR A 274 -16.44 -5.54 8.65
N LEU A 275 -16.82 -6.20 7.56
CA LEU A 275 -16.71 -5.64 6.21
C LEU A 275 -17.60 -4.45 5.98
N LEU A 276 -18.80 -4.41 6.59
CA LEU A 276 -19.70 -3.26 6.52
C LEU A 276 -19.06 -2.04 7.20
N MET A 277 -18.36 -2.27 8.33
CA MET A 277 -17.65 -1.20 9.04
C MET A 277 -16.47 -0.73 8.21
N ASP A 278 -15.76 -1.67 7.55
CA ASP A 278 -14.61 -1.35 6.70
C ASP A 278 -15.02 -0.48 5.54
N ILE A 279 -16.17 -0.76 4.93
CA ILE A 279 -16.71 0.01 3.82
C ILE A 279 -17.05 1.42 4.29
N ASP A 280 -17.74 1.53 5.44
CA ASP A 280 -18.14 2.80 6.05
C ASP A 280 -16.92 3.66 6.32
N SER A 281 -15.88 3.07 6.91
CA SER A 281 -14.62 3.69 7.27
C SER A 281 -13.85 4.15 6.03
N LEU A 282 -13.83 3.33 4.98
CA LEU A 282 -13.14 3.65 3.72
C LEU A 282 -13.83 4.78 2.98
N ILE A 283 -15.16 4.89 3.07
CA ILE A 283 -15.86 6.00 2.44
C ILE A 283 -15.48 7.32 3.14
N THR A 284 -15.36 7.30 4.47
CA THR A 284 -14.92 8.46 5.25
C THR A 284 -13.48 8.82 4.88
N LYS A 285 -12.60 7.82 4.74
CA LYS A 285 -11.21 8.06 4.31
C LYS A 285 -11.17 8.67 2.91
N TRP A 286 -12.07 8.26 2.00
CA TRP A 286 -12.14 8.87 0.67
C TRP A 286 -12.56 10.34 0.82
N ARG A 287 -13.61 10.61 1.63
CA ARG A 287 -14.11 11.95 1.86
C ARG A 287 -13.00 12.86 2.40
N TYR A 288 -12.21 12.35 3.34
CA TYR A 288 -11.14 13.14 3.94
C TYR A 288 -10.04 13.44 2.91
N ASN A 289 -9.62 12.42 2.16
CA ASN A 289 -8.59 12.61 1.15
C ASN A 289 -9.03 13.55 0.04
N HIS A 290 -10.30 13.50 -0.33
CA HIS A 290 -10.89 14.37 -1.33
C HIS A 290 -10.92 15.83 -0.81
N VAL A 291 -11.37 16.08 0.43
CA VAL A 291 -11.40 17.44 0.96
C VAL A 291 -9.96 18.02 1.11
N ILE A 292 -8.95 17.20 1.43
CA ILE A 292 -7.57 17.69 1.52
C ILE A 292 -7.09 18.10 0.12
N MET A 293 -7.38 17.26 -0.90
CA MET A 293 -7.01 17.54 -2.31
C MET A 293 -7.70 18.84 -2.77
N VAL A 294 -8.99 19.01 -2.45
CA VAL A 294 -9.78 20.19 -2.81
C VAL A 294 -9.11 21.45 -2.25
N GLN A 295 -8.72 21.40 -0.97
CA GLN A 295 -8.05 22.52 -0.33
C GLN A 295 -6.66 22.79 -0.92
N ARG A 296 -5.92 21.73 -1.32
CA ARG A 296 -4.62 21.90 -1.97
C ARG A 296 -4.79 22.59 -3.34
N MET A 297 -5.91 22.31 -4.05
CA MET A 297 -6.20 22.86 -5.37
C MET A 297 -6.76 24.27 -5.38
N ILE A 298 -7.79 24.54 -4.55
CA ILE A 298 -8.47 25.85 -4.56
C ILE A 298 -8.65 26.50 -3.18
N GLY A 299 -7.97 25.98 -2.17
CA GLY A 299 -8.12 26.47 -0.80
C GLY A 299 -9.53 26.25 -0.27
N SER A 300 -9.94 27.06 0.69
CA SER A 300 -11.31 26.99 1.22
C SER A 300 -12.32 27.68 0.26
N GLN A 301 -11.83 28.60 -0.59
CA GLN A 301 -12.64 29.33 -1.56
C GLN A 301 -11.75 29.91 -2.67
N GLN A 302 -12.30 30.09 -3.85
CA GLN A 302 -11.57 30.62 -4.98
C GLN A 302 -12.51 31.40 -5.91
N LEU A 303 -11.95 32.06 -6.93
CA LEU A 303 -12.75 32.79 -7.91
C LEU A 303 -13.63 31.76 -8.65
N GLY A 304 -14.93 31.96 -8.61
CA GLY A 304 -15.90 31.04 -9.21
C GLY A 304 -16.56 30.10 -8.22
N THR A 305 -16.16 30.14 -6.94
CA THR A 305 -16.78 29.27 -5.94
C THR A 305 -17.94 29.97 -5.16
N GLY A 306 -17.96 31.31 -5.17
CA GLY A 306 -18.96 32.10 -4.46
C GLY A 306 -18.83 31.97 -2.96
N GLY A 307 -17.61 31.88 -2.48
CA GLY A 307 -17.35 31.71 -1.05
C GLY A 307 -16.91 30.29 -0.68
N SER A 308 -16.89 30.00 0.61
CA SER A 308 -16.42 28.72 1.13
C SER A 308 -17.51 27.67 1.42
N SER A 309 -18.74 27.85 0.91
CA SER A 309 -19.85 26.92 1.17
C SER A 309 -19.59 25.50 0.69
N GLY A 310 -18.94 25.37 -0.46
CA GLY A 310 -18.62 24.07 -1.04
C GLY A 310 -17.63 23.31 -0.18
N TYR A 311 -16.58 24.01 0.28
CA TYR A 311 -15.55 23.46 1.16
C TYR A 311 -16.14 23.10 2.54
N GLN A 312 -17.01 23.97 3.08
CA GLN A 312 -17.64 23.71 4.37
C GLN A 312 -18.61 22.54 4.29
N TYR A 313 -19.30 22.38 3.16
CA TYR A 313 -20.20 21.25 2.97
C TYR A 313 -19.41 19.94 3.02
N LEU A 314 -18.28 19.89 2.30
CA LEU A 314 -17.42 18.72 2.26
C LEU A 314 -16.90 18.36 3.66
N ARG A 315 -16.56 19.37 4.47
CA ARG A 315 -16.10 19.14 5.84
C ARG A 315 -17.22 18.57 6.73
N SER A 316 -18.47 18.97 6.48
CA SER A 316 -19.60 18.46 7.24
C SER A 316 -19.92 16.98 6.91
N THR A 317 -19.52 16.50 5.70
CA THR A 317 -19.68 15.10 5.31
C THR A 317 -18.74 14.17 6.09
N LEU A 318 -17.76 14.72 6.84
CA LEU A 318 -16.85 13.96 7.68
C LEU A 318 -17.45 13.59 9.07
N SER A 319 -18.66 14.06 9.37
CA SER A 319 -19.33 13.81 10.66
C SER A 319 -19.94 12.41 10.74
N ASP A 320 -20.26 11.97 11.97
CA ASP A 320 -20.90 10.68 12.23
C ASP A 320 -22.32 10.58 11.65
N ARG A 321 -22.95 11.71 11.31
CA ARG A 321 -24.25 11.73 10.64
C ARG A 321 -24.18 11.04 9.26
N TYR A 322 -22.98 10.98 8.65
CA TYR A 322 -22.75 10.36 7.35
C TYR A 322 -22.31 8.88 7.44
N LYS A 323 -21.88 8.41 8.63
CA LYS A 323 -21.54 6.99 8.82
C LYS A 323 -22.84 6.19 8.97
N VAL A 324 -22.99 5.13 8.19
CA VAL A 324 -24.18 4.30 8.16
C VAL A 324 -24.29 3.30 9.31
N PHE A 325 -23.21 2.60 9.60
CA PHE A 325 -23.18 1.53 10.61
C PHE A 325 -22.49 1.94 11.88
N LEU A 326 -22.76 3.15 12.34
CA LEU A 326 -22.26 3.76 13.58
C LEU A 326 -22.43 2.83 14.79
N ASP A 327 -23.55 2.07 14.83
CA ASP A 327 -23.88 1.11 15.87
C ASP A 327 -22.85 0.00 15.98
N LEU A 328 -22.34 -0.46 14.85
CA LEU A 328 -21.37 -1.54 14.82
C LEU A 328 -20.05 -1.13 15.44
N PHE A 329 -19.65 0.14 15.28
CA PHE A 329 -18.39 0.63 15.82
C PHE A 329 -18.34 0.66 17.36
N ASN A 330 -19.50 0.79 17.99
CA ASN A 330 -19.59 0.90 19.45
C ASN A 330 -19.85 -0.41 20.19
N LEU A 331 -20.10 -1.52 19.47
CA LEU A 331 -20.45 -2.82 20.07
C LEU A 331 -19.55 -3.30 21.23
N SER A 332 -18.24 -3.04 21.16
CA SER A 332 -17.31 -3.47 22.20
C SER A 332 -17.53 -2.79 23.56
N THR A 333 -18.30 -1.69 23.61
CA THR A 333 -18.65 -1.00 24.86
C THR A 333 -19.46 -1.96 25.78
N PHE A 334 -20.25 -2.87 25.19
CA PHE A 334 -21.14 -3.80 25.90
C PHE A 334 -20.50 -5.16 26.25
N LEU A 335 -19.28 -5.40 25.80
CA LEU A 335 -18.58 -6.66 26.05
C LEU A 335 -18.29 -6.93 27.54
N ILE A 336 -18.38 -8.22 27.90
CA ILE A 336 -18.06 -8.80 29.20
C ILE A 336 -17.00 -9.91 28.93
N PRO A 337 -16.15 -10.27 29.91
CA PRO A 337 -15.13 -11.33 29.64
C PRO A 337 -15.69 -12.69 29.26
N ARG A 338 -14.86 -13.53 28.59
CA ARG A 338 -15.25 -14.87 28.14
C ARG A 338 -15.91 -15.73 29.20
N GLU A 339 -15.37 -15.72 30.43
CA GLU A 339 -15.89 -16.52 31.53
C GLU A 339 -17.32 -16.08 31.93
N ALA A 340 -17.66 -14.80 31.73
CA ALA A 340 -18.99 -14.28 32.06
C ALA A 340 -20.00 -14.45 30.92
N ILE A 341 -19.57 -14.71 29.69
CA ILE A 341 -20.47 -14.88 28.54
C ILE A 341 -21.26 -16.20 28.64
N PRO A 342 -22.60 -16.16 28.44
CA PRO A 342 -23.38 -17.41 28.47
C PRO A 342 -22.87 -18.45 27.48
N PRO A 343 -22.51 -19.66 27.94
CA PRO A 343 -21.98 -20.67 27.02
C PRO A 343 -23.03 -21.18 26.03
N LEU A 344 -22.61 -21.46 24.79
CA LEU A 344 -23.52 -21.96 23.76
C LEU A 344 -24.01 -23.37 24.10
N ASP A 345 -25.34 -23.60 24.00
CA ASP A 345 -25.99 -24.88 24.30
C ASP A 345 -26.18 -25.77 23.06
N GLU A 346 -27.20 -25.50 22.22
CA GLU A 346 -27.59 -26.23 21.00
C GLU A 346 -27.81 -27.72 21.26
N LYS B 3 30.29 -5.70 14.38
CA LYS B 3 30.83 -6.09 13.08
C LYS B 3 29.87 -7.06 12.36
N ILE B 4 29.67 -8.31 12.85
CA ILE B 4 28.71 -9.22 12.21
C ILE B 4 27.26 -8.84 12.57
N TYR B 5 26.32 -9.16 11.67
CA TYR B 5 24.88 -8.88 11.74
C TYR B 5 24.27 -8.82 13.17
N GLY B 6 24.23 -9.94 13.88
CA GLY B 6 23.63 -10.05 15.20
C GLY B 6 24.26 -9.22 16.30
N GLU B 7 25.58 -9.00 16.19
CA GLU B 7 26.30 -8.20 17.16
C GLU B 7 26.11 -6.71 16.83
N TYR B 8 26.21 -6.36 15.55
CA TYR B 8 26.02 -5.01 15.07
C TYR B 8 24.63 -4.47 15.44
N LEU B 9 23.60 -5.29 15.25
CA LEU B 9 22.23 -4.91 15.56
C LEU B 9 21.84 -5.17 17.02
N MET B 10 22.77 -5.70 17.86
CA MET B 10 22.57 -6.01 19.27
C MET B 10 21.28 -6.82 19.50
N LEU B 11 21.11 -7.86 18.69
CA LEU B 11 19.92 -8.70 18.74
C LEU B 11 19.75 -9.44 20.06
N ASP B 12 20.87 -9.73 20.77
CA ASP B 12 20.77 -10.35 22.09
C ASP B 12 20.04 -9.43 23.09
N LYS B 13 20.18 -8.11 22.93
CA LYS B 13 19.49 -7.15 23.76
C LYS B 13 18.07 -6.88 23.21
N LEU B 14 17.96 -6.57 21.91
CA LEU B 14 16.67 -6.27 21.25
C LEU B 14 15.63 -7.38 21.37
N LEU B 15 16.06 -8.61 21.10
CA LEU B 15 15.20 -9.78 21.14
C LEU B 15 15.03 -10.39 22.54
N ASP B 16 15.47 -9.68 23.59
CA ASP B 16 15.29 -10.10 24.97
C ASP B 16 14.45 -9.06 25.75
N ALA B 17 13.65 -8.24 25.05
CA ALA B 17 12.81 -7.21 25.67
C ALA B 17 11.32 -7.50 25.54
N GLN B 18 10.94 -8.76 25.27
CA GLN B 18 9.53 -9.12 25.13
C GLN B 18 9.13 -10.00 26.31
N CYS B 19 8.35 -9.43 27.23
CA CYS B 19 7.93 -10.14 28.44
C CYS B 19 6.42 -10.16 28.51
N MET B 20 5.81 -11.30 28.20
CA MET B 20 4.36 -11.44 28.26
C MET B 20 3.97 -11.66 29.70
N LEU B 21 3.24 -10.73 30.30
CA LEU B 21 2.80 -10.82 31.68
C LEU B 21 1.73 -11.88 31.90
N SER B 22 0.93 -12.19 30.85
CA SER B 22 -0.07 -13.25 30.94
C SER B 22 0.62 -14.64 30.96
N GLU B 23 1.79 -14.77 30.36
CA GLU B 23 2.57 -16.01 30.35
C GLU B 23 3.25 -16.18 31.72
N GLU B 24 3.77 -15.08 32.29
CA GLU B 24 4.41 -15.04 33.61
C GLU B 24 3.42 -15.47 34.71
N ASP B 25 2.14 -15.04 34.57
CA ASP B 25 1.08 -15.38 35.49
C ASP B 25 0.42 -16.74 35.22
N LYS B 26 0.95 -17.54 34.27
CA LYS B 26 0.49 -18.87 33.88
C LYS B 26 -0.90 -18.90 33.24
N ARG B 27 -1.39 -17.74 32.76
CA ARG B 27 -2.67 -17.62 32.05
C ARG B 27 -2.32 -16.97 30.69
N PRO B 28 -1.71 -17.70 29.72
CA PRO B 28 -1.23 -17.01 28.51
C PRO B 28 -2.26 -16.62 27.47
N VAL B 29 -2.13 -15.39 26.99
CA VAL B 29 -2.94 -14.90 25.88
C VAL B 29 -1.96 -14.77 24.72
N HIS B 30 -2.08 -15.66 23.71
CA HIS B 30 -1.20 -15.71 22.55
C HIS B 30 -0.99 -14.33 21.89
N ASP B 31 -2.08 -13.56 21.75
CA ASP B 31 -2.02 -12.26 21.11
C ASP B 31 -1.29 -11.18 21.90
N GLU B 32 -0.95 -11.42 23.19
CA GLU B 32 -0.15 -10.46 23.96
C GLU B 32 1.22 -10.25 23.32
N HIS B 33 1.79 -11.29 22.69
CA HIS B 33 3.07 -11.18 21.97
C HIS B 33 2.95 -10.16 20.81
N LEU B 34 1.85 -10.20 20.07
CA LEU B 34 1.59 -9.26 18.97
C LEU B 34 1.51 -7.83 19.50
N PHE B 35 0.79 -7.67 20.63
CA PHE B 35 0.59 -6.38 21.29
C PHE B 35 1.95 -5.74 21.63
N ILE B 36 2.88 -6.53 22.20
CA ILE B 36 4.21 -6.05 22.56
C ILE B 36 5.03 -5.67 21.32
N ILE B 37 5.17 -6.60 20.34
CA ILE B 37 5.94 -6.38 19.12
C ILE B 37 5.45 -5.19 18.32
N THR B 38 4.11 -5.03 18.14
CA THR B 38 3.56 -3.89 17.40
C THR B 38 3.98 -2.58 18.02
N HIS B 39 3.82 -2.46 19.36
CA HIS B 39 4.20 -1.25 20.07
C HIS B 39 5.69 -1.01 20.01
N GLN B 40 6.50 -2.06 20.12
CA GLN B 40 7.94 -1.93 20.03
C GLN B 40 8.40 -1.50 18.65
N ALA B 41 7.69 -1.93 17.59
CA ALA B 41 8.02 -1.51 16.22
C ALA B 41 7.73 -0.01 16.07
N TYR B 42 6.60 0.46 16.66
CA TYR B 42 6.23 1.88 16.67
C TYR B 42 7.32 2.68 17.36
N GLU B 43 7.77 2.24 18.53
CA GLU B 43 8.79 2.93 19.32
C GLU B 43 10.13 2.98 18.62
N LEU B 44 10.48 1.93 17.85
CA LEU B 44 11.72 1.96 17.06
C LEU B 44 11.64 3.05 16.00
N TRP B 45 10.50 3.12 15.30
CA TRP B 45 10.29 4.12 14.25
C TRP B 45 10.10 5.53 14.81
N PHE B 46 9.58 5.66 16.06
CA PHE B 46 9.47 6.98 16.71
C PHE B 46 10.89 7.50 16.98
N LYS B 47 11.80 6.63 17.41
CA LYS B 47 13.20 7.00 17.63
C LYS B 47 13.85 7.46 16.32
N GLN B 48 13.56 6.77 15.21
CA GLN B 48 14.04 7.18 13.91
C GLN B 48 13.50 8.55 13.51
N ILE B 49 12.19 8.80 13.70
CA ILE B 49 11.58 10.09 13.35
C ILE B 49 12.18 11.24 14.18
N ILE B 50 12.40 11.00 15.48
CA ILE B 50 13.03 11.99 16.36
C ILE B 50 14.46 12.28 15.87
N PHE B 51 15.22 11.24 15.49
CA PHE B 51 16.58 11.39 14.97
C PHE B 51 16.58 12.22 13.70
N GLU B 52 15.57 11.99 12.82
CA GLU B 52 15.45 12.76 11.59
C GLU B 52 15.09 14.21 11.90
N PHE B 53 14.02 14.42 12.70
CA PHE B 53 13.53 15.73 13.12
C PHE B 53 14.63 16.58 13.79
N ASP B 54 15.45 15.97 14.67
CA ASP B 54 16.51 16.72 15.34
C ASP B 54 17.58 17.16 14.36
N SER B 55 17.90 16.34 13.37
CA SER B 55 18.90 16.71 12.37
C SER B 55 18.38 17.82 11.46
N ILE B 56 17.06 17.81 11.14
CA ILE B 56 16.43 18.84 10.32
C ILE B 56 16.35 20.15 11.13
N ARG B 57 16.00 20.06 12.42
CA ARG B 57 15.93 21.24 13.29
C ARG B 57 17.31 21.92 13.36
N ASP B 58 18.39 21.12 13.47
CA ASP B 58 19.76 21.66 13.51
C ASP B 58 20.14 22.31 12.18
N MET B 59 19.76 21.69 11.03
CA MET B 59 20.05 22.28 9.72
C MET B 59 19.26 23.57 9.49
N LEU B 60 18.05 23.67 10.08
CA LEU B 60 17.22 24.87 9.93
C LEU B 60 17.63 25.99 10.90
N ASP B 61 18.34 25.65 11.99
CA ASP B 61 18.80 26.64 12.96
C ASP B 61 20.12 27.22 12.45
N ALA B 62 20.07 27.87 11.29
CA ALA B 62 21.21 28.51 10.62
C ALA B 62 20.70 29.70 9.81
N GLU B 63 21.53 30.73 9.65
CA GLU B 63 21.13 31.93 8.92
C GLU B 63 21.03 31.64 7.42
N VAL B 64 21.99 30.88 6.88
CA VAL B 64 21.98 30.53 5.46
C VAL B 64 21.60 29.05 5.25
N ILE B 65 20.53 28.83 4.50
CA ILE B 65 20.09 27.49 4.15
C ILE B 65 20.17 27.37 2.63
N ASP B 66 21.28 26.83 2.14
CA ASP B 66 21.52 26.71 0.71
C ASP B 66 20.73 25.55 0.04
N GLU B 67 20.80 25.47 -1.29
CA GLU B 67 20.13 24.45 -2.09
C GLU B 67 20.56 23.04 -1.71
N THR B 68 21.84 22.84 -1.41
CA THR B 68 22.40 21.55 -1.04
C THR B 68 21.78 21.06 0.28
N LYS B 69 21.71 21.93 1.28
CA LYS B 69 21.10 21.57 2.55
C LYS B 69 19.58 21.39 2.42
N THR B 70 18.94 22.18 1.53
CA THR B 70 17.51 22.11 1.27
C THR B 70 17.16 20.72 0.71
N LEU B 71 17.98 20.20 -0.22
CA LEU B 71 17.83 18.86 -0.79
C LEU B 71 17.89 17.78 0.30
N GLU B 72 18.82 17.93 1.25
CA GLU B 72 18.96 16.96 2.33
C GLU B 72 17.76 17.00 3.29
N ILE B 73 17.22 18.20 3.55
CA ILE B 73 16.05 18.36 4.40
C ILE B 73 14.83 17.68 3.75
N VAL B 74 14.66 17.88 2.44
CA VAL B 74 13.59 17.27 1.64
C VAL B 74 13.69 15.73 1.70
N LYS B 75 14.91 15.19 1.56
CA LYS B 75 15.11 13.75 1.65
C LYS B 75 14.65 13.18 3.00
N ARG B 76 15.01 13.87 4.10
CA ARG B 76 14.67 13.41 5.44
C ARG B 76 13.20 13.59 5.76
N LEU B 77 12.58 14.65 5.24
CA LEU B 77 11.16 14.86 5.45
C LEU B 77 10.38 13.81 4.68
N ASN B 78 10.80 13.51 3.43
CA ASN B 78 10.17 12.48 2.62
C ASN B 78 10.30 11.10 3.30
N ARG B 79 11.47 10.81 3.90
CA ARG B 79 11.72 9.58 4.65
C ARG B 79 10.73 9.45 5.82
N VAL B 80 10.46 10.55 6.55
CA VAL B 80 9.51 10.57 7.68
C VAL B 80 8.08 10.28 7.16
N VAL B 81 7.72 10.82 5.99
CA VAL B 81 6.45 10.54 5.32
C VAL B 81 6.27 9.02 5.07
N LEU B 82 7.32 8.36 4.55
CA LEU B 82 7.28 6.92 4.28
C LEU B 82 7.16 6.14 5.59
N ILE B 83 7.87 6.55 6.66
CA ILE B 83 7.77 5.87 7.95
C ILE B 83 6.34 6.03 8.56
N LEU B 84 5.78 7.22 8.46
CA LEU B 84 4.43 7.48 8.97
C LEU B 84 3.39 6.66 8.22
N LYS B 85 3.55 6.49 6.88
CA LYS B 85 2.67 5.66 6.08
C LYS B 85 2.74 4.21 6.56
N LEU B 86 3.95 3.73 6.84
CA LEU B 86 4.18 2.39 7.38
C LEU B 86 3.53 2.25 8.78
N LEU B 87 3.63 3.26 9.63
CA LEU B 87 3.03 3.23 10.97
C LEU B 87 1.50 3.25 10.92
N VAL B 88 0.89 3.94 9.95
CA VAL B 88 -0.55 3.91 9.75
C VAL B 88 -0.97 2.46 9.37
N ASP B 89 -0.14 1.77 8.57
CA ASP B 89 -0.40 0.38 8.16
C ASP B 89 -0.19 -0.65 9.23
N GLN B 90 0.45 -0.29 10.35
CA GLN B 90 0.61 -1.21 11.47
C GLN B 90 -0.70 -1.37 12.26
N VAL B 91 -1.65 -0.41 12.16
CA VAL B 91 -2.92 -0.48 12.88
C VAL B 91 -3.74 -1.72 12.49
N PRO B 92 -3.99 -2.04 11.18
CA PRO B 92 -4.77 -3.26 10.87
C PRO B 92 -4.11 -4.54 11.37
N ILE B 93 -2.78 -4.56 11.56
CA ILE B 93 -2.11 -5.76 12.07
C ILE B 93 -2.57 -5.99 13.53
N LEU B 94 -2.61 -4.91 14.37
CA LEU B 94 -3.06 -5.08 15.74
C LEU B 94 -4.57 -5.34 15.82
N GLU B 95 -5.36 -4.81 14.86
CA GLU B 95 -6.82 -5.05 14.80
C GLU B 95 -7.21 -6.53 14.56
N THR B 96 -6.24 -7.34 14.21
CA THR B 96 -6.31 -8.77 14.01
C THR B 96 -6.49 -9.49 15.40
N MET B 97 -6.13 -8.81 16.52
CA MET B 97 -6.36 -9.31 17.88
C MET B 97 -7.81 -9.04 18.27
N THR B 98 -8.53 -10.05 18.79
CA THR B 98 -9.93 -9.84 19.19
C THR B 98 -10.08 -9.09 20.52
N PRO B 99 -11.20 -8.35 20.64
CA PRO B 99 -11.48 -7.64 21.92
C PRO B 99 -11.48 -8.54 23.17
N LEU B 100 -11.98 -9.77 23.06
CA LEU B 100 -12.00 -10.73 24.17
C LEU B 100 -10.60 -11.18 24.56
N ASP B 101 -9.70 -11.35 23.58
CA ASP B 101 -8.32 -11.73 23.88
C ASP B 101 -7.62 -10.54 24.57
N PHE B 102 -7.86 -9.32 24.10
CA PHE B 102 -7.28 -8.13 24.71
C PHE B 102 -7.77 -7.98 26.15
N MET B 103 -9.05 -8.25 26.39
CA MET B 103 -9.67 -8.18 27.71
C MET B 103 -9.00 -9.15 28.71
N ASP B 104 -8.51 -10.29 28.23
CA ASP B 104 -7.86 -11.30 29.05
C ASP B 104 -6.45 -10.94 29.52
N PHE B 105 -5.85 -9.86 29.00
CA PHE B 105 -4.52 -9.45 29.45
C PHE B 105 -4.44 -7.96 29.79
N ARG B 106 -5.49 -7.15 29.54
CA ARG B 106 -5.41 -5.72 29.83
C ARG B 106 -5.33 -5.40 31.34
N LYS B 107 -5.56 -6.39 32.23
CA LYS B 107 -5.39 -6.22 33.67
C LYS B 107 -3.91 -5.98 34.05
N TYR B 108 -2.97 -6.48 33.23
CA TYR B 108 -1.54 -6.28 33.47
C TYR B 108 -1.03 -4.90 32.92
N LEU B 109 -1.92 -4.05 32.39
CA LEU B 109 -1.57 -2.77 31.79
C LEU B 109 -2.01 -1.59 32.70
N ALA B 110 -1.23 -0.50 32.74
CA ALA B 110 -1.54 0.67 33.59
C ALA B 110 -1.95 1.90 32.78
N PRO B 111 -2.88 2.73 33.33
CA PRO B 111 -3.45 3.87 32.57
C PRO B 111 -2.56 5.04 32.10
N ALA B 112 -1.51 5.48 32.85
CA ALA B 112 -0.62 6.64 32.54
C ALA B 112 -1.16 7.99 33.01
N PHE B 115 1.13 11.89 29.44
CA PHE B 115 1.18 11.37 28.07
C PHE B 115 1.31 9.83 28.03
N GLN B 116 0.86 9.20 26.93
CA GLN B 116 0.96 7.76 26.79
C GLN B 116 2.39 7.29 26.47
N SER B 117 2.97 7.83 25.38
CA SER B 117 4.32 7.49 24.93
C SER B 117 5.21 8.73 25.01
N LEU B 118 6.38 8.60 25.64
CA LEU B 118 7.34 9.71 25.73
C LEU B 118 7.79 10.16 24.33
N GLN B 119 8.20 9.19 23.48
CA GLN B 119 8.66 9.49 22.12
C GLN B 119 7.60 10.09 21.23
N PHE B 120 6.34 9.64 21.36
CA PHE B 120 5.27 10.24 20.56
C PHE B 120 5.05 11.70 20.93
N ARG B 121 5.15 12.02 22.24
CA ARG B 121 5.04 13.40 22.74
C ARG B 121 6.21 14.24 22.26
N LEU B 122 7.43 13.67 22.28
CA LEU B 122 8.61 14.36 21.77
C LEU B 122 8.46 14.69 20.29
N ILE B 123 7.85 13.79 19.48
CA ILE B 123 7.59 14.03 18.06
C ILE B 123 6.60 15.19 17.90
N GLU B 124 5.51 15.17 18.69
CA GLU B 124 4.50 16.23 18.65
C GLU B 124 5.13 17.59 19.00
N ASN B 125 5.94 17.65 20.06
CA ASN B 125 6.55 18.91 20.49
C ASN B 125 7.63 19.37 19.51
N LYS B 126 8.44 18.45 18.98
CA LYS B 126 9.45 18.79 18.00
C LYS B 126 8.84 19.26 16.68
N LEU B 127 7.64 18.78 16.33
CA LEU B 127 6.97 19.23 15.11
C LEU B 127 6.35 20.63 15.35
N GLY B 128 5.70 20.79 16.50
CA GLY B 128 5.09 22.06 16.87
C GLY B 128 3.64 21.98 17.30
N VAL B 129 3.22 20.81 17.77
CA VAL B 129 1.84 20.61 18.23
C VAL B 129 1.62 21.43 19.49
N LEU B 130 0.53 22.23 19.50
CA LEU B 130 0.14 23.04 20.66
C LEU B 130 -0.88 22.21 21.44
N THR B 131 -0.46 21.56 22.55
CA THR B 131 -1.35 20.69 23.33
C THR B 131 -2.47 21.47 24.05
N GLU B 148 13.34 11.66 35.92
CA GLU B 148 13.84 13.04 35.71
C GLU B 148 14.46 13.23 34.32
N GLU B 149 14.97 12.16 33.71
CA GLU B 149 15.52 12.24 32.36
C GLU B 149 14.40 12.46 31.32
N ALA B 150 13.20 11.86 31.58
CA ALA B 150 12.03 11.98 30.73
C ALA B 150 11.44 13.39 30.87
N ARG B 151 11.41 13.94 32.09
CA ARG B 151 10.91 15.29 32.33
C ARG B 151 11.79 16.33 31.64
N ASN B 152 13.11 16.10 31.66
CA ASN B 152 14.10 16.95 31.01
C ASN B 152 13.88 16.95 29.49
N SER B 153 13.60 15.77 28.90
CA SER B 153 13.37 15.63 27.46
C SER B 153 12.14 16.42 27.05
N ILE B 154 11.06 16.34 27.84
CA ILE B 154 9.81 17.05 27.58
C ILE B 154 10.04 18.55 27.67
N ARG B 155 10.74 19.01 28.73
CA ARG B 155 11.03 20.44 28.90
C ARG B 155 11.86 20.98 27.73
N ASN B 156 12.93 20.28 27.35
CA ASN B 156 13.75 20.69 26.22
C ASN B 156 12.96 20.70 24.89
N SER B 157 12.05 19.74 24.69
CA SER B 157 11.22 19.72 23.46
C SER B 157 10.22 20.89 23.42
N GLU B 158 9.83 21.43 24.59
CA GLU B 158 8.92 22.56 24.69
C GLU B 158 9.64 23.91 24.57
N LYS B 159 10.86 23.99 25.13
CA LYS B 159 11.64 25.24 25.11
C LYS B 159 12.43 25.43 23.82
N ASP B 160 13.11 24.37 23.33
CA ASP B 160 13.90 24.45 22.10
C ASP B 160 13.00 24.66 20.86
N PRO B 161 13.49 25.38 19.85
CA PRO B 161 12.64 25.68 18.68
C PRO B 161 12.07 24.46 17.98
N SER B 162 10.77 24.47 17.73
CA SER B 162 10.10 23.38 17.04
C SER B 162 10.28 23.57 15.51
N LEU B 163 9.89 22.58 14.69
CA LEU B 163 9.96 22.69 13.24
C LEU B 163 9.03 23.80 12.77
N LEU B 164 7.85 23.97 13.41
CA LEU B 164 6.91 25.06 13.10
C LEU B 164 7.63 26.45 13.15
N GLU B 165 8.37 26.71 14.26
CA GLU B 165 9.09 27.96 14.45
C GLU B 165 10.25 28.12 13.48
N LEU B 166 11.08 27.08 13.31
CA LEU B 166 12.25 27.13 12.42
C LEU B 166 11.86 27.28 10.94
N VAL B 167 10.74 26.68 10.53
CA VAL B 167 10.25 26.80 9.16
C VAL B 167 9.77 28.25 8.94
N GLN B 168 9.13 28.87 9.97
CA GLN B 168 8.69 30.26 9.89
C GLN B 168 9.90 31.21 9.71
N ARG B 169 10.98 31.00 10.47
CA ARG B 169 12.18 31.82 10.35
CA ARG B 169 12.19 31.80 10.35
C ARG B 169 12.78 31.69 8.94
N TRP B 170 12.78 30.45 8.39
CA TRP B 170 13.27 30.17 7.04
C TRP B 170 12.42 30.90 6.00
N LEU B 171 11.08 30.82 6.15
CA LEU B 171 10.13 31.46 5.25
C LEU B 171 10.25 32.99 5.27
N GLU B 172 10.55 33.55 6.46
CA GLU B 172 10.73 35.00 6.62
C GLU B 172 11.93 35.54 5.83
N ARG B 173 12.95 34.69 5.63
CA ARG B 173 14.15 35.08 4.87
C ARG B 173 14.08 34.64 3.41
N THR B 174 12.87 34.43 2.86
CA THR B 174 12.69 34.04 1.46
C THR B 174 13.17 35.15 0.54
N PRO B 175 14.13 34.84 -0.36
CA PRO B 175 14.58 35.87 -1.30
C PRO B 175 13.48 36.15 -2.33
N GLY B 176 13.15 37.42 -2.45
CA GLY B 176 12.06 37.89 -3.29
C GLY B 176 11.13 38.82 -2.55
N LEU B 177 11.10 38.73 -1.22
CA LEU B 177 10.26 39.56 -0.36
C LEU B 177 10.83 40.95 -0.05
N GLU B 178 12.16 41.13 -0.12
CA GLU B 178 12.78 42.41 0.21
C GLU B 178 12.35 43.55 -0.71
N GLU B 179 11.95 44.68 -0.10
CA GLU B 179 11.49 45.88 -0.80
C GLU B 179 12.52 46.46 -1.76
N SER B 180 13.80 46.36 -1.40
CA SER B 180 14.88 46.87 -2.25
C SER B 180 15.13 45.99 -3.49
N GLY B 181 14.75 44.71 -3.42
CA GLY B 181 14.95 43.76 -4.50
C GLY B 181 13.70 43.48 -5.29
N PHE B 182 13.29 42.19 -5.36
CA PHE B 182 12.10 41.77 -6.12
C PHE B 182 10.81 42.39 -5.60
N ASN B 183 10.72 42.66 -4.29
CA ASN B 183 9.56 43.30 -3.67
C ASN B 183 8.23 42.62 -4.04
N PHE B 184 8.17 41.29 -3.88
CA PHE B 184 7.01 40.48 -4.24
C PHE B 184 5.69 40.97 -3.65
N TRP B 185 5.63 41.21 -2.33
CA TRP B 185 4.38 41.58 -1.69
C TRP B 185 3.70 42.80 -2.29
N ALA B 186 4.45 43.86 -2.59
CA ALA B 186 3.86 45.06 -3.21
C ALA B 186 3.39 44.78 -4.63
N LYS B 187 4.19 44.05 -5.41
CA LYS B 187 3.81 43.69 -6.79
C LYS B 187 2.55 42.82 -6.80
N PHE B 188 2.40 41.95 -5.78
CA PHE B 188 1.28 41.03 -5.61
C PHE B 188 0.02 41.81 -5.29
N GLN B 189 0.06 42.78 -4.35
CA GLN B 189 -1.13 43.60 -4.06
C GLN B 189 -1.56 44.38 -5.32
N GLU B 190 -0.59 44.90 -6.07
CA GLU B 190 -0.80 45.65 -7.30
C GLU B 190 -1.48 44.76 -8.35
N SER B 191 -1.01 43.51 -8.51
CA SER B 191 -1.58 42.57 -9.48
C SER B 191 -3.00 42.18 -9.09
N VAL B 192 -3.25 41.98 -7.79
CA VAL B 192 -4.57 41.62 -7.29
C VAL B 192 -5.55 42.73 -7.60
N ASP B 193 -5.19 43.99 -7.28
CA ASP B 193 -6.05 45.16 -7.54
C ASP B 193 -6.46 45.24 -9.00
N ARG B 194 -5.50 45.09 -9.93
CA ARG B 194 -5.75 45.12 -11.37
C ARG B 194 -6.59 43.94 -11.81
N PHE B 195 -6.33 42.74 -11.28
CA PHE B 195 -7.08 41.52 -11.64
C PHE B 195 -8.52 41.61 -11.19
N LEU B 196 -8.78 42.01 -9.93
CA LEU B 196 -10.15 42.14 -9.44
C LEU B 196 -10.91 43.27 -10.13
N GLU B 197 -10.21 44.35 -10.50
CA GLU B 197 -10.80 45.45 -11.27
C GLU B 197 -11.27 44.96 -12.63
N ALA B 198 -10.44 44.14 -13.29
CA ALA B 198 -10.76 43.56 -14.59
C ALA B 198 -11.93 42.58 -14.48
N GLN B 199 -12.01 41.82 -13.36
CA GLN B 199 -13.12 40.90 -13.12
C GLN B 199 -14.42 41.68 -12.98
N VAL B 200 -14.39 42.83 -12.27
CA VAL B 200 -15.58 43.68 -12.08
C VAL B 200 -16.10 44.17 -13.43
N GLN B 201 -15.22 44.72 -14.27
CA GLN B 201 -15.62 45.21 -15.59
C GLN B 201 -16.19 44.12 -16.48
N SER B 202 -15.61 42.91 -16.39
CA SER B 202 -16.06 41.75 -17.14
C SER B 202 -17.44 41.29 -16.69
N ALA B 203 -17.64 41.29 -15.36
CA ALA B 203 -18.91 40.91 -14.73
C ALA B 203 -19.99 41.93 -15.08
N MET B 204 -19.64 43.22 -15.16
CA MET B 204 -20.59 44.29 -15.52
C MET B 204 -21.17 44.10 -16.94
N GLU B 205 -20.40 43.46 -17.84
CA GLU B 205 -20.87 43.23 -19.20
C GLU B 205 -21.47 41.86 -19.42
N GLU B 206 -21.82 41.14 -18.34
CA GLU B 206 -22.44 39.83 -18.45
C GLU B 206 -23.88 40.03 -18.95
N PRO B 207 -24.23 39.37 -20.07
CA PRO B 207 -25.58 39.55 -20.64
C PRO B 207 -26.68 39.04 -19.71
N VAL B 208 -26.46 37.89 -19.05
CA VAL B 208 -27.45 37.35 -18.12
C VAL B 208 -27.31 38.08 -16.79
N GLU B 209 -28.40 38.61 -16.24
CA GLU B 209 -28.37 39.37 -14.99
C GLU B 209 -27.96 38.50 -13.79
N LYS B 210 -28.41 37.23 -13.76
CA LYS B 210 -28.10 36.27 -12.69
C LYS B 210 -26.60 36.02 -12.58
N ALA B 211 -25.93 35.85 -13.72
CA ALA B 211 -24.50 35.60 -13.78
C ALA B 211 -23.69 36.84 -13.39
N LYS B 212 -24.20 38.03 -13.70
CA LYS B 212 -23.57 39.30 -13.37
C LYS B 212 -23.57 39.46 -11.85
N ASN B 213 -24.72 39.18 -11.21
CA ASN B 213 -24.87 39.31 -9.77
C ASN B 213 -24.01 38.31 -9.02
N TYR B 214 -23.93 37.08 -9.54
CA TYR B 214 -23.14 36.03 -8.91
C TYR B 214 -21.66 36.40 -8.94
N ARG B 215 -21.16 36.85 -10.11
CA ARG B 215 -19.76 37.23 -10.24
C ARG B 215 -19.39 38.39 -9.35
N LEU B 216 -20.26 39.41 -9.24
CA LEU B 216 -20.01 40.56 -8.37
C LEU B 216 -19.93 40.17 -6.89
N MET B 217 -20.83 39.26 -6.45
CA MET B 217 -20.80 38.76 -5.07
C MET B 217 -19.53 37.93 -4.81
N ASP B 218 -19.09 37.17 -5.82
CA ASP B 218 -17.89 36.36 -5.75
C ASP B 218 -16.63 37.22 -5.67
N ILE B 219 -16.56 38.33 -6.43
CA ILE B 219 -15.43 39.27 -6.39
C ILE B 219 -15.32 39.89 -4.99
N GLU B 220 -16.46 40.15 -4.35
CA GLU B 220 -16.52 40.68 -3.00
C GLU B 220 -15.94 39.68 -1.99
N LYS B 221 -16.17 38.37 -2.20
CA LYS B 221 -15.60 37.33 -1.35
C LYS B 221 -14.07 37.32 -1.52
N ARG B 222 -13.58 37.49 -2.77
CA ARG B 222 -12.13 37.58 -3.05
C ARG B 222 -11.53 38.78 -2.35
N ARG B 223 -12.23 39.94 -2.36
CA ARG B 223 -11.75 41.14 -1.66
C ARG B 223 -11.54 40.87 -0.16
N GLU B 224 -12.48 40.16 0.48
CA GLU B 224 -12.33 39.81 1.90
C GLU B 224 -11.14 38.88 2.10
N VAL B 225 -10.93 37.92 1.18
CA VAL B 225 -9.80 36.99 1.23
C VAL B 225 -8.49 37.77 1.18
N TYR B 226 -8.36 38.71 0.25
CA TYR B 226 -7.13 39.49 0.11
C TYR B 226 -6.94 40.49 1.24
N ARG B 227 -8.03 40.99 1.82
CA ARG B 227 -7.96 41.87 2.98
C ARG B 227 -7.34 41.10 4.16
N SER B 228 -7.65 39.80 4.29
CA SER B 228 -7.11 38.93 5.34
C SER B 228 -5.60 38.78 5.31
N ILE B 229 -4.95 39.05 4.16
CA ILE B 229 -3.49 38.93 4.04
C ILE B 229 -2.83 40.31 3.78
N PHE B 230 -3.51 41.25 3.12
CA PHE B 230 -2.91 42.56 2.83
C PHE B 230 -3.04 43.56 4.00
N ASP B 231 -3.95 43.30 4.94
CA ASP B 231 -4.08 44.12 6.13
C ASP B 231 -3.44 43.31 7.27
N PRO B 232 -2.28 43.74 7.78
CA PRO B 232 -1.62 42.97 8.84
C PRO B 232 -2.43 42.83 10.13
N ALA B 233 -3.34 43.80 10.40
CA ALA B 233 -4.19 43.73 11.58
C ALA B 233 -5.21 42.59 11.46
N VAL B 234 -5.72 42.34 10.24
CA VAL B 234 -6.66 41.24 10.03
C VAL B 234 -5.93 39.89 10.19
N HIS B 235 -4.67 39.81 9.69
CA HIS B 235 -3.86 38.61 9.85
C HIS B 235 -3.60 38.35 11.33
N ASP B 236 -3.21 39.40 12.08
CA ASP B 236 -2.93 39.30 13.52
C ASP B 236 -4.15 38.82 14.30
N ALA B 237 -5.35 39.28 13.93
CA ALA B 237 -6.60 38.87 14.57
C ALA B 237 -6.89 37.39 14.33
N LEU B 238 -6.58 36.90 13.12
CA LEU B 238 -6.76 35.48 12.79
C LEU B 238 -5.78 34.59 13.56
N VAL B 239 -4.57 35.09 13.85
CA VAL B 239 -3.57 34.36 14.62
C VAL B 239 -4.00 34.26 16.07
N ARG B 240 -4.54 35.37 16.63
CA ARG B 240 -5.03 35.40 18.02
C ARG B 240 -6.20 34.44 18.19
N ARG B 241 -7.10 34.41 17.21
CA ARG B 241 -8.27 33.55 17.18
C ARG B 241 -7.94 32.04 16.96
N GLY B 242 -6.72 31.74 16.53
CA GLY B 242 -6.29 30.37 16.30
C GLY B 242 -6.46 29.86 14.89
N ASP B 243 -7.03 30.70 14.00
CA ASP B 243 -7.24 30.36 12.59
C ASP B 243 -5.91 30.27 11.81
N ARG B 244 -4.89 31.01 12.25
CA ARG B 244 -3.55 31.01 11.67
C ARG B 244 -2.50 30.89 12.79
N ARG B 245 -1.30 30.43 12.46
CA ARG B 245 -0.18 30.28 13.40
C ARG B 245 1.05 31.08 12.93
N PHE B 246 1.23 31.18 11.62
CA PHE B 246 2.39 31.82 11.00
C PHE B 246 2.43 33.32 11.23
N SER B 247 3.64 33.86 11.32
CA SER B 247 3.81 35.31 11.34
C SER B 247 3.40 35.83 9.93
N HIS B 248 3.07 37.10 9.82
CA HIS B 248 2.66 37.69 8.55
C HIS B 248 3.74 37.49 7.45
N ARG B 249 5.04 37.68 7.80
CA ARG B 249 6.12 37.53 6.84
C ARG B 249 6.38 36.07 6.44
N ALA B 250 6.14 35.11 7.36
CA ALA B 250 6.29 33.69 7.02
C ALA B 250 5.21 33.30 6.00
N LEU B 251 3.99 33.81 6.18
CA LEU B 251 2.89 33.57 5.25
C LEU B 251 3.17 34.18 3.87
N GLN B 252 3.78 35.39 3.80
CA GLN B 252 4.17 36.04 2.53
C GLN B 252 5.18 35.15 1.79
N GLY B 253 6.16 34.63 2.52
CA GLY B 253 7.16 33.73 1.95
C GLY B 253 6.56 32.44 1.44
N ALA B 254 5.64 31.84 2.23
CA ALA B 254 4.99 30.59 1.85
C ALA B 254 4.12 30.79 0.61
N ILE B 255 3.40 31.92 0.53
CA ILE B 255 2.57 32.25 -0.63
C ILE B 255 3.45 32.40 -1.86
N MET B 256 4.57 33.12 -1.73
CA MET B 256 5.49 33.34 -2.83
C MET B 256 6.01 32.02 -3.42
N ILE B 257 6.38 31.09 -2.54
CA ILE B 257 6.86 29.79 -2.93
C ILE B 257 5.80 29.03 -3.74
N THR B 258 4.51 29.04 -3.30
CA THR B 258 3.45 28.36 -4.05
C THR B 258 3.21 28.98 -5.44
N PHE B 259 3.43 30.28 -5.59
CA PHE B 259 3.24 31.01 -6.84
C PHE B 259 4.28 30.61 -7.89
N TYR B 260 5.52 30.40 -7.46
CA TYR B 260 6.62 30.07 -8.39
C TYR B 260 7.14 28.64 -8.30
N ARG B 261 6.33 27.70 -7.79
CA ARG B 261 6.71 26.28 -7.60
C ARG B 261 7.27 25.61 -8.87
N ASP B 262 6.85 26.04 -10.07
CA ASP B 262 7.37 25.50 -11.34
C ASP B 262 8.82 25.95 -11.63
N GLU B 263 9.29 27.01 -10.97
CA GLU B 263 10.63 27.54 -11.19
C GLU B 263 11.66 26.73 -10.43
N PRO B 264 12.76 26.34 -11.09
CA PRO B 264 13.80 25.57 -10.40
C PRO B 264 14.25 26.10 -9.02
N ARG B 265 14.34 27.43 -8.87
CA ARG B 265 14.76 28.08 -7.62
C ARG B 265 13.75 27.86 -6.47
N PHE B 266 12.47 27.68 -6.79
CA PHE B 266 11.43 27.50 -5.79
C PHE B 266 10.88 26.08 -5.68
N SER B 267 11.31 25.14 -6.55
CA SER B 267 10.74 23.79 -6.55
C SER B 267 11.07 23.01 -5.27
N GLN B 268 12.32 23.02 -4.83
CA GLN B 268 12.70 22.33 -3.60
C GLN B 268 12.11 23.02 -2.35
N PRO B 269 12.13 24.37 -2.21
CA PRO B 269 11.41 25.00 -1.09
C PRO B 269 9.93 24.60 -1.07
N HIS B 270 9.28 24.45 -2.25
CA HIS B 270 7.87 24.05 -2.31
C HIS B 270 7.68 22.61 -1.88
N GLN B 271 8.58 21.73 -2.32
CA GLN B 271 8.55 20.33 -1.94
C GLN B 271 8.71 20.19 -0.42
N LEU B 272 9.52 21.06 0.20
CA LEU B 272 9.71 21.07 1.65
C LEU B 272 8.36 21.38 2.34
N LEU B 273 7.62 22.38 1.84
CA LEU B 273 6.31 22.74 2.39
C LEU B 273 5.30 21.61 2.21
N THR B 274 5.28 21.00 1.01
CA THR B 274 4.41 19.87 0.67
C THR B 274 4.62 18.72 1.65
N LEU B 275 5.86 18.36 1.93
CA LEU B 275 6.19 17.27 2.83
C LEU B 275 5.80 17.55 4.28
N LEU B 276 5.83 18.83 4.72
CA LEU B 276 5.36 19.22 6.05
C LEU B 276 3.85 19.01 6.15
N MET B 277 3.11 19.31 5.08
CA MET B 277 1.67 19.07 5.04
C MET B 277 1.37 17.57 5.07
N ASP B 278 2.14 16.79 4.29
CA ASP B 278 2.00 15.35 4.25
C ASP B 278 2.20 14.71 5.62
N ILE B 279 3.21 15.19 6.37
CA ILE B 279 3.53 14.71 7.73
C ILE B 279 2.37 15.01 8.67
N ASP B 280 1.86 16.23 8.60
CA ASP B 280 0.74 16.70 9.41
C ASP B 280 -0.50 15.85 9.16
N SER B 281 -0.82 15.62 7.88
CA SER B 281 -1.95 14.84 7.41
C SER B 281 -1.81 13.34 7.84
N LEU B 282 -0.60 12.78 7.75
CA LEU B 282 -0.34 11.39 8.12
C LEU B 282 -0.44 11.18 9.63
N ILE B 283 -0.06 12.20 10.44
CA ILE B 283 -0.22 12.08 11.89
C ILE B 283 -1.72 12.02 12.24
N THR B 284 -2.55 12.84 11.55
CA THR B 284 -4.00 12.82 11.72
C THR B 284 -4.58 11.47 11.30
N LYS B 285 -4.09 10.92 10.16
CA LYS B 285 -4.54 9.61 9.69
C LYS B 285 -4.18 8.52 10.73
N TRP B 286 -3.00 8.61 11.37
CA TRP B 286 -2.64 7.67 12.42
C TRP B 286 -3.62 7.82 13.60
N ARG B 287 -3.89 9.07 14.03
CA ARG B 287 -4.81 9.34 15.14
C ARG B 287 -6.21 8.77 14.85
N TYR B 288 -6.68 8.91 13.62
CA TYR B 288 -7.98 8.42 13.24
C TYR B 288 -8.01 6.91 13.27
N ASN B 289 -6.98 6.27 12.71
CA ASN B 289 -6.92 4.82 12.70
C ASN B 289 -6.76 4.25 14.10
N HIS B 290 -6.02 4.92 14.97
CA HIS B 290 -5.85 4.53 16.36
C HIS B 290 -7.17 4.62 17.12
N VAL B 291 -7.94 5.71 16.96
CA VAL B 291 -9.22 5.86 17.64
C VAL B 291 -10.26 4.82 17.13
N ILE B 292 -10.21 4.42 15.85
CA ILE B 292 -11.12 3.39 15.34
C ILE B 292 -10.72 2.04 15.96
N MET B 293 -9.42 1.75 16.02
CA MET B 293 -8.93 0.51 16.64
C MET B 293 -9.35 0.44 18.13
N VAL B 294 -9.18 1.57 18.86
CA VAL B 294 -9.55 1.69 20.28
C VAL B 294 -11.04 1.35 20.45
N GLN B 295 -11.90 1.94 19.62
CA GLN B 295 -13.32 1.67 19.67
C GLN B 295 -13.66 0.22 19.33
N ARG B 296 -12.94 -0.40 18.37
CA ARG B 296 -13.14 -1.80 18.02
C ARG B 296 -12.76 -2.70 19.21
N MET B 297 -11.73 -2.32 19.98
CA MET B 297 -11.24 -3.10 21.12
C MET B 297 -12.05 -2.96 22.41
N ILE B 298 -12.41 -1.71 22.80
CA ILE B 298 -13.06 -1.41 24.09
C ILE B 298 -14.23 -0.45 24.00
N GLY B 299 -14.74 -0.20 22.81
CA GLY B 299 -15.83 0.74 22.58
C GLY B 299 -15.49 2.16 23.00
N SER B 300 -16.49 2.93 23.34
CA SER B 300 -16.28 4.30 23.86
C SER B 300 -15.88 4.29 25.37
N GLN B 301 -16.15 3.18 26.06
CA GLN B 301 -15.87 2.99 27.49
C GLN B 301 -15.97 1.49 27.83
N GLN B 302 -15.18 1.08 28.81
CA GLN B 302 -15.14 -0.30 29.26
C GLN B 302 -14.79 -0.37 30.76
N LEU B 303 -14.83 -1.59 31.36
CA LEU B 303 -14.49 -1.80 32.76
C LEU B 303 -13.03 -1.43 32.93
N GLY B 304 -12.77 -0.50 33.83
CA GLY B 304 -11.44 0.03 34.10
C GLY B 304 -11.20 1.41 33.52
N THR B 305 -12.05 1.87 32.59
CA THR B 305 -11.84 3.16 31.93
C THR B 305 -12.41 4.38 32.70
N GLY B 306 -13.37 4.15 33.58
CA GLY B 306 -13.97 5.23 34.35
C GLY B 306 -14.77 6.19 33.49
N GLY B 307 -15.45 5.64 32.49
CA GLY B 307 -16.26 6.43 31.57
C GLY B 307 -15.62 6.58 30.20
N SER B 308 -16.14 7.49 29.40
CA SER B 308 -15.69 7.70 28.04
C SER B 308 -14.70 8.88 27.84
N SER B 309 -14.05 9.37 28.91
CA SER B 309 -13.12 10.49 28.82
C SER B 309 -11.89 10.21 27.94
N GLY B 310 -11.35 9.00 28.01
CA GLY B 310 -10.20 8.60 27.23
C GLY B 310 -10.53 8.60 25.75
N TYR B 311 -11.70 8.03 25.40
CA TYR B 311 -12.17 7.97 24.02
C TYR B 311 -12.51 9.38 23.48
N GLN B 312 -13.14 10.24 24.31
CA GLN B 312 -13.46 11.60 23.92
C GLN B 312 -12.21 12.46 23.75
N TYR B 313 -11.17 12.21 24.57
CA TYR B 313 -9.91 12.93 24.45
C TYR B 313 -9.28 12.59 23.05
N LEU B 314 -9.23 11.30 22.70
CA LEU B 314 -8.67 10.84 21.43
C LEU B 314 -9.40 11.48 20.25
N ARG B 315 -10.75 11.58 20.34
CA ARG B 315 -11.55 12.22 19.31
C ARG B 315 -11.25 13.70 19.16
N SER B 316 -10.91 14.38 20.27
CA SER B 316 -10.58 15.79 20.23
C SER B 316 -9.21 16.04 19.57
N THR B 317 -8.30 15.04 19.58
CA THR B 317 -7.02 15.16 18.90
C THR B 317 -7.17 15.20 17.35
N LEU B 318 -8.38 14.87 16.82
CA LEU B 318 -8.67 14.91 15.39
C LEU B 318 -9.03 16.33 14.89
N SER B 319 -9.08 17.33 15.78
CA SER B 319 -9.42 18.71 15.45
C SER B 319 -8.25 19.47 14.82
N ASP B 320 -8.55 20.60 14.17
CA ASP B 320 -7.54 21.45 13.54
C ASP B 320 -6.60 22.11 14.56
N ARG B 321 -6.98 22.16 15.84
CA ARG B 321 -6.13 22.65 16.93
C ARG B 321 -4.85 21.80 17.05
N TYR B 322 -4.88 20.53 16.57
CA TYR B 322 -3.76 19.62 16.61
C TYR B 322 -2.90 19.62 15.33
N LYS B 323 -3.41 20.19 14.23
CA LYS B 323 -2.63 20.31 12.99
C LYS B 323 -1.65 21.48 13.16
N VAL B 324 -0.37 21.24 12.89
CA VAL B 324 0.70 22.22 13.07
C VAL B 324 0.77 23.25 11.92
N PHE B 325 0.73 22.78 10.68
CA PHE B 325 0.89 23.61 9.49
C PHE B 325 -0.41 23.87 8.78
N LEU B 326 -1.45 24.20 9.54
CA LEU B 326 -2.79 24.55 9.08
C LEU B 326 -2.75 25.67 8.03
N ASP B 327 -1.80 26.61 8.18
CA ASP B 327 -1.58 27.73 7.25
C ASP B 327 -1.21 27.26 5.85
N LEU B 328 -0.40 26.20 5.77
CA LEU B 328 0.04 25.66 4.49
C LEU B 328 -1.11 25.07 3.69
N PHE B 329 -2.10 24.48 4.37
CA PHE B 329 -3.25 23.85 3.72
C PHE B 329 -4.16 24.83 3.00
N ASN B 330 -4.19 26.08 3.45
CA ASN B 330 -5.07 27.08 2.88
C ASN B 330 -4.43 27.99 1.82
N LEU B 331 -3.11 27.89 1.59
CA LEU B 331 -2.39 28.77 0.66
C LEU B 331 -3.01 28.97 -0.73
N SER B 332 -3.61 27.94 -1.32
CA SER B 332 -4.22 28.07 -2.64
C SER B 332 -5.42 29.01 -2.68
N THR B 333 -5.97 29.40 -1.50
CA THR B 333 -7.09 30.36 -1.45
C THR B 333 -6.66 31.72 -2.03
N PHE B 334 -5.38 32.08 -1.90
CA PHE B 334 -4.83 33.37 -2.31
C PHE B 334 -4.33 33.43 -3.76
N LEU B 335 -4.31 32.29 -4.45
CA LEU B 335 -3.81 32.18 -5.81
C LEU B 335 -4.58 33.03 -6.83
N ILE B 336 -3.82 33.59 -7.78
CA ILE B 336 -4.27 34.34 -8.96
C ILE B 336 -3.74 33.59 -10.20
N PRO B 337 -4.40 33.70 -11.38
CA PRO B 337 -3.90 32.97 -12.56
C PRO B 337 -2.47 33.34 -12.98
N ARG B 338 -1.80 32.43 -13.75
CA ARG B 338 -0.43 32.59 -14.24
C ARG B 338 -0.16 33.96 -14.89
N GLU B 339 -1.07 34.41 -15.76
CA GLU B 339 -0.94 35.68 -16.46
C GLU B 339 -0.94 36.90 -15.51
N ALA B 340 -1.61 36.79 -14.36
CA ALA B 340 -1.64 37.87 -13.38
C ALA B 340 -0.48 37.86 -12.37
N ILE B 341 0.28 36.77 -12.29
CA ILE B 341 1.40 36.66 -11.34
C ILE B 341 2.59 37.52 -11.77
N PRO B 342 3.16 38.34 -10.87
CA PRO B 342 4.34 39.15 -11.24
C PRO B 342 5.50 38.29 -11.76
N PRO B 343 5.98 38.53 -12.99
CA PRO B 343 7.08 37.71 -13.52
C PRO B 343 8.40 37.93 -12.80
N LEU B 344 9.19 36.85 -12.66
CA LEU B 344 10.49 36.92 -11.99
C LEU B 344 11.52 37.78 -12.78
N ASP B 345 12.23 38.68 -12.08
CA ASP B 345 13.21 39.62 -12.65
C ASP B 345 14.67 39.13 -12.55
N GLU B 346 15.31 39.25 -11.35
CA GLU B 346 16.70 38.89 -11.02
C GLU B 346 17.72 39.55 -11.96
N LYS C 3 3.84 -2.86 33.97
CA LYS C 3 2.54 -2.23 34.19
C LYS C 3 2.43 -0.96 33.33
N ILE C 4 3.21 0.13 33.60
CA ILE C 4 3.10 1.34 32.74
C ILE C 4 3.82 1.14 31.39
N TYR C 5 3.36 1.85 30.35
CA TYR C 5 3.83 1.81 28.96
C TYR C 5 5.32 1.41 28.75
N GLY C 6 6.23 2.30 29.18
CA GLY C 6 7.67 2.12 29.03
C GLY C 6 8.27 0.92 29.72
N GLU C 7 7.73 0.55 30.88
CA GLU C 7 8.24 -0.61 31.62
C GLU C 7 7.66 -1.91 31.04
N TYR C 8 6.38 -1.88 30.67
CA TYR C 8 5.70 -3.02 30.07
C TYR C 8 6.41 -3.44 28.77
N LEU C 9 6.73 -2.45 27.93
CA LEU C 9 7.42 -2.69 26.66
C LEU C 9 8.93 -2.79 26.80
N MET C 10 9.49 -2.65 28.03
CA MET C 10 10.92 -2.70 28.32
C MET C 10 11.71 -1.76 27.41
N LEU C 11 11.24 -0.53 27.27
CA LEU C 11 11.88 0.46 26.41
C LEU C 11 13.30 0.84 26.85
N ASP C 12 13.63 0.73 28.15
CA ASP C 12 15.00 1.02 28.59
C ASP C 12 15.97 -0.01 27.98
N LYS C 13 15.52 -1.25 27.74
CA LYS C 13 16.34 -2.27 27.10
C LYS C 13 16.26 -2.14 25.55
N LEU C 14 15.04 -2.04 25.01
CA LEU C 14 14.79 -1.93 23.56
C LEU C 14 15.46 -0.71 22.92
N LEU C 15 15.30 0.46 23.54
CA LEU C 15 15.85 1.72 23.06
C LEU C 15 17.33 1.94 23.46
N ASP C 16 17.99 0.89 23.96
CA ASP C 16 19.42 0.93 24.27
C ASP C 16 20.19 -0.06 23.37
N ALA C 17 19.60 -0.46 22.22
CA ALA C 17 20.25 -1.40 21.32
C ALA C 17 20.69 -0.77 20.00
N GLN C 18 20.76 0.58 19.92
CA GLN C 18 21.13 1.26 18.68
C GLN C 18 22.49 1.92 18.84
N CYS C 19 23.51 1.31 18.26
CA CYS C 19 24.87 1.78 18.37
C CYS C 19 25.47 2.01 17.03
N MET C 20 25.57 3.29 16.64
CA MET C 20 26.18 3.69 15.36
C MET C 20 27.71 3.59 15.49
N LEU C 21 28.32 2.67 14.75
CA LEU C 21 29.78 2.49 14.76
C LEU C 21 30.53 3.65 14.10
N SER C 22 29.89 4.36 13.17
CA SER C 22 30.50 5.54 12.57
C SER C 22 30.56 6.71 13.61
N GLU C 23 29.61 6.76 14.56
CA GLU C 23 29.60 7.77 15.61
C GLU C 23 30.69 7.44 16.65
N GLU C 24 30.86 6.14 16.97
CA GLU C 24 31.87 5.60 17.89
C GLU C 24 33.28 5.96 17.36
N ASP C 25 33.48 5.87 16.03
CA ASP C 25 34.75 6.16 15.38
C ASP C 25 34.95 7.66 15.05
N LYS C 26 34.05 8.54 15.54
CA LYS C 26 34.11 9.99 15.37
C LYS C 26 33.91 10.49 13.94
N ARG C 27 33.41 9.62 13.03
CA ARG C 27 33.10 9.98 11.66
C ARG C 27 31.61 9.59 11.46
N PRO C 28 30.63 10.36 12.00
CA PRO C 28 29.23 9.93 11.92
C PRO C 28 28.55 10.03 10.55
N VAL C 29 27.86 8.95 10.16
CA VAL C 29 27.04 8.91 8.94
C VAL C 29 25.61 8.88 9.46
N HIS C 30 24.86 9.96 9.27
CA HIS C 30 23.48 10.10 9.74
C HIS C 30 22.59 8.90 9.37
N ASP C 31 22.68 8.41 8.12
CA ASP C 31 21.85 7.31 7.66
C ASP C 31 22.16 5.96 8.30
N GLU C 32 23.28 5.82 9.01
CA GLU C 32 23.56 4.58 9.72
C GLU C 32 22.47 4.25 10.77
N HIS C 33 21.86 5.29 11.37
CA HIS C 33 20.79 5.12 12.35
C HIS C 33 19.58 4.44 11.65
N LEU C 34 19.23 4.90 10.42
CA LEU C 34 18.15 4.31 9.64
C LEU C 34 18.39 2.83 9.38
N PHE C 35 19.63 2.51 8.98
CA PHE C 35 20.08 1.17 8.67
C PHE C 35 19.85 0.23 9.85
N ILE C 36 20.21 0.68 11.08
CA ILE C 36 20.02 -0.10 12.29
C ILE C 36 18.52 -0.31 12.60
N ILE C 37 17.74 0.79 12.68
CA ILE C 37 16.31 0.73 12.99
C ILE C 37 15.52 -0.14 12.00
N THR C 38 15.75 0.01 10.68
CA THR C 38 15.07 -0.78 9.65
C THR C 38 15.27 -2.26 9.89
N HIS C 39 16.53 -2.67 10.11
CA HIS C 39 16.86 -4.06 10.35
C HIS C 39 16.26 -4.56 11.66
N GLN C 40 16.27 -3.72 12.69
CA GLN C 40 15.71 -4.10 13.98
C GLN C 40 14.19 -4.25 13.93
N ALA C 41 13.51 -3.45 13.09
CA ALA C 41 12.06 -3.57 12.89
C ALA C 41 11.78 -4.89 12.20
N TYR C 42 12.62 -5.27 11.18
CA TYR C 42 12.50 -6.56 10.50
C TYR C 42 12.63 -7.69 11.53
N GLU C 43 13.67 -7.63 12.38
CA GLU C 43 13.92 -8.66 13.39
C GLU C 43 12.80 -8.78 14.42
N LEU C 44 12.17 -7.66 14.82
CA LEU C 44 11.03 -7.72 15.75
C LEU C 44 9.87 -8.46 15.07
N TRP C 45 9.56 -8.13 13.79
CA TRP C 45 8.48 -8.77 13.06
C TRP C 45 8.81 -10.24 12.70
N PHE C 46 10.10 -10.60 12.54
CA PHE C 46 10.53 -11.97 12.30
C PHE C 46 10.23 -12.80 13.53
N LYS C 47 10.44 -12.22 14.73
CA LYS C 47 10.13 -12.88 15.98
C LYS C 47 8.64 -13.13 16.06
N GLN C 48 7.83 -12.13 15.69
CA GLN C 48 6.37 -12.29 15.65
C GLN C 48 5.95 -13.42 14.70
N ILE C 49 6.52 -13.47 13.48
CA ILE C 49 6.16 -14.50 12.49
C ILE C 49 6.54 -15.89 13.01
N ILE C 50 7.74 -16.03 13.61
CA ILE C 50 8.17 -17.30 14.19
C ILE C 50 7.21 -17.73 15.31
N PHE C 51 6.78 -16.77 16.15
CA PHE C 51 5.84 -17.05 17.24
C PHE C 51 4.50 -17.55 16.67
N GLU C 52 4.03 -16.93 15.58
CA GLU C 52 2.81 -17.34 14.92
C GLU C 52 2.96 -18.70 14.28
N PHE C 53 4.04 -18.92 13.50
CA PHE C 53 4.34 -20.17 12.81
C PHE C 53 4.46 -21.35 13.77
N ASP C 54 5.11 -21.15 14.94
CA ASP C 54 5.24 -22.22 15.92
C ASP C 54 3.90 -22.59 16.52
N SER C 55 3.04 -21.59 16.78
CA SER C 55 1.71 -21.87 17.31
C SER C 55 0.83 -22.59 16.29
N ILE C 56 0.95 -22.27 14.99
CA ILE C 56 0.21 -22.91 13.91
C ILE C 56 0.71 -24.34 13.74
N ARG C 57 2.05 -24.53 13.78
CA ARG C 57 2.66 -25.86 13.66
C ARG C 57 2.14 -26.77 14.78
N ASP C 58 2.02 -26.22 16.01
CA ASP C 58 1.52 -26.97 17.17
C ASP C 58 0.04 -27.33 17.02
N MET C 59 -0.78 -26.40 16.51
CA MET C 59 -2.20 -26.69 16.28
C MET C 59 -2.39 -27.73 15.14
N LEU C 60 -1.47 -27.75 14.15
CA LEU C 60 -1.54 -28.72 13.05
C LEU C 60 -0.96 -30.10 13.43
N ASP C 61 -0.12 -30.15 14.48
CA ASP C 61 0.47 -31.41 14.93
C ASP C 61 -0.50 -32.11 15.86
N ALA C 62 -1.66 -32.49 15.32
CA ALA C 62 -2.76 -33.15 16.03
C ALA C 62 -3.55 -33.98 15.02
N GLU C 63 -4.17 -35.08 15.50
CA GLU C 63 -4.96 -35.95 14.65
C GLU C 63 -6.27 -35.28 14.26
N VAL C 64 -6.89 -34.58 15.20
CA VAL C 64 -8.16 -33.88 14.95
C VAL C 64 -7.96 -32.37 14.86
N ILE C 65 -8.36 -31.77 13.74
CA ILE C 65 -8.28 -30.32 13.57
C ILE C 65 -9.69 -29.83 13.29
N ASP C 66 -10.38 -29.38 14.33
CA ASP C 66 -11.77 -28.95 14.22
C ASP C 66 -11.93 -27.56 13.57
N GLU C 67 -13.18 -27.15 13.30
CA GLU C 67 -13.52 -25.90 12.66
C GLU C 67 -13.05 -24.69 13.46
N THR C 68 -13.15 -24.79 14.81
CA THR C 68 -12.74 -23.71 15.71
C THR C 68 -11.26 -23.47 15.61
N LYS C 69 -10.46 -24.54 15.63
CA LYS C 69 -9.01 -24.38 15.49
C LYS C 69 -8.61 -23.96 14.09
N THR C 70 -9.35 -24.41 13.07
CA THR C 70 -9.13 -24.03 11.67
C THR C 70 -9.26 -22.53 11.51
N LEU C 71 -10.29 -21.93 12.14
CA LEU C 71 -10.54 -20.48 12.12
C LEU C 71 -9.35 -19.71 12.76
N GLU C 72 -8.81 -20.24 13.84
CA GLU C 72 -7.70 -19.61 14.53
C GLU C 72 -6.41 -19.70 13.70
N ILE C 73 -6.21 -20.82 12.98
CA ILE C 73 -5.03 -20.97 12.10
C ILE C 73 -5.13 -19.94 10.96
N VAL C 74 -6.32 -19.79 10.37
CA VAL C 74 -6.58 -18.84 9.29
C VAL C 74 -6.29 -17.42 9.77
N LYS C 75 -6.73 -17.06 10.98
CA LYS C 75 -6.46 -15.74 11.56
C LYS C 75 -4.97 -15.48 11.66
N ARG C 76 -4.20 -16.44 12.15
CA ARG C 76 -2.76 -16.27 12.33
C ARG C 76 -2.00 -16.27 11.01
N LEU C 77 -2.44 -17.05 10.01
CA LEU C 77 -1.82 -17.04 8.68
C LEU C 77 -2.09 -15.70 8.00
N ASN C 78 -3.32 -15.18 8.14
CA ASN C 78 -3.70 -13.90 7.59
C ASN C 78 -2.90 -12.76 8.24
N ARG C 79 -2.69 -12.86 9.58
CA ARG C 79 -1.86 -11.91 10.33
C ARG C 79 -0.42 -11.88 9.76
N VAL C 80 0.18 -13.04 9.49
CA VAL C 80 1.49 -13.18 8.88
C VAL C 80 1.53 -12.52 7.50
N VAL C 81 0.46 -12.64 6.70
CA VAL C 81 0.35 -12.00 5.38
C VAL C 81 0.44 -10.47 5.53
N LEU C 82 -0.30 -9.91 6.50
CA LEU C 82 -0.27 -8.47 6.77
C LEU C 82 1.15 -8.02 7.21
N ILE C 83 1.84 -8.81 8.04
CA ILE C 83 3.18 -8.47 8.50
C ILE C 83 4.15 -8.53 7.32
N LEU C 84 4.03 -9.54 6.46
CA LEU C 84 4.91 -9.66 5.29
C LEU C 84 4.70 -8.50 4.32
N LYS C 85 3.45 -8.04 4.14
CA LYS C 85 3.16 -6.89 3.27
C LYS C 85 3.84 -5.65 3.84
N LEU C 86 3.77 -5.46 5.16
CA LEU C 86 4.42 -4.37 5.87
C LEU C 86 5.95 -4.47 5.68
N LEU C 87 6.55 -5.67 5.80
CA LEU C 87 7.98 -5.87 5.60
C LEU C 87 8.45 -5.57 4.16
N VAL C 88 7.64 -5.88 3.15
CA VAL C 88 7.93 -5.52 1.76
C VAL C 88 7.96 -3.98 1.64
N ASP C 89 7.05 -3.28 2.34
CA ASP C 89 7.02 -1.81 2.35
C ASP C 89 8.14 -1.14 3.12
N GLN C 90 8.92 -1.90 3.91
CA GLN C 90 10.06 -1.34 4.61
C GLN C 90 11.27 -1.12 3.70
N VAL C 91 11.32 -1.81 2.54
CA VAL C 91 12.41 -1.67 1.58
C VAL C 91 12.52 -0.24 1.01
N PRO C 92 11.43 0.42 0.50
CA PRO C 92 11.59 1.80 0.02
C PRO C 92 12.08 2.78 1.08
N ILE C 93 11.86 2.48 2.38
CA ILE C 93 12.33 3.39 3.44
C ILE C 93 13.88 3.33 3.47
N LEU C 94 14.46 2.12 3.39
CA LEU C 94 15.92 2.01 3.38
C LEU C 94 16.51 2.51 2.04
N GLU C 95 15.76 2.38 0.91
CA GLU C 95 16.21 2.91 -0.41
C GLU C 95 16.39 4.44 -0.45
N THR C 96 15.90 5.11 0.58
CA THR C 96 15.99 6.54 0.79
C THR C 96 17.49 6.93 1.20
N MET C 97 18.31 5.93 1.63
CA MET C 97 19.72 6.12 1.96
C MET C 97 20.52 6.06 0.65
N THR C 98 21.37 7.05 0.38
CA THR C 98 22.16 7.04 -0.86
C THR C 98 23.29 6.01 -0.81
N PRO C 99 23.65 5.45 -1.98
CA PRO C 99 24.79 4.52 -2.05
C PRO C 99 26.07 5.06 -1.44
N LEU C 100 26.37 6.37 -1.64
CA LEU C 100 27.61 6.98 -1.10
C LEU C 100 27.59 7.06 0.43
N ASP C 101 26.41 7.26 1.02
CA ASP C 101 26.30 7.29 2.47
C ASP C 101 26.49 5.90 3.02
N PHE C 102 25.92 4.88 2.35
CA PHE C 102 26.10 3.49 2.77
C PHE C 102 27.58 3.10 2.68
N MET C 103 28.26 3.55 1.62
CA MET C 103 29.67 3.29 1.39
C MET C 103 30.55 3.84 2.53
N ASP C 104 30.13 4.96 3.14
CA ASP C 104 30.86 5.60 4.24
C ASP C 104 30.76 4.88 5.58
N PHE C 105 29.85 3.90 5.73
CA PHE C 105 29.80 3.15 6.98
C PHE C 105 29.87 1.63 6.78
N ARG C 106 29.88 1.13 5.52
CA ARG C 106 29.92 -0.33 5.30
CA ARG C 106 29.96 -0.32 5.24
C ARG C 106 31.23 -0.99 5.80
N LYS C 107 32.29 -0.21 6.04
CA LYS C 107 33.56 -0.72 6.57
C LYS C 107 33.40 -1.28 8.00
N TYR C 108 32.40 -0.80 8.76
CA TYR C 108 32.12 -1.31 10.09
C TYR C 108 31.27 -2.60 10.09
N LEU C 109 30.89 -3.11 8.90
CA LEU C 109 30.03 -4.27 8.76
C LEU C 109 30.86 -5.50 8.32
N ALA C 110 30.53 -6.69 8.84
CA ALA C 110 31.22 -7.94 8.50
C ALA C 110 30.25 -8.88 7.78
N PRO C 111 30.73 -9.59 6.73
CA PRO C 111 29.84 -10.31 5.82
C PRO C 111 28.93 -11.47 6.28
N ALA C 112 29.34 -12.37 7.20
CA ALA C 112 28.58 -13.59 7.65
C ALA C 112 29.09 -14.89 7.02
N SER C 113 29.31 -15.88 7.90
CA SER C 113 29.83 -17.23 7.62
C SER C 113 28.85 -18.09 6.82
N GLY C 114 27.57 -18.03 7.18
CA GLY C 114 26.54 -18.82 6.51
C GLY C 114 25.34 -17.97 6.16
N PHE C 115 24.22 -18.19 6.87
CA PHE C 115 23.01 -17.41 6.67
C PHE C 115 23.19 -15.97 7.19
N GLN C 116 22.44 -15.01 6.63
CA GLN C 116 22.54 -13.63 7.07
C GLN C 116 21.84 -13.37 8.41
N SER C 117 20.58 -13.79 8.54
CA SER C 117 19.77 -13.60 9.73
C SER C 117 19.34 -14.96 10.26
N LEU C 118 19.53 -15.19 11.54
CA LEU C 118 19.11 -16.45 12.17
C LEU C 118 17.59 -16.62 12.08
N GLN C 119 16.85 -15.55 12.43
CA GLN C 119 15.39 -15.56 12.41
C GLN C 119 14.81 -15.72 11.04
N PHE C 120 15.41 -15.09 10.01
CA PHE C 120 14.92 -15.24 8.64
C PHE C 120 15.06 -16.68 8.17
N ARG C 121 16.18 -17.34 8.55
CA ARG C 121 16.43 -18.75 8.22
C ARG C 121 15.45 -19.65 8.96
N LEU C 122 15.16 -19.34 10.23
CA LEU C 122 14.18 -20.07 11.00
C LEU C 122 12.79 -19.99 10.34
N ILE C 123 12.43 -18.81 9.80
CA ILE C 123 11.15 -18.65 9.11
C ILE C 123 11.11 -19.53 7.85
N GLU C 124 12.20 -19.50 7.06
CA GLU C 124 12.31 -20.31 5.84
C GLU C 124 12.16 -21.80 6.16
N ASN C 125 12.88 -22.27 7.18
CA ASN C 125 12.84 -23.68 7.54
C ASN C 125 11.50 -24.07 8.10
N LYS C 126 10.90 -23.22 8.95
CA LYS C 126 9.61 -23.50 9.54
C LYS C 126 8.48 -23.50 8.49
N LEU C 127 8.63 -22.74 7.40
CA LEU C 127 7.65 -22.75 6.33
C LEU C 127 7.84 -24.04 5.47
N GLY C 128 9.10 -24.37 5.15
CA GLY C 128 9.44 -25.55 4.38
C GLY C 128 10.34 -25.28 3.19
N VAL C 129 11.11 -24.18 3.23
CA VAL C 129 12.01 -23.83 2.14
C VAL C 129 13.16 -24.85 2.05
N LEU C 130 13.47 -25.29 0.80
CA LEU C 130 14.58 -26.17 0.44
C LEU C 130 15.80 -25.29 0.11
N THR C 131 16.69 -25.08 1.10
CA THR C 131 17.91 -24.26 0.98
C THR C 131 18.95 -24.89 0.03
N GLU C 132 19.71 -24.07 -0.72
CA GLU C 132 20.68 -24.56 -1.73
C GLU C 132 22.03 -25.16 -1.11
N GLN C 133 23.15 -24.38 -0.98
CA GLN C 133 24.44 -24.87 -0.46
C GLN C 133 25.29 -23.74 0.19
N ARG C 134 25.58 -22.66 -0.57
CA ARG C 134 26.33 -21.44 -0.18
C ARG C 134 27.84 -21.67 0.25
N VAL C 135 28.23 -21.30 1.53
CA VAL C 135 29.58 -21.33 2.10
C VAL C 135 30.55 -20.50 1.25
N ARG C 136 30.74 -19.23 1.64
CA ARG C 136 31.57 -18.31 0.89
C ARG C 136 32.83 -17.87 1.64
N TYR C 137 33.88 -17.53 0.88
CA TYR C 137 35.15 -17.08 1.44
C TYR C 137 35.03 -15.64 1.92
N ASN C 138 35.53 -15.36 3.13
CA ASN C 138 35.49 -14.01 3.69
C ASN C 138 36.90 -13.52 4.05
N GLN C 139 37.04 -12.21 4.38
CA GLN C 139 38.33 -11.60 4.75
C GLN C 139 38.80 -12.17 6.09
N LYS C 140 37.88 -12.21 7.05
CA LYS C 140 38.14 -12.74 8.38
C LYS C 140 37.04 -13.75 8.71
N TYR C 141 37.42 -14.93 9.20
CA TYR C 141 36.45 -15.97 9.51
C TYR C 141 35.65 -15.67 10.77
N SER C 142 34.43 -16.17 10.80
CA SER C 142 33.49 -16.03 11.89
C SER C 142 32.70 -17.35 12.00
N ASP C 143 32.08 -17.59 13.16
CA ASP C 143 31.29 -18.82 13.34
C ASP C 143 29.95 -18.70 12.61
N VAL C 144 29.43 -19.84 12.12
CA VAL C 144 28.12 -19.88 11.49
C VAL C 144 27.05 -19.62 12.57
N PHE C 145 27.21 -20.26 13.75
CA PHE C 145 26.30 -20.09 14.88
C PHE C 145 27.00 -19.38 16.01
N SER C 146 26.34 -18.37 16.59
CA SER C 146 26.87 -17.60 17.72
C SER C 146 27.04 -18.47 18.98
N ASP C 147 26.17 -19.47 19.14
CA ASP C 147 26.24 -20.38 20.27
C ASP C 147 25.52 -21.71 19.97
N GLU C 148 25.59 -22.67 20.89
CA GLU C 148 24.92 -23.96 20.74
C GLU C 148 23.40 -23.83 20.73
N GLU C 149 22.85 -22.76 21.34
CA GLU C 149 21.40 -22.54 21.34
C GLU C 149 20.92 -22.13 19.92
N ALA C 150 21.75 -21.37 19.17
CA ALA C 150 21.40 -20.96 17.81
C ALA C 150 21.54 -22.16 16.84
N ARG C 151 22.57 -23.01 17.05
CA ARG C 151 22.76 -24.21 16.25
C ARG C 151 21.58 -25.17 16.45
N ASN C 152 21.13 -25.31 17.70
CA ASN C 152 20.02 -26.13 18.12
C ASN C 152 18.72 -25.63 17.46
N SER C 153 18.50 -24.31 17.41
CA SER C 153 17.32 -23.72 16.76
C SER C 153 17.27 -24.12 15.27
N ILE C 154 18.40 -23.99 14.57
CA ILE C 154 18.49 -24.35 13.16
C ILE C 154 18.24 -25.83 12.95
N ARG C 155 18.91 -26.68 13.75
CA ARG C 155 18.76 -28.14 13.65
C ARG C 155 17.33 -28.56 13.88
N ASN C 156 16.70 -28.05 14.94
CA ASN C 156 15.31 -28.34 15.23
C ASN C 156 14.37 -27.84 14.14
N SER C 157 14.64 -26.67 13.54
CA SER C 157 13.79 -26.16 12.46
C SER C 157 13.89 -27.04 11.20
N GLU C 158 15.02 -27.74 10.99
CA GLU C 158 15.24 -28.65 9.88
C GLU C 158 14.65 -30.03 10.14
N LYS C 159 14.76 -30.54 11.37
CA LYS C 159 14.29 -31.88 11.72
C LYS C 159 12.79 -31.93 12.05
N ASP C 160 12.31 -30.96 12.83
CA ASP C 160 10.90 -30.91 13.22
C ASP C 160 10.01 -30.59 12.05
N PRO C 161 8.77 -31.11 12.04
CA PRO C 161 7.89 -30.88 10.89
C PRO C 161 7.68 -29.42 10.53
N SER C 162 7.91 -29.09 9.27
CA SER C 162 7.68 -27.75 8.76
C SER C 162 6.16 -27.58 8.48
N LEU C 163 5.71 -26.35 8.15
CA LEU C 163 4.32 -26.11 7.77
C LEU C 163 3.99 -26.91 6.51
N LEU C 164 4.91 -27.00 5.55
CA LEU C 164 4.74 -27.82 4.34
C LEU C 164 4.34 -29.29 4.68
N GLU C 165 5.07 -29.93 5.61
CA GLU C 165 4.79 -31.30 6.01
C GLU C 165 3.50 -31.43 6.80
N LEU C 166 3.25 -30.53 7.78
CA LEU C 166 2.03 -30.58 8.60
C LEU C 166 0.76 -30.29 7.80
N VAL C 167 0.83 -29.39 6.81
CA VAL C 167 -0.29 -29.11 5.94
C VAL C 167 -0.59 -30.35 5.08
N GLN C 168 0.46 -31.11 4.65
CA GLN C 168 0.30 -32.33 3.88
C GLN C 168 -0.42 -33.39 4.70
N ARG C 169 -0.07 -33.54 5.97
CA ARG C 169 -0.74 -34.50 6.84
C ARG C 169 -2.21 -34.14 7.04
N TRP C 170 -2.50 -32.84 7.17
CA TRP C 170 -3.87 -32.34 7.31
C TRP C 170 -4.69 -32.62 6.01
N LEU C 171 -4.08 -32.34 4.84
CA LEU C 171 -4.69 -32.57 3.54
C LEU C 171 -4.95 -34.05 3.29
N GLU C 172 -4.05 -34.94 3.78
CA GLU C 172 -4.20 -36.39 3.64
C GLU C 172 -5.44 -36.92 4.37
N ARG C 173 -5.85 -36.24 5.46
CA ARG C 173 -7.01 -36.64 6.22
C ARG C 173 -8.28 -35.85 5.82
N THR C 174 -8.33 -35.29 4.62
CA THR C 174 -9.49 -34.54 4.14
C THR C 174 -10.70 -35.44 4.05
N PRO C 175 -11.80 -35.10 4.74
CA PRO C 175 -13.03 -35.90 4.63
C PRO C 175 -13.62 -35.74 3.23
N GLY C 176 -13.87 -36.86 2.59
CA GLY C 176 -14.35 -36.91 1.21
C GLY C 176 -13.52 -37.84 0.35
N LEU C 177 -12.26 -38.09 0.76
CA LEU C 177 -11.33 -38.95 0.04
C LEU C 177 -11.51 -40.43 0.31
N GLU C 178 -12.05 -40.79 1.48
CA GLU C 178 -12.19 -42.20 1.84
C GLU C 178 -13.13 -42.96 0.92
N GLU C 179 -12.68 -44.13 0.44
CA GLU C 179 -13.40 -45.01 -0.46
C GLU C 179 -14.75 -45.46 0.09
N SER C 180 -14.83 -45.68 1.41
CA SER C 180 -16.07 -46.10 2.05
C SER C 180 -17.10 -44.98 2.16
N GLY C 181 -16.66 -43.73 2.09
CA GLY C 181 -17.53 -42.57 2.16
C GLY C 181 -17.79 -41.91 0.82
N PHE C 182 -17.44 -40.61 0.70
CA PHE C 182 -17.68 -39.85 -0.53
C PHE C 182 -16.89 -40.38 -1.72
N ASN C 183 -15.69 -40.95 -1.47
CA ASN C 183 -14.84 -41.54 -2.50
C ASN C 183 -14.60 -40.58 -3.69
N PHE C 184 -14.19 -39.33 -3.38
CA PHE C 184 -13.98 -38.28 -4.37
C PHE C 184 -13.09 -38.68 -5.54
N TRP C 185 -11.89 -39.21 -5.26
CA TRP C 185 -10.92 -39.52 -6.29
C TRP C 185 -11.47 -40.42 -7.41
N ALA C 186 -12.20 -41.49 -7.06
CA ALA C 186 -12.77 -42.38 -8.07
C ALA C 186 -13.86 -41.68 -8.88
N LYS C 187 -14.75 -40.92 -8.23
CA LYS C 187 -15.79 -40.18 -8.90
C LYS C 187 -15.20 -39.14 -9.85
N PHE C 188 -14.06 -38.51 -9.46
CA PHE C 188 -13.34 -37.50 -10.22
C PHE C 188 -12.73 -38.11 -11.49
N GLN C 189 -12.04 -39.27 -11.39
CA GLN C 189 -11.49 -39.95 -12.58
C GLN C 189 -12.62 -40.32 -13.54
N GLU C 190 -13.75 -40.76 -13.01
CA GLU C 190 -14.94 -41.15 -13.77
C GLU C 190 -15.52 -39.94 -14.51
N SER C 191 -15.61 -38.77 -13.82
CA SER C 191 -16.13 -37.54 -14.43
C SER C 191 -15.20 -37.04 -15.51
N VAL C 192 -13.87 -37.15 -15.31
CA VAL C 192 -12.91 -36.72 -16.31
C VAL C 192 -13.06 -37.58 -17.58
N ASP C 193 -13.15 -38.90 -17.42
CA ASP C 193 -13.33 -39.82 -18.56
C ASP C 193 -14.55 -39.46 -19.39
N ARG C 194 -15.68 -39.20 -18.74
CA ARG C 194 -16.90 -38.83 -19.42
C ARG C 194 -16.79 -37.46 -20.07
N PHE C 195 -16.14 -36.51 -19.38
CA PHE C 195 -15.96 -35.16 -19.90
C PHE C 195 -15.10 -35.16 -21.15
N LEU C 196 -13.95 -35.84 -21.13
CA LEU C 196 -13.06 -35.92 -22.28
C LEU C 196 -13.67 -36.71 -23.45
N GLU C 197 -14.50 -37.73 -23.15
CA GLU C 197 -15.25 -38.50 -24.16
C GLU C 197 -16.22 -37.56 -24.88
N ALA C 198 -16.94 -36.71 -24.11
CA ALA C 198 -17.88 -35.76 -24.70
C ALA C 198 -17.17 -34.72 -25.54
N GLN C 199 -15.96 -34.29 -25.10
CA GLN C 199 -15.16 -33.32 -25.85
C GLN C 199 -14.72 -33.91 -27.17
N VAL C 200 -14.32 -35.20 -27.17
CA VAL C 200 -13.88 -35.89 -28.39
C VAL C 200 -15.01 -35.93 -29.42
N GLN C 201 -16.20 -36.34 -29.00
CA GLN C 201 -17.36 -36.41 -29.89
C GLN C 201 -17.74 -35.06 -30.44
N SER C 202 -17.64 -34.01 -29.61
CA SER C 202 -17.95 -32.65 -30.05
C SER C 202 -16.90 -32.13 -31.04
N ALA C 203 -15.62 -32.46 -30.79
CA ALA C 203 -14.52 -32.07 -31.68
C ALA C 203 -14.62 -32.80 -33.03
N MET C 204 -15.11 -34.05 -33.02
CA MET C 204 -15.30 -34.84 -34.24
C MET C 204 -16.36 -34.23 -35.16
N GLU C 205 -17.31 -33.48 -34.60
CA GLU C 205 -18.35 -32.81 -35.38
C GLU C 205 -17.98 -31.38 -35.82
N GLU C 206 -16.71 -30.98 -35.65
CA GLU C 206 -16.27 -29.65 -36.02
C GLU C 206 -16.18 -29.57 -37.54
N PRO C 207 -16.92 -28.62 -38.16
CA PRO C 207 -16.91 -28.55 -39.63
C PRO C 207 -15.54 -28.17 -40.20
N VAL C 208 -14.84 -27.23 -39.56
CA VAL C 208 -13.52 -26.79 -40.00
C VAL C 208 -12.49 -27.82 -39.53
N GLU C 209 -11.65 -28.31 -40.46
CA GLU C 209 -10.65 -29.33 -40.15
C GLU C 209 -9.59 -28.83 -39.15
N LYS C 210 -9.15 -27.56 -39.31
CA LYS C 210 -8.15 -26.93 -38.44
C LYS C 210 -8.60 -26.89 -36.98
N ALA C 211 -9.88 -26.52 -36.74
CA ALA C 211 -10.48 -26.44 -35.41
C ALA C 211 -10.66 -27.82 -34.79
N LYS C 212 -10.94 -28.84 -35.61
CA LYS C 212 -11.12 -30.21 -35.16
C LYS C 212 -9.76 -30.75 -34.69
N ASN C 213 -8.70 -30.48 -35.45
CA ASN C 213 -7.37 -30.95 -35.09
C ASN C 213 -6.83 -30.23 -33.86
N TYR C 214 -7.15 -28.94 -33.69
CA TYR C 214 -6.72 -28.17 -32.53
C TYR C 214 -7.39 -28.74 -31.28
N ARG C 215 -8.70 -28.97 -31.32
CA ARG C 215 -9.43 -29.54 -30.18
C ARG C 215 -8.97 -30.93 -29.81
N LEU C 216 -8.68 -31.79 -30.81
CA LEU C 216 -8.18 -33.15 -30.55
C LEU C 216 -6.78 -33.12 -29.93
N MET C 217 -5.89 -32.22 -30.40
CA MET C 217 -4.55 -32.07 -29.84
C MET C 217 -4.65 -31.55 -28.38
N ASP C 218 -5.61 -30.65 -28.13
CA ASP C 218 -5.86 -30.06 -26.82
C ASP C 218 -6.37 -31.11 -25.85
N ILE C 219 -7.28 -32.02 -26.30
CA ILE C 219 -7.81 -33.12 -25.47
C ILE C 219 -6.65 -34.05 -25.08
N GLU C 220 -5.70 -34.28 -25.99
CA GLU C 220 -4.53 -35.09 -25.73
C GLU C 220 -3.64 -34.45 -24.64
N LYS C 221 -3.55 -33.11 -24.63
CA LYS C 221 -2.81 -32.38 -23.58
C LYS C 221 -3.52 -32.51 -22.23
N ARG C 222 -4.85 -32.49 -22.22
CA ARG C 222 -5.64 -32.72 -21.01
C ARG C 222 -5.39 -34.13 -20.50
N ARG C 223 -5.36 -35.15 -21.40
CA ARG C 223 -5.08 -36.54 -21.02
C ARG C 223 -3.76 -36.67 -20.30
N GLU C 224 -2.70 -35.98 -20.78
CA GLU C 224 -1.40 -36.00 -20.12
C GLU C 224 -1.47 -35.34 -18.74
N VAL C 225 -2.23 -34.24 -18.62
CA VAL C 225 -2.43 -33.51 -17.36
C VAL C 225 -3.06 -34.46 -16.33
N TYR C 226 -4.13 -35.17 -16.73
CA TYR C 226 -4.82 -36.09 -15.83
C TYR C 226 -4.02 -37.34 -15.53
N ARG C 227 -3.19 -37.79 -16.48
CA ARG C 227 -2.30 -38.93 -16.24
C ARG C 227 -1.29 -38.59 -15.13
N SER C 228 -0.84 -37.32 -15.07
CA SER C 228 0.11 -36.86 -14.07
C SER C 228 -0.42 -36.94 -12.63
N ILE C 229 -1.76 -37.00 -12.45
CA ILE C 229 -2.38 -37.12 -11.13
C ILE C 229 -3.11 -38.48 -10.94
N PHE C 230 -3.63 -39.09 -12.01
CA PHE C 230 -4.34 -40.38 -11.87
C PHE C 230 -3.40 -41.58 -11.88
N ASP C 231 -2.15 -41.42 -12.32
CA ASP C 231 -1.17 -42.50 -12.26
C ASP C 231 -0.23 -42.11 -11.13
N PRO C 232 -0.26 -42.84 -10.01
CA PRO C 232 0.63 -42.51 -8.88
C PRO C 232 2.11 -42.60 -9.20
N ALA C 233 2.52 -43.45 -10.16
CA ALA C 233 3.93 -43.54 -10.56
C ALA C 233 4.39 -42.25 -11.27
N VAL C 234 3.52 -41.62 -12.07
CA VAL C 234 3.87 -40.37 -12.75
C VAL C 234 4.01 -39.24 -11.72
N HIS C 235 3.12 -39.21 -10.71
CA HIS C 235 3.18 -38.24 -9.62
C HIS C 235 4.49 -38.43 -8.85
N ASP C 236 4.81 -39.69 -8.50
CA ASP C 236 6.04 -40.02 -7.75
C ASP C 236 7.29 -39.58 -8.48
N ALA C 237 7.33 -39.73 -9.82
CA ALA C 237 8.46 -39.32 -10.65
C ALA C 237 8.63 -37.81 -10.62
N LEU C 238 7.52 -37.06 -10.66
CA LEU C 238 7.56 -35.60 -10.60
C LEU C 238 8.07 -35.09 -9.23
N VAL C 239 7.76 -35.83 -8.14
CA VAL C 239 8.20 -35.48 -6.80
C VAL C 239 9.70 -35.72 -6.68
N ARG C 240 10.20 -36.84 -7.24
CA ARG C 240 11.64 -37.15 -7.23
C ARG C 240 12.42 -36.10 -8.02
N ARG C 241 11.88 -35.68 -9.17
CA ARG C 241 12.47 -34.66 -10.04
C ARG C 241 12.48 -33.25 -9.40
N GLY C 242 11.66 -33.03 -8.37
CA GLY C 242 11.54 -31.73 -7.70
C GLY C 242 10.44 -30.84 -8.24
N ASP C 243 9.69 -31.33 -9.26
CA ASP C 243 8.58 -30.58 -9.86
C ASP C 243 7.34 -30.50 -8.93
N ARG C 244 7.19 -31.47 -8.04
CA ARG C 244 6.14 -31.52 -7.03
C ARG C 244 6.78 -31.83 -5.66
N ARG C 245 6.10 -31.45 -4.59
CA ARG C 245 6.56 -31.69 -3.23
C ARG C 245 5.56 -32.55 -2.45
N PHE C 246 4.27 -32.38 -2.72
CA PHE C 246 3.19 -33.04 -2.01
C PHE C 246 3.15 -34.52 -2.24
N SER C 247 2.69 -35.27 -1.23
CA SER C 247 2.44 -36.70 -1.40
C SER C 247 1.18 -36.79 -2.31
N HIS C 248 0.98 -37.95 -2.95
CA HIS C 248 -0.17 -38.13 -3.85
C HIS C 248 -1.51 -37.84 -3.14
N ARG C 249 -1.68 -38.33 -1.90
CA ARG C 249 -2.92 -38.12 -1.13
C ARG C 249 -3.10 -36.67 -0.66
N ALA C 250 -2.00 -35.94 -0.37
CA ALA C 250 -2.11 -34.52 0.02
C ALA C 250 -2.62 -33.71 -1.17
N LEU C 251 -2.11 -34.03 -2.39
CA LEU C 251 -2.54 -33.37 -3.62
C LEU C 251 -4.02 -33.67 -3.92
N GLN C 252 -4.50 -34.91 -3.66
CA GLN C 252 -5.92 -35.26 -3.88
C GLN C 252 -6.80 -34.41 -2.96
N GLY C 253 -6.38 -34.24 -1.71
CA GLY C 253 -7.11 -33.41 -0.75
C GLY C 253 -7.13 -31.95 -1.14
N ALA C 254 -5.99 -31.42 -1.62
CA ALA C 254 -5.89 -30.03 -2.06
C ALA C 254 -6.78 -29.78 -3.28
N ILE C 255 -6.80 -30.73 -4.23
CA ILE C 255 -7.64 -30.63 -5.42
C ILE C 255 -9.12 -30.61 -5.01
N MET C 256 -9.49 -31.51 -4.10
CA MET C 256 -10.87 -31.60 -3.65
C MET C 256 -11.36 -30.29 -3.02
N ILE C 257 -10.50 -29.70 -2.18
CA ILE C 257 -10.77 -28.42 -1.54
C ILE C 257 -11.01 -27.32 -2.58
N THR C 258 -10.17 -27.21 -3.63
CA THR C 258 -10.40 -26.18 -4.68
C THR C 258 -11.70 -26.41 -5.47
N PHE C 259 -12.13 -27.65 -5.62
CA PHE C 259 -13.35 -27.96 -6.37
C PHE C 259 -14.62 -27.51 -5.64
N TYR C 260 -14.63 -27.65 -4.31
CA TYR C 260 -15.79 -27.31 -3.49
C TYR C 260 -15.61 -26.08 -2.62
N ARG C 261 -14.71 -25.15 -2.99
CA ARG C 261 -14.44 -23.94 -2.21
C ARG C 261 -15.68 -23.09 -1.88
N ASP C 262 -16.72 -23.12 -2.74
CA ASP C 262 -18.00 -22.44 -2.52
C ASP C 262 -18.83 -23.05 -1.37
N GLU C 263 -18.54 -24.29 -1.00
CA GLU C 263 -19.30 -24.99 0.03
C GLU C 263 -18.80 -24.62 1.39
N PRO C 264 -19.72 -24.33 2.31
CA PRO C 264 -19.32 -23.98 3.69
C PRO C 264 -18.31 -24.90 4.36
N ARG C 265 -18.41 -26.21 4.15
CA ARG C 265 -17.50 -27.19 4.74
C ARG C 265 -16.07 -27.07 4.22
N PHE C 266 -15.87 -26.55 3.01
CA PHE C 266 -14.54 -26.42 2.42
C PHE C 266 -14.02 -25.00 2.32
N SER C 267 -14.83 -23.99 2.68
CA SER C 267 -14.42 -22.59 2.53
C SER C 267 -13.21 -22.18 3.40
N GLN C 268 -13.20 -22.56 4.68
CA GLN C 268 -12.07 -22.27 5.56
C GLN C 268 -10.84 -23.12 5.20
N PRO C 269 -10.95 -24.45 4.91
CA PRO C 269 -9.78 -25.19 4.40
C PRO C 269 -9.19 -24.53 3.13
N HIS C 270 -10.04 -23.97 2.25
CA HIS C 270 -9.56 -23.30 1.03
C HIS C 270 -8.87 -21.96 1.36
N GLN C 271 -9.44 -21.19 2.28
CA GLN C 271 -8.83 -19.94 2.74
C GLN C 271 -7.45 -20.21 3.36
N LEU C 272 -7.31 -21.33 4.07
CA LEU C 272 -6.04 -21.74 4.67
C LEU C 272 -4.99 -21.94 3.56
N LEU C 273 -5.38 -22.65 2.46
CA LEU C 273 -4.48 -22.88 1.33
C LEU C 273 -4.11 -21.58 0.63
N THR C 274 -5.10 -20.71 0.41
CA THR C 274 -4.94 -19.41 -0.23
C THR C 274 -3.90 -18.56 0.54
N LEU C 275 -4.01 -18.51 1.87
CA LEU C 275 -3.08 -17.76 2.70
C LEU C 275 -1.67 -18.32 2.69
N LEU C 276 -1.51 -19.65 2.54
CA LEU C 276 -0.19 -20.28 2.42
C LEU C 276 0.48 -19.82 1.10
N MET C 277 -0.32 -19.71 0.03
CA MET C 277 0.18 -19.22 -1.27
C MET C 277 0.53 -17.74 -1.15
N ASP C 278 -0.29 -16.96 -0.46
CA ASP C 278 -0.02 -15.53 -0.27
C ASP C 278 1.29 -15.30 0.49
N ILE C 279 1.55 -16.12 1.54
CA ILE C 279 2.78 -16.05 2.33
C ILE C 279 3.99 -16.36 1.44
N ASP C 280 3.91 -17.43 0.66
CA ASP C 280 4.94 -17.87 -0.28
C ASP C 280 5.25 -16.74 -1.29
N SER C 281 4.21 -16.17 -1.88
CA SER C 281 4.28 -15.11 -2.86
C SER C 281 4.89 -13.80 -2.26
N LEU C 282 4.50 -13.46 -1.03
CA LEU C 282 5.02 -12.28 -0.33
C LEU C 282 6.48 -12.42 0.05
N ILE C 283 6.93 -13.66 0.36
CA ILE C 283 8.35 -13.87 0.65
C ILE C 283 9.18 -13.64 -0.61
N THR C 284 8.67 -14.09 -1.77
CA THR C 284 9.32 -13.87 -3.06
C THR C 284 9.36 -12.38 -3.37
N LYS C 285 8.27 -11.66 -3.07
CA LYS C 285 8.21 -10.21 -3.31
C LYS C 285 9.22 -9.49 -2.43
N TRP C 286 9.42 -9.94 -1.19
CA TRP C 286 10.44 -9.37 -0.32
C TRP C 286 11.82 -9.64 -0.95
N ARG C 287 12.08 -10.89 -1.39
CA ARG C 287 13.36 -11.25 -2.01
C ARG C 287 13.65 -10.37 -3.23
N TYR C 288 12.62 -10.11 -4.06
CA TYR C 288 12.79 -9.31 -5.26
C TYR C 288 13.11 -7.88 -4.90
N ASN C 289 12.36 -7.32 -3.95
CA ASN C 289 12.57 -5.94 -3.53
C ASN C 289 13.92 -5.73 -2.85
N HIS C 290 14.36 -6.74 -2.10
CA HIS C 290 15.66 -6.73 -1.43
C HIS C 290 16.78 -6.76 -2.47
N VAL C 291 16.70 -7.66 -3.47
CA VAL C 291 17.74 -7.72 -4.49
C VAL C 291 17.80 -6.41 -5.34
N ILE C 292 16.66 -5.75 -5.60
CA ILE C 292 16.67 -4.49 -6.33
C ILE C 292 17.35 -3.41 -5.48
N MET C 293 17.03 -3.35 -4.18
CA MET C 293 17.65 -2.39 -3.25
C MET C 293 19.16 -2.63 -3.19
N VAL C 294 19.60 -3.91 -3.07
CA VAL C 294 21.01 -4.32 -3.03
C VAL C 294 21.72 -3.79 -4.28
N GLN C 295 21.13 -3.99 -5.45
CA GLN C 295 21.69 -3.50 -6.69
C GLN C 295 21.73 -1.98 -6.77
N ARG C 296 20.72 -1.28 -6.24
CA ARG C 296 20.72 0.19 -6.21
C ARG C 296 21.84 0.71 -5.29
N MET C 297 22.16 -0.04 -4.21
CA MET C 297 23.18 0.35 -3.24
C MET C 297 24.60 0.06 -3.67
N ILE C 298 24.87 -1.18 -4.12
CA ILE C 298 26.22 -1.63 -4.44
C ILE C 298 26.37 -2.31 -5.79
N GLY C 299 25.36 -2.23 -6.65
CA GLY C 299 25.39 -2.89 -7.94
C GLY C 299 25.45 -4.40 -7.79
N SER C 300 25.98 -5.08 -8.80
CA SER C 300 26.16 -6.53 -8.75
C SER C 300 27.40 -6.92 -7.93
N GLN C 301 28.35 -5.97 -7.74
CA GLN C 301 29.57 -6.18 -6.96
C GLN C 301 30.16 -4.83 -6.56
N GLN C 302 30.80 -4.81 -5.41
CA GLN C 302 31.45 -3.60 -4.89
C GLN C 302 32.65 -3.96 -4.03
N LEU C 303 33.45 -2.95 -3.63
CA LEU C 303 34.61 -3.17 -2.77
C LEU C 303 34.12 -3.73 -1.44
N GLY C 304 34.65 -4.88 -1.07
CA GLY C 304 34.25 -5.63 0.12
C GLY C 304 33.37 -6.83 -0.19
N THR C 305 32.86 -6.96 -1.44
CA THR C 305 31.97 -8.08 -1.80
C THR C 305 32.71 -9.32 -2.34
N GLY C 306 33.91 -9.13 -2.85
CA GLY C 306 34.70 -10.21 -3.42
C GLY C 306 34.13 -10.79 -4.69
N GLY C 307 33.52 -9.93 -5.51
CA GLY C 307 32.90 -10.34 -6.75
C GLY C 307 31.38 -10.28 -6.70
N SER C 308 30.70 -10.87 -7.68
CA SER C 308 29.25 -10.83 -7.78
C SER C 308 28.53 -12.08 -7.24
N SER C 309 29.24 -12.94 -6.48
CA SER C 309 28.63 -14.19 -5.98
C SER C 309 27.46 -13.95 -5.02
N GLY C 310 27.55 -12.90 -4.21
CA GLY C 310 26.49 -12.54 -3.29
C GLY C 310 25.24 -12.12 -4.03
N TYR C 311 25.40 -11.27 -5.04
CA TYR C 311 24.28 -10.80 -5.86
C TYR C 311 23.68 -11.96 -6.70
N GLN C 312 24.52 -12.84 -7.23
CA GLN C 312 24.04 -13.99 -8.01
C GLN C 312 23.30 -14.98 -7.12
N TYR C 313 23.74 -15.15 -5.87
CA TYR C 313 23.04 -16.00 -4.92
C TYR C 313 21.61 -15.46 -4.66
N LEU C 314 21.49 -14.15 -4.40
CA LEU C 314 20.21 -13.53 -4.14
C LEU C 314 19.26 -13.69 -5.33
N ARG C 315 19.79 -13.58 -6.58
CA ARG C 315 19.00 -13.77 -7.79
C ARG C 315 18.51 -15.22 -7.93
N SER C 316 19.31 -16.18 -7.47
CA SER C 316 18.93 -17.59 -7.51
C SER C 316 17.79 -17.93 -6.52
N THR C 317 17.63 -17.12 -5.45
CA THR C 317 16.56 -17.30 -4.49
C THR C 317 15.20 -16.91 -5.09
N LEU C 318 15.17 -16.23 -6.27
CA LEU C 318 13.95 -15.88 -6.96
C LEU C 318 13.37 -17.04 -7.82
N SER C 319 14.03 -18.22 -7.83
CA SER C 319 13.56 -19.38 -8.58
C SER C 319 12.43 -20.16 -7.87
N ASP C 320 11.70 -21.02 -8.63
CA ASP C 320 10.63 -21.87 -8.08
C ASP C 320 11.15 -22.92 -7.08
N ARG C 321 12.46 -23.21 -7.08
CA ARG C 321 13.05 -24.11 -6.11
C ARG C 321 12.89 -23.57 -4.67
N TYR C 322 12.72 -22.23 -4.52
CA TYR C 322 12.54 -21.58 -3.23
C TYR C 322 11.07 -21.42 -2.82
N LYS C 323 10.12 -21.58 -3.76
CA LYS C 323 8.70 -21.52 -3.43
C LYS C 323 8.33 -22.85 -2.76
N VAL C 324 7.69 -22.80 -1.60
CA VAL C 324 7.33 -23.96 -0.80
C VAL C 324 6.08 -24.68 -1.30
N PHE C 325 5.02 -23.92 -1.56
CA PHE C 325 3.73 -24.47 -1.94
C PHE C 325 3.44 -24.37 -3.42
N LEU C 326 4.45 -24.66 -4.24
CA LEU C 326 4.41 -24.69 -5.70
C LEU C 326 3.23 -25.53 -6.21
N ASP C 327 2.93 -26.64 -5.50
CA ASP C 327 1.82 -27.54 -5.83
C ASP C 327 0.47 -26.82 -5.77
N LEU C 328 0.29 -25.92 -4.80
CA LEU C 328 -0.96 -25.19 -4.65
C LEU C 328 -1.21 -24.21 -5.79
N PHE C 329 -0.16 -23.58 -6.32
CA PHE C 329 -0.29 -22.61 -7.42
C PHE C 329 -0.75 -23.25 -8.74
N ASN C 330 -0.48 -24.54 -8.93
CA ASN C 330 -0.86 -25.23 -10.16
C ASN C 330 -2.24 -25.92 -10.13
N LEU C 331 -2.88 -26.03 -8.97
CA LEU C 331 -4.16 -26.75 -8.81
C LEU C 331 -5.24 -26.48 -9.87
N SER C 332 -5.37 -25.24 -10.39
CA SER C 332 -6.38 -24.94 -11.40
C SER C 332 -6.14 -25.64 -12.75
N THR C 333 -4.93 -26.21 -12.97
CA THR C 333 -4.64 -26.97 -14.18
C THR C 333 -5.56 -28.19 -14.29
N PHE C 334 -5.95 -28.78 -13.14
CA PHE C 334 -6.76 -29.99 -13.03
C PHE C 334 -8.27 -29.78 -13.00
N LEU C 335 -8.71 -28.52 -12.93
CA LEU C 335 -10.13 -28.14 -12.86
C LEU C 335 -10.94 -28.56 -14.08
N ILE C 336 -12.19 -28.98 -13.82
CA ILE C 336 -13.21 -29.33 -14.81
C ILE C 336 -14.43 -28.41 -14.53
N PRO C 337 -15.32 -28.15 -15.52
CA PRO C 337 -16.48 -27.28 -15.26
C PRO C 337 -17.42 -27.75 -14.13
N ARG C 338 -18.23 -26.82 -13.56
CA ARG C 338 -19.15 -27.08 -12.45
C ARG C 338 -20.08 -28.27 -12.72
N GLU C 339 -20.62 -28.35 -13.93
CA GLU C 339 -21.53 -29.42 -14.31
C GLU C 339 -20.88 -30.80 -14.30
N ALA C 340 -19.56 -30.87 -14.52
CA ALA C 340 -18.83 -32.11 -14.53
C ALA C 340 -18.31 -32.54 -13.14
N ILE C 341 -18.31 -31.63 -12.16
CA ILE C 341 -17.82 -31.94 -10.82
C ILE C 341 -18.81 -32.84 -10.04
N PRO C 342 -18.32 -33.94 -9.44
CA PRO C 342 -19.22 -34.81 -8.67
C PRO C 342 -19.98 -34.07 -7.57
N PRO C 343 -21.32 -34.18 -7.58
CA PRO C 343 -22.11 -33.45 -6.57
C PRO C 343 -21.91 -33.99 -5.17
N LEU C 344 -21.87 -33.11 -4.15
CA LEU C 344 -21.69 -33.57 -2.76
C LEU C 344 -22.91 -34.34 -2.25
N ASP C 345 -22.69 -35.51 -1.62
CA ASP C 345 -23.76 -36.40 -1.12
C ASP C 345 -24.13 -36.15 0.35
N GLU C 346 -23.37 -36.74 1.31
CA GLU C 346 -23.57 -36.67 2.75
C GLU C 346 -24.96 -37.13 3.20
N LYS D 3 -19.70 20.68 -19.86
CA LYS D 3 -19.83 21.66 -18.78
C LYS D 3 -20.08 20.99 -17.40
N ILE D 4 -21.27 20.38 -17.16
CA ILE D 4 -21.48 19.68 -15.88
C ILE D 4 -20.81 18.29 -15.90
N TYR D 5 -20.49 17.77 -14.70
CA TYR D 5 -19.82 16.50 -14.42
C TYR D 5 -20.08 15.35 -15.46
N GLY D 6 -21.31 14.85 -15.54
CA GLY D 6 -21.68 13.73 -16.42
C GLY D 6 -21.49 13.97 -17.91
N GLU D 7 -21.69 15.21 -18.34
CA GLU D 7 -21.55 15.57 -19.74
C GLU D 7 -20.09 15.80 -20.08
N TYR D 8 -19.37 16.48 -19.18
CA TYR D 8 -17.94 16.74 -19.32
C TYR D 8 -17.15 15.43 -19.44
N LEU D 9 -17.46 14.47 -18.56
CA LEU D 9 -16.79 13.17 -18.56
C LEU D 9 -17.39 12.16 -19.54
N MET D 10 -18.42 12.55 -20.32
CA MET D 10 -19.10 11.71 -21.30
C MET D 10 -19.50 10.36 -20.74
N LEU D 11 -20.12 10.40 -19.56
CA LEU D 11 -20.53 9.18 -18.87
C LEU D 11 -21.60 8.41 -19.62
N ASP D 12 -22.42 9.07 -20.46
CA ASP D 12 -23.43 8.35 -21.25
C ASP D 12 -22.74 7.39 -22.24
N LYS D 13 -21.56 7.77 -22.75
CA LYS D 13 -20.79 6.91 -23.64
C LYS D 13 -19.92 5.93 -22.82
N LEU D 14 -19.19 6.43 -21.80
CA LEU D 14 -18.30 5.60 -20.96
C LEU D 14 -19.02 4.46 -20.22
N LEU D 15 -20.15 4.79 -19.61
CA LEU D 15 -20.97 3.84 -18.84
C LEU D 15 -21.93 3.02 -19.70
N ASP D 16 -21.77 3.06 -21.02
CA ASP D 16 -22.53 2.25 -21.96
C ASP D 16 -21.58 1.29 -22.75
N ALA D 17 -20.37 1.02 -22.23
CA ALA D 17 -19.42 0.15 -22.88
C ALA D 17 -19.24 -1.19 -22.16
N GLN D 18 -20.20 -1.57 -21.28
CA GLN D 18 -20.10 -2.81 -20.52
C GLN D 18 -21.17 -3.79 -20.98
N CYS D 19 -20.77 -4.79 -21.77
CA CYS D 19 -21.72 -5.78 -22.27
C CYS D 19 -21.31 -7.18 -21.85
N MET D 20 -22.05 -7.77 -20.92
CA MET D 20 -21.79 -9.11 -20.43
C MET D 20 -22.38 -10.11 -21.43
N LEU D 21 -21.52 -10.90 -22.08
CA LEU D 21 -21.93 -11.91 -23.05
C LEU D 21 -22.64 -13.11 -22.41
N SER D 22 -22.35 -13.41 -21.14
CA SER D 22 -23.05 -14.48 -20.42
C SER D 22 -24.51 -14.05 -20.10
N GLU D 23 -24.76 -12.74 -19.95
CA GLU D 23 -26.10 -12.20 -19.71
C GLU D 23 -26.91 -12.24 -21.02
N GLU D 24 -26.24 -11.90 -22.15
CA GLU D 24 -26.80 -11.92 -23.51
C GLU D 24 -27.26 -13.35 -23.87
N ASP D 25 -26.49 -14.37 -23.43
CA ASP D 25 -26.78 -15.78 -23.68
C ASP D 25 -27.71 -16.41 -22.63
N LYS D 26 -28.27 -15.61 -21.71
CA LYS D 26 -29.20 -16.05 -20.65
C LYS D 26 -28.61 -16.99 -19.62
N ARG D 27 -27.28 -17.04 -19.51
CA ARG D 27 -26.58 -17.83 -18.49
C ARG D 27 -25.63 -16.82 -17.77
N PRO D 28 -26.15 -15.92 -16.91
CA PRO D 28 -25.28 -14.84 -16.38
C PRO D 28 -24.28 -15.25 -15.30
N VAL D 29 -23.03 -14.83 -15.50
CA VAL D 29 -21.98 -15.02 -14.51
C VAL D 29 -21.76 -13.64 -13.93
N HIS D 30 -22.17 -13.43 -12.67
CA HIS D 30 -22.04 -12.15 -11.96
C HIS D 30 -20.62 -11.53 -12.08
N ASP D 31 -19.57 -12.35 -11.92
CA ASP D 31 -18.20 -11.86 -11.96
C ASP D 31 -17.72 -11.42 -13.34
N GLU D 32 -18.49 -11.67 -14.42
CA GLU D 32 -18.11 -11.17 -15.74
C GLU D 32 -18.10 -9.64 -15.74
N HIS D 33 -19.00 -8.99 -14.96
CA HIS D 33 -19.03 -7.52 -14.85
C HIS D 33 -17.69 -7.01 -14.28
N LEU D 34 -17.15 -7.71 -13.25
CA LEU D 34 -15.86 -7.36 -12.65
C LEU D 34 -14.74 -7.46 -13.66
N PHE D 35 -14.75 -8.54 -14.45
CA PHE D 35 -13.78 -8.83 -15.50
C PHE D 35 -13.72 -7.68 -16.49
N ILE D 36 -14.88 -7.20 -16.95
CA ILE D 36 -14.95 -6.10 -17.90
C ILE D 36 -14.43 -4.79 -17.29
N ILE D 37 -14.96 -4.38 -16.12
CA ILE D 37 -14.59 -3.14 -15.45
C ILE D 37 -13.11 -3.06 -15.15
N THR D 38 -12.52 -4.16 -14.61
CA THR D 38 -11.10 -4.18 -14.28
C THR D 38 -10.25 -3.89 -15.52
N HIS D 39 -10.54 -4.58 -16.64
CA HIS D 39 -9.82 -4.38 -17.89
C HIS D 39 -10.00 -2.98 -18.41
N GLN D 40 -11.23 -2.45 -18.35
CA GLN D 40 -11.49 -1.10 -18.82
C GLN D 40 -10.78 -0.03 -17.98
N ALA D 41 -10.63 -0.28 -16.66
CA ALA D 41 -9.90 0.66 -15.80
C ALA D 41 -8.42 0.63 -16.21
N TYR D 42 -7.87 -0.57 -16.51
CA TYR D 42 -6.49 -0.71 -17.00
C TYR D 42 -6.32 0.09 -18.30
N GLU D 43 -7.24 -0.07 -19.25
CA GLU D 43 -7.19 0.63 -20.54
C GLU D 43 -7.33 2.14 -20.42
N LEU D 44 -8.11 2.64 -19.43
CA LEU D 44 -8.19 4.09 -19.22
C LEU D 44 -6.83 4.61 -18.74
N TRP D 45 -6.19 3.87 -17.79
CA TRP D 45 -4.88 4.26 -17.26
C TRP D 45 -3.75 4.06 -18.27
N PHE D 46 -3.90 3.08 -19.21
CA PHE D 46 -2.93 2.87 -20.29
C PHE D 46 -2.95 4.08 -21.21
N LYS D 47 -4.15 4.64 -21.49
CA LYS D 47 -4.29 5.84 -22.31
C LYS D 47 -3.61 7.00 -21.64
N GLN D 48 -3.78 7.14 -20.32
CA GLN D 48 -3.10 8.19 -19.56
C GLN D 48 -1.57 8.05 -19.66
N ILE D 49 -1.05 6.82 -19.48
CA ILE D 49 0.40 6.58 -19.52
C ILE D 49 0.96 6.93 -20.91
N ILE D 50 0.24 6.53 -21.98
CA ILE D 50 0.63 6.86 -23.35
C ILE D 50 0.64 8.39 -23.55
N PHE D 51 -0.39 9.07 -23.07
CA PHE D 51 -0.47 10.53 -23.15
C PHE D 51 0.72 11.20 -22.42
N GLU D 52 1.11 10.67 -21.25
CA GLU D 52 2.25 11.19 -20.50
C GLU D 52 3.54 10.90 -21.27
N PHE D 53 3.76 9.63 -21.67
CA PHE D 53 4.94 9.18 -22.40
C PHE D 53 5.16 9.97 -23.69
N ASP D 54 4.09 10.23 -24.46
CA ASP D 54 4.23 10.99 -25.70
C ASP D 54 4.65 12.43 -25.44
N SER D 55 4.12 13.05 -24.37
CA SER D 55 4.50 14.42 -24.04
C SER D 55 5.96 14.50 -23.56
N ILE D 56 6.42 13.48 -22.84
CA ILE D 56 7.81 13.40 -22.37
C ILE D 56 8.76 13.17 -23.54
N ARG D 57 8.36 12.28 -24.47
CA ARG D 57 9.14 12.00 -25.69
C ARG D 57 9.34 13.29 -26.49
N ASP D 58 8.27 14.09 -26.63
CA ASP D 58 8.32 15.37 -27.34
C ASP D 58 9.22 16.40 -26.63
N MET D 59 9.16 16.48 -25.29
CA MET D 59 10.03 17.40 -24.53
C MET D 59 11.51 16.95 -24.62
N LEU D 60 11.77 15.63 -24.71
CA LEU D 60 13.14 15.13 -24.82
C LEU D 60 13.71 15.23 -26.24
N ASP D 61 12.84 15.35 -27.26
CA ASP D 61 13.27 15.46 -28.65
C ASP D 61 13.59 16.93 -28.95
N ALA D 62 14.63 17.45 -28.31
CA ALA D 62 15.09 18.82 -28.44
C ALA D 62 16.60 18.86 -28.08
N GLU D 63 17.34 19.83 -28.66
CA GLU D 63 18.77 19.96 -28.39
C GLU D 63 19.02 20.49 -26.97
N VAL D 64 18.20 21.46 -26.55
CA VAL D 64 18.36 22.03 -25.22
C VAL D 64 17.19 21.61 -24.31
N ILE D 65 17.50 20.96 -23.20
CA ILE D 65 16.52 20.53 -22.21
C ILE D 65 16.88 21.26 -20.90
N ASP D 66 16.20 22.38 -20.66
CA ASP D 66 16.48 23.20 -19.49
C ASP D 66 15.92 22.62 -18.16
N GLU D 67 16.27 23.25 -17.04
CA GLU D 67 15.86 22.83 -15.71
C GLU D 67 14.35 22.84 -15.55
N THR D 68 13.68 23.84 -16.15
CA THR D 68 12.22 23.97 -16.07
C THR D 68 11.55 22.77 -16.73
N LYS D 69 12.01 22.38 -17.93
CA LYS D 69 11.44 21.22 -18.63
C LYS D 69 11.79 19.92 -17.94
N THR D 70 12.99 19.84 -17.34
CA THR D 70 13.43 18.67 -16.60
C THR D 70 12.49 18.41 -15.42
N LEU D 71 12.07 19.48 -14.70
CA LEU D 71 11.14 19.40 -13.57
C LEU D 71 9.79 18.84 -14.02
N GLU D 72 9.31 19.28 -15.20
CA GLU D 72 8.04 18.82 -15.72
C GLU D 72 8.13 17.36 -16.16
N ILE D 73 9.26 16.92 -16.71
CA ILE D 73 9.44 15.52 -17.09
C ILE D 73 9.41 14.64 -15.82
N VAL D 74 10.09 15.09 -14.75
CA VAL D 74 10.12 14.39 -13.47
C VAL D 74 8.69 14.26 -12.87
N LYS D 75 7.90 15.32 -12.97
CA LYS D 75 6.53 15.29 -12.50
C LYS D 75 5.69 14.22 -13.23
N ARG D 76 5.83 14.17 -14.55
CA ARG D 76 5.07 13.23 -15.37
C ARG D 76 5.56 11.80 -15.19
N LEU D 77 6.88 11.58 -15.01
CA LEU D 77 7.43 10.25 -14.78
C LEU D 77 6.97 9.74 -13.42
N ASN D 78 6.97 10.61 -12.40
CA ASN D 78 6.52 10.26 -11.07
C ASN D 78 5.02 9.90 -11.11
N ARG D 79 4.22 10.64 -11.88
CA ARG D 79 2.80 10.38 -12.04
C ARG D 79 2.58 8.98 -12.66
N VAL D 80 3.40 8.59 -13.64
CA VAL D 80 3.34 7.26 -14.25
C VAL D 80 3.67 6.17 -13.21
N VAL D 81 4.63 6.43 -12.31
CA VAL D 81 4.99 5.51 -11.21
C VAL D 81 3.79 5.29 -10.29
N LEU D 82 3.06 6.36 -9.94
CA LEU D 82 1.85 6.25 -9.11
C LEU D 82 0.77 5.47 -9.83
N ILE D 83 0.58 5.68 -11.14
CA ILE D 83 -0.43 4.97 -11.90
C ILE D 83 -0.08 3.47 -12.00
N LEU D 84 1.20 3.16 -12.21
CA LEU D 84 1.64 1.77 -12.30
C LEU D 84 1.45 1.07 -10.96
N LYS D 85 1.69 1.79 -9.83
CA LYS D 85 1.47 1.20 -8.50
C LYS D 85 -0.01 0.85 -8.32
N LEU D 86 -0.89 1.74 -8.79
CA LEU D 86 -2.32 1.52 -8.75
C LEU D 86 -2.72 0.32 -9.64
N LEU D 87 -2.11 0.18 -10.83
CA LEU D 87 -2.42 -0.95 -11.73
C LEU D 87 -1.95 -2.31 -11.16
N VAL D 88 -0.84 -2.32 -10.42
CA VAL D 88 -0.37 -3.53 -9.76
C VAL D 88 -1.40 -3.95 -8.68
N ASP D 89 -1.98 -2.96 -7.97
CA ASP D 89 -3.00 -3.22 -6.96
C ASP D 89 -4.35 -3.64 -7.52
N GLN D 90 -4.59 -3.47 -8.84
CA GLN D 90 -5.86 -3.92 -9.43
C GLN D 90 -5.91 -5.46 -9.60
N VAL D 91 -4.75 -6.14 -9.57
CA VAL D 91 -4.70 -7.59 -9.73
C VAL D 91 -5.45 -8.33 -8.60
N PRO D 92 -5.22 -8.03 -7.29
CA PRO D 92 -6.00 -8.74 -6.25
C PRO D 92 -7.52 -8.55 -6.34
N ILE D 93 -7.98 -7.44 -6.95
CA ILE D 93 -9.41 -7.23 -7.13
C ILE D 93 -9.96 -8.30 -8.10
N LEU D 94 -9.26 -8.56 -9.23
CA LEU D 94 -9.72 -9.60 -10.16
C LEU D 94 -9.51 -11.03 -9.59
N GLU D 95 -8.48 -11.23 -8.75
CA GLU D 95 -8.23 -12.51 -8.07
C GLU D 95 -9.36 -12.95 -7.11
N THR D 96 -10.27 -12.06 -6.82
CA THR D 96 -11.46 -12.26 -6.01
C THR D 96 -12.51 -13.16 -6.80
N MET D 97 -12.38 -13.24 -8.16
CA MET D 97 -13.23 -14.07 -9.01
C MET D 97 -12.71 -15.50 -8.95
N THR D 98 -13.59 -16.47 -8.68
CA THR D 98 -13.17 -17.87 -8.61
C THR D 98 -12.86 -18.47 -10.01
N PRO D 99 -11.93 -19.44 -10.07
CA PRO D 99 -11.62 -20.11 -11.35
C PRO D 99 -12.85 -20.74 -12.03
N LEU D 100 -13.78 -21.31 -11.23
CA LEU D 100 -15.01 -21.92 -11.74
C LEU D 100 -15.95 -20.91 -12.34
N ASP D 101 -16.00 -19.69 -11.79
CA ASP D 101 -16.82 -18.61 -12.34
C ASP D 101 -16.23 -18.13 -13.64
N PHE D 102 -14.89 -18.00 -13.70
CA PHE D 102 -14.23 -17.58 -14.91
C PHE D 102 -14.45 -18.64 -16.03
N MET D 103 -14.38 -19.93 -15.67
CA MET D 103 -14.60 -21.06 -16.56
C MET D 103 -16.00 -21.02 -17.19
N ASP D 104 -16.99 -20.49 -16.47
CA ASP D 104 -18.37 -20.39 -16.96
C ASP D 104 -18.62 -19.29 -17.98
N PHE D 105 -17.65 -18.38 -18.20
CA PHE D 105 -17.83 -17.33 -19.21
C PHE D 105 -16.65 -17.23 -20.18
N ARG D 106 -15.54 -17.98 -19.97
CA ARG D 106 -14.39 -17.83 -20.88
C ARG D 106 -14.67 -18.36 -22.32
N LYS D 107 -15.80 -19.06 -22.54
CA LYS D 107 -16.22 -19.53 -23.85
C LYS D 107 -16.56 -18.36 -24.78
N TYR D 108 -17.01 -17.22 -24.21
CA TYR D 108 -17.32 -16.02 -24.99
C TYR D 108 -16.09 -15.14 -25.28
N LEU D 109 -14.89 -15.58 -24.90
CA LEU D 109 -13.66 -14.84 -25.09
C LEU D 109 -12.84 -15.49 -26.20
N ALA D 110 -12.24 -14.69 -27.09
CA ALA D 110 -11.43 -15.22 -28.19
C ALA D 110 -9.97 -14.89 -27.98
N PRO D 111 -9.06 -15.85 -28.29
CA PRO D 111 -7.64 -15.59 -28.11
C PRO D 111 -7.08 -14.60 -29.13
N ALA D 112 -5.86 -14.13 -28.90
CA ALA D 112 -5.23 -13.17 -29.78
C ALA D 112 -4.14 -13.81 -30.67
N SER D 113 -4.10 -13.40 -31.95
CA SER D 113 -3.10 -13.89 -32.90
C SER D 113 -1.73 -13.17 -32.77
N GLY D 114 -1.75 -11.96 -32.19
CA GLY D 114 -0.54 -11.17 -31.96
C GLY D 114 -0.46 -10.71 -30.51
N PHE D 115 -0.49 -9.40 -30.29
CA PHE D 115 -0.45 -8.85 -28.93
C PHE D 115 -1.84 -8.92 -28.26
N GLN D 116 -1.89 -8.92 -26.92
CA GLN D 116 -3.16 -8.96 -26.22
C GLN D 116 -3.88 -7.61 -26.21
N SER D 117 -3.18 -6.56 -25.79
CA SER D 117 -3.74 -5.22 -25.72
C SER D 117 -2.95 -4.27 -26.64
N LEU D 118 -3.64 -3.50 -27.49
CA LEU D 118 -2.97 -2.54 -28.37
C LEU D 118 -2.20 -1.49 -27.52
N GLN D 119 -2.88 -0.91 -26.51
CA GLN D 119 -2.29 0.12 -25.66
C GLN D 119 -1.15 -0.35 -24.84
N PHE D 120 -1.21 -1.59 -24.33
CA PHE D 120 -0.10 -2.15 -23.55
C PHE D 120 1.15 -2.30 -24.42
N ARG D 121 0.96 -2.72 -25.69
CA ARG D 121 2.06 -2.84 -26.65
C ARG D 121 2.62 -1.48 -27.00
N LEU D 122 1.75 -0.48 -27.17
CA LEU D 122 2.20 0.89 -27.43
C LEU D 122 3.06 1.41 -26.27
N ILE D 123 2.67 1.09 -25.01
CA ILE D 123 3.46 1.49 -23.84
C ILE D 123 4.85 0.83 -23.89
N GLU D 124 4.90 -0.49 -24.17
CA GLU D 124 6.14 -1.25 -24.26
C GLU D 124 7.07 -0.65 -25.31
N ASN D 125 6.54 -0.39 -26.53
CA ASN D 125 7.34 0.17 -27.62
C ASN D 125 7.80 1.59 -27.33
N LYS D 126 6.90 2.44 -26.77
CA LYS D 126 7.25 3.81 -26.45
C LYS D 126 8.29 3.91 -25.32
N LEU D 127 8.30 2.93 -24.40
CA LEU D 127 9.30 2.92 -23.33
C LEU D 127 10.65 2.47 -23.92
N GLY D 128 10.62 1.43 -24.75
CA GLY D 128 11.81 0.91 -25.41
C GLY D 128 12.02 -0.58 -25.28
N VAL D 129 10.94 -1.35 -25.07
CA VAL D 129 11.01 -2.82 -24.98
C VAL D 129 11.43 -3.35 -26.36
N LEU D 130 12.51 -4.14 -26.40
CA LEU D 130 13.09 -4.58 -27.67
C LEU D 130 12.26 -5.56 -28.47
N THR D 131 12.03 -5.24 -29.75
CA THR D 131 11.27 -6.07 -30.70
C THR D 131 12.02 -7.38 -31.00
N GLU D 132 13.37 -7.30 -31.06
CA GLU D 132 14.23 -8.48 -31.29
C GLU D 132 14.42 -9.33 -30.00
N GLN D 133 14.19 -8.74 -28.81
CA GLN D 133 14.32 -9.46 -27.56
C GLN D 133 12.95 -9.91 -27.04
N ARG D 134 12.17 -10.58 -27.90
CA ARG D 134 10.85 -11.10 -27.56
C ARG D 134 10.79 -12.60 -27.85
N GLU D 148 -6.61 -0.69 -39.55
CA GLU D 148 -5.44 -0.04 -40.14
C GLU D 148 -4.88 1.09 -39.26
N GLU D 149 -5.73 1.70 -38.41
CA GLU D 149 -5.27 2.73 -37.48
C GLU D 149 -4.42 2.08 -36.36
N ALA D 150 -4.71 0.83 -35.98
CA ALA D 150 -3.97 0.09 -34.98
C ALA D 150 -2.60 -0.34 -35.53
N ARG D 151 -2.56 -0.76 -36.81
CA ARG D 151 -1.31 -1.15 -37.46
C ARG D 151 -0.38 0.06 -37.59
N ASN D 152 -0.95 1.23 -37.90
CA ASN D 152 -0.24 2.50 -38.01
C ASN D 152 0.37 2.90 -36.66
N SER D 153 -0.39 2.72 -35.57
CA SER D 153 0.07 3.06 -34.22
C SER D 153 1.27 2.20 -33.85
N ILE D 154 1.21 0.90 -34.15
CA ILE D 154 2.29 -0.03 -33.87
C ILE D 154 3.54 0.34 -34.66
N ARG D 155 3.38 0.62 -35.97
CA ARG D 155 4.49 1.02 -36.82
C ARG D 155 5.16 2.30 -36.30
N ASN D 156 4.36 3.34 -36.00
CA ASN D 156 4.90 4.59 -35.48
C ASN D 156 5.60 4.41 -34.14
N SER D 157 5.07 3.53 -33.27
CA SER D 157 5.71 3.27 -31.98
C SER D 157 7.08 2.55 -32.13
N GLU D 158 7.26 1.80 -33.23
CA GLU D 158 8.49 1.07 -33.53
C GLU D 158 9.51 1.97 -34.25
N LYS D 159 9.05 2.87 -35.13
CA LYS D 159 9.94 3.75 -35.89
C LYS D 159 10.35 5.01 -35.11
N ASP D 160 9.39 5.67 -34.46
CA ASP D 160 9.65 6.90 -33.71
C ASP D 160 10.55 6.63 -32.49
N PRO D 161 11.40 7.60 -32.09
CA PRO D 161 12.31 7.35 -30.95
C PRO D 161 11.59 7.00 -29.67
N SER D 162 12.02 5.94 -29.04
CA SER D 162 11.48 5.51 -27.77
C SER D 162 12.10 6.34 -26.61
N LEU D 163 11.58 6.21 -25.38
CA LEU D 163 12.15 6.91 -24.22
C LEU D 163 13.59 6.44 -24.01
N LEU D 164 13.86 5.13 -24.21
CA LEU D 164 15.22 4.58 -24.09
C LEU D 164 16.23 5.38 -24.97
N GLU D 165 15.90 5.60 -26.25
CA GLU D 165 16.75 6.33 -27.19
C GLU D 165 16.89 7.80 -26.84
N LEU D 166 15.76 8.47 -26.51
CA LEU D 166 15.75 9.90 -26.18
C LEU D 166 16.52 10.22 -24.88
N VAL D 167 16.41 9.34 -23.89
CA VAL D 167 17.14 9.48 -22.63
C VAL D 167 18.65 9.33 -22.91
N GLN D 168 19.04 8.40 -23.82
CA GLN D 168 20.44 8.23 -24.22
C GLN D 168 21.01 9.48 -24.86
N ARG D 169 20.25 10.13 -25.75
CA ARG D 169 20.71 11.37 -26.40
C ARG D 169 20.90 12.46 -25.36
N TRP D 170 19.98 12.56 -24.38
CA TRP D 170 20.04 13.51 -23.29
C TRP D 170 21.27 13.25 -22.41
N LEU D 171 21.54 11.99 -22.07
CA LEU D 171 22.69 11.58 -21.27
C LEU D 171 24.03 11.87 -21.99
N GLU D 172 24.05 11.70 -23.32
CA GLU D 172 25.25 11.96 -24.14
C GLU D 172 25.65 13.44 -24.10
N ARG D 173 24.68 14.35 -23.90
CA ARG D 173 24.93 15.78 -23.84
C ARG D 173 25.05 16.28 -22.39
N THR D 174 25.42 15.38 -21.43
CA THR D 174 25.57 15.76 -20.03
C THR D 174 26.75 16.71 -19.88
N PRO D 175 26.51 17.91 -19.32
CA PRO D 175 27.64 18.84 -19.11
C PRO D 175 28.56 18.29 -18.03
N GLY D 176 29.82 18.21 -18.37
CA GLY D 176 30.84 17.65 -17.50
C GLY D 176 31.70 16.64 -18.21
N LEU D 177 31.18 16.04 -19.29
CA LEU D 177 31.85 15.02 -20.08
C LEU D 177 32.84 15.58 -21.11
N GLU D 178 32.64 16.84 -21.56
CA GLU D 178 33.51 17.42 -22.59
C GLU D 178 34.96 17.57 -22.13
N GLU D 179 35.89 17.12 -22.98
CA GLU D 179 37.34 17.15 -22.74
C GLU D 179 37.89 18.55 -22.49
N SER D 180 37.33 19.55 -23.19
CA SER D 180 37.77 20.93 -23.02
C SER D 180 37.29 21.56 -21.70
N GLY D 181 36.21 21.02 -21.12
CA GLY D 181 35.64 21.50 -19.88
C GLY D 181 36.02 20.67 -18.67
N PHE D 182 35.00 20.18 -17.93
CA PHE D 182 35.22 19.38 -16.70
C PHE D 182 35.99 18.08 -16.97
N ASN D 183 35.80 17.48 -18.16
CA ASN D 183 36.50 16.26 -18.57
C ASN D 183 36.39 15.14 -17.53
N PHE D 184 35.16 14.87 -17.08
CA PHE D 184 34.88 13.88 -16.03
C PHE D 184 35.50 12.50 -16.25
N TRP D 185 35.30 11.90 -17.42
CA TRP D 185 35.77 10.55 -17.71
C TRP D 185 37.26 10.36 -17.45
N ALA D 186 38.11 11.30 -17.88
CA ALA D 186 39.55 11.19 -17.63
C ALA D 186 39.88 11.35 -16.16
N LYS D 187 39.26 12.32 -15.48
CA LYS D 187 39.49 12.53 -14.05
C LYS D 187 39.07 11.29 -13.24
N PHE D 188 37.97 10.63 -13.67
CA PHE D 188 37.43 9.42 -13.06
C PHE D 188 38.41 8.23 -13.21
N GLN D 189 38.97 8.00 -14.42
CA GLN D 189 39.95 6.91 -14.59
C GLN D 189 41.19 7.17 -13.72
N GLU D 190 41.61 8.43 -13.63
CA GLU D 190 42.74 8.88 -12.83
C GLU D 190 42.49 8.62 -11.34
N SER D 191 41.29 8.96 -10.84
CA SER D 191 40.93 8.76 -9.44
C SER D 191 40.86 7.27 -9.11
N VAL D 192 40.32 6.45 -10.03
CA VAL D 192 40.21 5.00 -9.83
C VAL D 192 41.61 4.41 -9.65
N ASP D 193 42.55 4.77 -10.55
CA ASP D 193 43.93 4.30 -10.46
C ASP D 193 44.56 4.59 -9.12
N ARG D 194 44.42 5.83 -8.63
CA ARG D 194 44.97 6.24 -7.33
C ARG D 194 44.27 5.52 -6.18
N PHE D 195 42.94 5.34 -6.27
CA PHE D 195 42.15 4.66 -5.24
C PHE D 195 42.54 3.20 -5.11
N LEU D 196 42.61 2.47 -6.23
CA LEU D 196 42.98 1.06 -6.20
C LEU D 196 44.43 0.85 -5.78
N GLU D 197 45.33 1.81 -6.11
CA GLU D 197 46.74 1.78 -5.68
C GLU D 197 46.78 1.88 -4.15
N ALA D 198 46.00 2.80 -3.57
CA ALA D 198 45.92 2.98 -2.11
C ALA D 198 45.31 1.77 -1.43
N GLN D 199 44.35 1.11 -2.08
CA GLN D 199 43.73 -0.11 -1.53
C GLN D 199 44.77 -1.21 -1.47
N VAL D 200 45.60 -1.36 -2.53
CA VAL D 200 46.64 -2.38 -2.59
C VAL D 200 47.64 -2.17 -1.44
N GLN D 201 48.12 -0.93 -1.24
CA GLN D 201 49.06 -0.64 -0.17
C GLN D 201 48.48 -0.92 1.21
N SER D 202 47.20 -0.61 1.41
CA SER D 202 46.51 -0.87 2.68
C SER D 202 46.34 -2.36 2.92
N ALA D 203 46.02 -3.11 1.85
CA ALA D 203 45.85 -4.57 1.88
C ALA D 203 47.19 -5.25 2.16
N MET D 204 48.30 -4.70 1.64
CA MET D 204 49.64 -5.24 1.87
C MET D 204 50.05 -5.16 3.35
N GLU D 205 49.50 -4.20 4.10
CA GLU D 205 49.78 -4.03 5.52
C GLU D 205 48.74 -4.72 6.43
N GLU D 206 47.95 -5.65 5.88
CA GLU D 206 46.97 -6.38 6.66
C GLU D 206 47.72 -7.42 7.47
N PRO D 207 47.57 -7.39 8.80
CA PRO D 207 48.31 -8.33 9.65
C PRO D 207 47.92 -9.80 9.41
N VAL D 208 46.62 -10.07 9.21
CA VAL D 208 46.12 -11.42 8.93
C VAL D 208 46.39 -11.74 7.44
N GLU D 209 47.03 -12.88 7.15
CA GLU D 209 47.34 -13.25 5.77
C GLU D 209 46.09 -13.51 4.93
N LYS D 210 45.06 -14.13 5.53
CA LYS D 210 43.79 -14.44 4.87
C LYS D 210 43.07 -13.19 4.38
N ALA D 211 43.06 -12.14 5.22
CA ALA D 211 42.42 -10.86 4.91
C ALA D 211 43.19 -10.09 3.84
N LYS D 212 44.51 -10.24 3.81
CA LYS D 212 45.37 -9.61 2.82
C LYS D 212 45.07 -10.21 1.44
N ASN D 213 44.99 -11.55 1.38
CA ASN D 213 44.71 -12.25 0.12
C ASN D 213 43.29 -11.95 -0.40
N TYR D 214 42.32 -11.86 0.53
CA TYR D 214 40.95 -11.56 0.15
C TYR D 214 40.84 -10.16 -0.44
N ARG D 215 41.46 -9.18 0.21
CA ARG D 215 41.42 -7.80 -0.27
C ARG D 215 42.09 -7.67 -1.63
N LEU D 216 43.23 -8.35 -1.85
CA LEU D 216 43.94 -8.31 -3.12
C LEU D 216 43.08 -8.93 -4.25
N MET D 217 42.38 -10.04 -3.95
CA MET D 217 41.50 -10.64 -4.95
C MET D 217 40.29 -9.75 -5.25
N ASP D 218 39.81 -9.03 -4.24
CA ASP D 218 38.69 -8.12 -4.36
C ASP D 218 39.09 -6.86 -5.19
N ILE D 219 40.33 -6.37 -5.03
CA ILE D 219 40.85 -5.25 -5.84
C ILE D 219 40.92 -5.68 -7.33
N GLU D 220 41.27 -6.94 -7.58
CA GLU D 220 41.30 -7.50 -8.92
C GLU D 220 39.89 -7.54 -9.54
N LYS D 221 38.85 -7.83 -8.73
CA LYS D 221 37.47 -7.80 -9.23
C LYS D 221 37.10 -6.37 -9.63
N ARG D 222 37.53 -5.36 -8.83
CA ARG D 222 37.30 -3.96 -9.17
C ARG D 222 37.98 -3.60 -10.50
N ARG D 223 39.21 -4.08 -10.71
CA ARG D 223 39.92 -3.84 -11.97
C ARG D 223 39.14 -4.34 -13.19
N GLU D 224 38.53 -5.54 -13.09
CA GLU D 224 37.70 -6.09 -14.18
C GLU D 224 36.48 -5.21 -14.41
N VAL D 225 35.86 -4.72 -13.32
CA VAL D 225 34.70 -3.85 -13.37
C VAL D 225 35.04 -2.57 -14.15
N TYR D 226 36.19 -1.96 -13.82
CA TYR D 226 36.60 -0.70 -14.46
C TYR D 226 37.05 -0.91 -15.90
N ARG D 227 37.62 -2.07 -16.22
CA ARG D 227 37.96 -2.42 -17.60
C ARG D 227 36.68 -2.46 -18.46
N SER D 228 35.56 -2.96 -17.90
CA SER D 228 34.27 -3.05 -18.60
C SER D 228 33.67 -1.70 -19.01
N ILE D 229 34.12 -0.59 -18.39
CA ILE D 229 33.65 0.75 -18.75
C ILE D 229 34.75 1.63 -19.34
N PHE D 230 36.02 1.43 -18.94
CA PHE D 230 37.11 2.27 -19.46
C PHE D 230 37.62 1.80 -20.84
N ASP D 231 37.31 0.56 -21.24
CA ASP D 231 37.66 0.03 -22.55
C ASP D 231 36.37 0.00 -23.35
N PRO D 232 36.24 0.88 -24.36
CA PRO D 232 35.00 0.92 -25.14
C PRO D 232 34.68 -0.38 -25.90
N ALA D 233 35.70 -1.18 -26.23
CA ALA D 233 35.49 -2.44 -26.92
C ALA D 233 34.79 -3.47 -25.99
N VAL D 234 35.15 -3.48 -24.70
CA VAL D 234 34.51 -4.37 -23.72
C VAL D 234 33.04 -3.96 -23.53
N HIS D 235 32.79 -2.63 -23.48
CA HIS D 235 31.43 -2.09 -23.37
C HIS D 235 30.61 -2.50 -24.61
N ASP D 236 31.19 -2.35 -25.83
CA ASP D 236 30.54 -2.73 -27.09
C ASP D 236 30.17 -4.21 -27.13
N ALA D 237 31.03 -5.08 -26.60
CA ALA D 237 30.78 -6.51 -26.56
C ALA D 237 29.60 -6.84 -25.62
N LEU D 238 29.49 -6.11 -24.49
CA LEU D 238 28.38 -6.29 -23.57
C LEU D 238 27.06 -5.83 -24.18
N VAL D 239 27.09 -4.81 -25.04
CA VAL D 239 25.90 -4.30 -25.72
C VAL D 239 25.41 -5.32 -26.76
N ARG D 240 26.35 -5.93 -27.52
CA ARG D 240 26.04 -6.97 -28.51
C ARG D 240 25.42 -8.20 -27.81
N ARG D 241 25.99 -8.60 -26.68
CA ARG D 241 25.53 -9.73 -25.85
C ARG D 241 24.14 -9.49 -25.20
N GLY D 242 23.68 -8.24 -25.15
CA GLY D 242 22.41 -7.88 -24.53
C GLY D 242 22.51 -7.50 -23.05
N ASP D 243 23.73 -7.55 -22.47
CA ASP D 243 23.97 -7.19 -21.07
C ASP D 243 23.83 -5.67 -20.83
N ARG D 244 24.07 -4.87 -21.87
CA ARG D 244 23.92 -3.41 -21.83
C ARG D 244 23.13 -2.98 -23.07
N ARG D 245 22.54 -1.80 -23.02
CA ARG D 245 21.79 -1.21 -24.12
C ARG D 245 22.31 0.19 -24.48
N PHE D 246 22.81 0.92 -23.47
CA PHE D 246 23.28 2.28 -23.62
C PHE D 246 24.52 2.37 -24.47
N SER D 247 24.65 3.50 -25.18
CA SER D 247 25.89 3.81 -25.88
C SER D 247 26.94 4.10 -24.80
N HIS D 248 28.22 3.99 -25.15
CA HIS D 248 29.29 4.24 -24.20
C HIS D 248 29.20 5.67 -23.57
N ARG D 249 28.90 6.69 -24.38
CA ARG D 249 28.76 8.06 -23.88
C ARG D 249 27.51 8.28 -23.00
N ALA D 250 26.40 7.58 -23.28
CA ALA D 250 25.19 7.70 -22.44
C ALA D 250 25.48 7.11 -21.05
N LEU D 251 26.23 5.99 -21.00
CA LEU D 251 26.64 5.38 -19.76
C LEU D 251 27.58 6.30 -18.96
N GLN D 252 28.52 7.01 -19.62
CA GLN D 252 29.41 7.96 -18.94
C GLN D 252 28.58 9.07 -18.27
N GLY D 253 27.57 9.57 -18.99
CA GLY D 253 26.67 10.58 -18.48
C GLY D 253 25.86 10.09 -17.29
N ALA D 254 25.32 8.86 -17.39
CA ALA D 254 24.52 8.25 -16.33
C ALA D 254 25.37 8.04 -15.08
N ILE D 255 26.60 7.54 -15.25
CA ILE D 255 27.53 7.34 -14.14
C ILE D 255 27.83 8.68 -13.46
N MET D 256 28.14 9.71 -14.26
CA MET D 256 28.44 11.04 -13.72
C MET D 256 27.28 11.59 -12.86
N ILE D 257 26.06 11.44 -13.35
CA ILE D 257 24.87 11.86 -12.62
C ILE D 257 24.75 11.15 -11.26
N THR D 258 24.99 9.83 -11.18
CA THR D 258 24.93 9.12 -9.91
C THR D 258 26.01 9.56 -8.93
N PHE D 259 27.16 10.01 -9.45
CA PHE D 259 28.27 10.43 -8.61
C PHE D 259 27.97 11.77 -7.89
N TYR D 260 27.29 12.67 -8.58
CA TYR D 260 27.02 14.01 -8.05
C TYR D 260 25.56 14.26 -7.75
N ARG D 261 24.76 13.21 -7.49
CA ARG D 261 23.32 13.31 -7.20
C ARG D 261 22.98 14.27 -6.05
N ASP D 262 23.88 14.45 -5.07
CA ASP D 262 23.70 15.37 -3.95
C ASP D 262 23.78 16.85 -4.37
N GLU D 263 24.41 17.13 -5.52
CA GLU D 263 24.58 18.47 -6.03
C GLU D 263 23.31 18.97 -6.70
N PRO D 264 22.92 20.21 -6.38
CA PRO D 264 21.70 20.76 -7.00
C PRO D 264 21.58 20.63 -8.52
N ARG D 265 22.70 20.79 -9.25
CA ARG D 265 22.73 20.70 -10.71
C ARG D 265 22.40 19.30 -11.24
N PHE D 266 22.70 18.26 -10.46
CA PHE D 266 22.47 16.89 -10.89
C PHE D 266 21.33 16.17 -10.18
N SER D 267 20.67 16.80 -9.19
CA SER D 267 19.60 16.13 -8.43
C SER D 267 18.37 15.79 -9.27
N GLN D 268 17.91 16.73 -10.10
CA GLN D 268 16.76 16.46 -10.98
C GLN D 268 17.10 15.46 -12.09
N PRO D 269 18.27 15.58 -12.78
CA PRO D 269 18.66 14.53 -13.74
C PRO D 269 18.69 13.14 -13.08
N HIS D 270 19.16 13.05 -11.82
CA HIS D 270 19.21 11.77 -11.11
C HIS D 270 17.82 11.25 -10.78
N GLN D 271 16.92 12.16 -10.33
CA GLN D 271 15.55 11.79 -10.01
C GLN D 271 14.84 11.25 -11.27
N LEU D 272 15.15 11.82 -12.45
CA LEU D 272 14.63 11.36 -13.72
C LEU D 272 15.08 9.90 -13.97
N LEU D 273 16.36 9.57 -13.73
CA LEU D 273 16.87 8.22 -13.93
C LEU D 273 16.25 7.24 -12.94
N THR D 274 16.11 7.65 -11.67
CA THR D 274 15.49 6.85 -10.63
C THR D 274 14.05 6.48 -11.01
N LEU D 275 13.29 7.44 -11.52
CA LEU D 275 11.91 7.21 -11.91
C LEU D 275 11.78 6.27 -13.11
N LEU D 276 12.77 6.28 -14.04
CA LEU D 276 12.80 5.36 -15.19
C LEU D 276 13.01 3.93 -14.67
N MET D 277 13.86 3.76 -13.65
CA MET D 277 14.07 2.45 -13.04
C MET D 277 12.81 1.98 -12.33
N ASP D 278 12.11 2.91 -11.63
CA ASP D 278 10.89 2.59 -10.92
C ASP D 278 9.81 2.12 -11.86
N ILE D 279 9.67 2.77 -13.02
CA ILE D 279 8.70 2.43 -14.06
C ILE D 279 8.98 1.02 -14.60
N ASP D 280 10.25 0.74 -14.92
CA ASP D 280 10.72 -0.54 -15.42
C ASP D 280 10.40 -1.65 -14.42
N SER D 281 10.72 -1.40 -13.16
CA SER D 281 10.53 -2.33 -12.04
C SER D 281 9.04 -2.61 -11.79
N LEU D 282 8.20 -1.55 -11.87
CA LEU D 282 6.75 -1.66 -11.68
C LEU D 282 6.09 -2.43 -12.82
N ILE D 283 6.62 -2.31 -14.05
CA ILE D 283 6.07 -3.08 -15.17
C ILE D 283 6.35 -4.60 -14.94
N THR D 284 7.54 -4.91 -14.43
CA THR D 284 7.90 -6.29 -14.08
C THR D 284 7.02 -6.82 -12.96
N LYS D 285 6.74 -5.97 -11.96
CA LYS D 285 5.86 -6.34 -10.85
C LYS D 285 4.45 -6.60 -11.39
N TRP D 286 3.98 -5.80 -12.38
CA TRP D 286 2.67 -6.05 -12.99
C TRP D 286 2.68 -7.41 -13.71
N ARG D 287 3.74 -7.68 -14.49
CA ARG D 287 3.90 -8.93 -15.24
C ARG D 287 3.88 -10.13 -14.30
N TYR D 288 4.54 -10.00 -13.14
CA TYR D 288 4.62 -11.08 -12.17
C TYR D 288 3.26 -11.33 -11.53
N ASN D 289 2.57 -10.26 -11.13
CA ASN D 289 1.26 -10.39 -10.51
C ASN D 289 0.22 -10.93 -11.48
N HIS D 290 0.34 -10.56 -12.77
CA HIS D 290 -0.53 -11.05 -13.81
C HIS D 290 -0.31 -12.55 -14.04
N VAL D 291 0.95 -13.00 -14.13
CA VAL D 291 1.23 -14.42 -14.33
C VAL D 291 0.78 -15.28 -13.13
N ILE D 292 0.84 -14.73 -11.90
CA ILE D 292 0.37 -15.47 -10.72
C ILE D 292 -1.15 -15.59 -10.79
N MET D 293 -1.85 -14.49 -11.13
CA MET D 293 -3.30 -14.49 -11.28
C MET D 293 -3.74 -15.51 -12.36
N VAL D 294 -3.06 -15.49 -13.53
CA VAL D 294 -3.32 -16.43 -14.64
C VAL D 294 -3.23 -17.88 -14.15
N GLN D 295 -2.17 -18.20 -13.41
CA GLN D 295 -1.99 -19.55 -12.87
C GLN D 295 -3.05 -19.92 -11.82
N ARG D 296 -3.49 -18.95 -10.99
CA ARG D 296 -4.54 -19.20 -10.03
C ARG D 296 -5.86 -19.48 -10.76
N MET D 297 -6.11 -18.81 -11.90
CA MET D 297 -7.34 -18.98 -12.68
C MET D 297 -7.40 -20.25 -13.53
N ILE D 298 -6.35 -20.52 -14.35
CA ILE D 298 -6.35 -21.66 -15.27
C ILE D 298 -5.11 -22.56 -15.20
N GLY D 299 -4.31 -22.42 -14.15
CA GLY D 299 -3.07 -23.17 -14.00
C GLY D 299 -2.08 -22.84 -15.10
N SER D 300 -1.18 -23.78 -15.38
CA SER D 300 -0.23 -23.62 -16.49
C SER D 300 -0.90 -23.90 -17.87
N GLN D 301 -2.01 -24.66 -17.87
CA GLN D 301 -2.76 -25.01 -19.07
C GLN D 301 -4.17 -25.45 -18.72
N GLN D 302 -5.11 -25.26 -19.62
CA GLN D 302 -6.50 -25.62 -19.41
C GLN D 302 -7.17 -26.02 -20.73
N LEU D 303 -8.42 -26.50 -20.70
CA LEU D 303 -9.19 -26.85 -21.89
C LEU D 303 -9.38 -25.58 -22.72
N GLY D 304 -8.94 -25.63 -23.96
CA GLY D 304 -9.00 -24.50 -24.87
C GLY D 304 -7.66 -23.81 -25.07
N THR D 305 -6.69 -24.01 -24.16
CA THR D 305 -5.40 -23.33 -24.25
C THR D 305 -4.38 -24.00 -25.18
N GLY D 306 -4.58 -25.29 -25.48
CA GLY D 306 -3.71 -26.06 -26.36
C GLY D 306 -2.33 -26.27 -25.77
N GLY D 307 -2.26 -26.44 -24.47
CA GLY D 307 -0.98 -26.61 -23.79
C GLY D 307 -0.59 -25.42 -22.95
N SER D 308 0.66 -25.40 -22.50
CA SER D 308 1.19 -24.40 -21.61
C SER D 308 2.00 -23.29 -22.28
N SER D 309 1.86 -23.12 -23.61
CA SER D 309 2.64 -22.11 -24.32
C SER D 309 2.33 -20.67 -23.91
N GLY D 310 1.07 -20.39 -23.60
CA GLY D 310 0.64 -19.07 -23.15
C GLY D 310 1.25 -18.73 -21.81
N TYR D 311 1.22 -19.69 -20.88
CA TYR D 311 1.77 -19.52 -19.54
C TYR D 311 3.29 -19.41 -19.58
N GLN D 312 3.94 -20.20 -20.44
CA GLN D 312 5.39 -20.14 -20.57
C GLN D 312 5.85 -18.86 -21.22
N TYR D 313 5.06 -18.31 -22.16
CA TYR D 313 5.38 -17.03 -22.78
C TYR D 313 5.38 -15.92 -21.70
N LEU D 314 4.34 -15.90 -20.84
CA LEU D 314 4.21 -14.91 -19.79
C LEU D 314 5.39 -14.98 -18.82
N ARG D 315 5.85 -16.20 -18.51
CA ARG D 315 7.01 -16.39 -17.64
C ARG D 315 8.29 -15.86 -18.27
N SER D 316 8.41 -15.96 -19.59
CA SER D 316 9.59 -15.47 -20.31
C SER D 316 9.64 -13.93 -20.34
N THR D 317 8.48 -13.25 -20.21
CA THR D 317 8.45 -11.78 -20.14
C THR D 317 9.04 -11.25 -18.82
N LEU D 318 9.30 -12.14 -17.83
CA LEU D 318 9.93 -11.78 -16.56
C LEU D 318 11.47 -11.69 -16.64
N SER D 319 12.07 -12.01 -17.81
CA SER D 319 13.52 -11.97 -18.04
C SER D 319 14.04 -10.53 -18.25
N ASP D 320 15.36 -10.35 -18.10
CA ASP D 320 16.04 -9.06 -18.30
C ASP D 320 15.97 -8.55 -19.72
N ARG D 321 15.66 -9.42 -20.70
CA ARG D 321 15.47 -9.02 -22.09
C ARG D 321 14.29 -8.02 -22.23
N TYR D 322 13.35 -8.04 -21.27
CA TYR D 322 12.19 -7.19 -21.25
C TYR D 322 12.39 -5.89 -20.42
N LYS D 323 13.45 -5.82 -19.60
CA LYS D 323 13.74 -4.60 -18.85
C LYS D 323 14.45 -3.62 -19.79
N VAL D 324 13.94 -2.40 -19.91
CA VAL D 324 14.46 -1.39 -20.81
C VAL D 324 15.72 -0.68 -20.30
N PHE D 325 15.73 -0.28 -19.03
CA PHE D 325 16.83 0.49 -18.44
C PHE D 325 17.70 -0.32 -17.53
N LEU D 326 18.02 -1.54 -17.97
CA LEU D 326 18.89 -2.51 -17.28
C LEU D 326 20.23 -1.86 -16.86
N ASP D 327 20.75 -0.95 -17.68
CA ASP D 327 22.01 -0.21 -17.45
C ASP D 327 21.93 0.64 -16.18
N LEU D 328 20.77 1.24 -15.93
CA LEU D 328 20.58 2.09 -14.77
C LEU D 328 20.64 1.32 -13.46
N PHE D 329 20.17 0.06 -13.47
CA PHE D 329 20.17 -0.79 -12.29
C PHE D 329 21.57 -1.20 -11.82
N ASN D 330 22.54 -1.23 -12.74
CA ASN D 330 23.88 -1.64 -12.41
C ASN D 330 24.84 -0.50 -12.08
N LEU D 331 24.41 0.76 -12.23
CA LEU D 331 25.30 1.93 -12.06
C LEU D 331 26.13 1.96 -10.78
N SER D 332 25.59 1.50 -9.64
CA SER D 332 26.32 1.51 -8.39
C SER D 332 27.53 0.56 -8.35
N THR D 333 27.64 -0.37 -9.32
CA THR D 333 28.81 -1.25 -9.42
C THR D 333 30.08 -0.42 -9.64
N PHE D 334 29.98 0.72 -10.35
CA PHE D 334 31.11 1.57 -10.73
C PHE D 334 31.47 2.65 -9.73
N LEU D 335 30.67 2.83 -8.69
CA LEU D 335 30.88 3.84 -7.67
C LEU D 335 32.20 3.66 -6.90
N ILE D 336 32.80 4.81 -6.54
CA ILE D 336 33.98 4.93 -5.67
C ILE D 336 33.53 5.81 -4.47
N PRO D 337 34.21 5.75 -3.31
CA PRO D 337 33.80 6.60 -2.17
C PRO D 337 33.90 8.11 -2.43
N ARG D 338 33.16 8.92 -1.64
CA ARG D 338 33.13 10.39 -1.76
C ARG D 338 34.54 11.01 -1.84
N GLU D 339 35.45 10.56 -0.98
CA GLU D 339 36.82 11.07 -0.92
C GLU D 339 37.60 10.85 -2.21
N ALA D 340 37.25 9.83 -2.99
CA ALA D 340 37.92 9.54 -4.26
C ALA D 340 37.25 10.17 -5.46
N ILE D 341 36.04 10.71 -5.32
CA ILE D 341 35.32 11.30 -6.46
C ILE D 341 35.94 12.64 -6.89
N PRO D 342 36.16 12.87 -8.20
CA PRO D 342 36.72 14.17 -8.64
C PRO D 342 35.82 15.33 -8.21
N PRO D 343 36.36 16.31 -7.47
CA PRO D 343 35.51 17.43 -7.01
C PRO D 343 35.07 18.32 -8.17
N LEU D 344 33.83 18.80 -8.12
CA LEU D 344 33.30 19.69 -9.15
C LEU D 344 34.03 21.03 -9.13
N ASP D 345 34.41 21.53 -10.33
CA ASP D 345 35.15 22.77 -10.51
C ASP D 345 34.22 23.97 -10.81
N GLU D 346 33.78 24.11 -12.10
CA GLU D 346 32.94 25.20 -12.61
C GLU D 346 33.54 26.57 -12.34
CHA HEM E . -17.72 17.47 -4.41
CHB HEM E . -13.80 19.94 -5.85
CHC HEM E . -11.76 15.85 -7.52
CHD HEM E . -15.92 13.52 -6.59
C1A HEM E . -16.80 18.53 -4.64
C2A HEM E . -17.02 19.91 -4.26
C3A HEM E . -15.91 20.62 -4.67
C4A HEM E . -15.02 19.65 -5.30
CMA HEM E . -15.62 22.08 -4.50
CAA HEM E . -18.22 20.51 -3.56
CBA HEM E . -19.20 21.14 -4.52
CGA HEM E . -20.30 21.90 -3.81
O1A HEM E . -20.32 23.12 -3.74
O2A HEM E . -21.21 21.11 -3.24
C1B HEM E . -12.86 19.03 -6.44
C2B HEM E . -11.56 19.41 -6.98
C3B HEM E . -11.00 18.24 -7.43
C4B HEM E . -11.94 17.17 -7.18
CMB HEM E . -11.02 20.81 -7.01
CAB HEM E . -9.66 18.06 -8.01
CBB HEM E . -9.02 18.82 -8.87
C1C HEM E . -12.72 14.80 -7.37
C2C HEM E . -12.52 13.42 -7.76
C3C HEM E . -13.72 12.79 -7.53
C4C HEM E . -14.62 13.77 -6.99
CMC HEM E . -11.21 12.85 -8.24
CAC HEM E . -14.08 11.39 -7.78
CBC HEM E . -15.14 10.93 -8.41
C1D HEM E . -16.79 14.40 -5.91
C2D HEM E . -18.06 13.99 -5.33
C3D HEM E . -18.54 15.08 -4.65
C4D HEM E . -17.58 16.15 -4.87
CMD HEM E . -18.69 12.64 -5.49
CAD HEM E . -19.75 15.06 -3.76
CBD HEM E . -19.37 14.77 -2.31
CGD HEM E . -20.52 14.66 -1.35
O1D HEM E . -20.38 14.17 -0.24
O2D HEM E . -21.69 15.13 -1.77
NA HEM E . -15.59 18.40 -5.25
NB HEM E . -13.07 17.69 -6.57
NC HEM E . -13.99 14.99 -6.89
ND HEM E . -16.52 15.70 -5.63
FE HEM E . -14.80 16.69 -6.08
CAA 5PK F . -16.42 23.90 -10.50
CAF 5PK F . -15.84 25.32 -10.24
CAE 5PK F . -14.31 25.27 -10.04
CAD 5PK F . -13.92 24.26 -8.91
CAC 5PK F . -14.55 22.88 -9.16
CAB 5PK F . -16.09 23.00 -9.31
CAG 5PK F . -16.75 21.61 -9.37
OAI 5PK F . -16.57 20.96 -8.11
CAH 5PK F . -16.32 20.80 -10.61
CAJ 5PK F . -16.89 19.36 -10.66
CAK 5PK F . -16.56 18.71 -11.85
CAR 5PK F . -16.85 19.02 -13.12
CAS 5PK F . -16.42 18.21 -14.16
CAT 5PK F . -15.70 17.06 -13.83
CAU 5PK F . -15.41 16.79 -12.51
CAL 5PK F . -15.84 17.61 -11.54
CAM 5PK F . -15.72 17.47 -10.21
NAN 5PK F . -16.37 18.45 -9.60
CAQ 5PK F . -16.26 18.26 -8.29
NAP 5PK F . -15.59 17.14 -8.09
CAO 5PK F . -15.26 16.65 -9.28
CHA HEM G . -3.68 6.78 23.78
CHB HEM G . -6.08 2.54 23.81
CHC HEM G . -2.94 0.72 20.57
CHD HEM G . -0.23 4.68 21.08
C1A HEM G . -4.65 5.78 24.05
C2A HEM G . -5.82 5.97 24.92
C3A HEM G . -6.49 4.77 24.94
C4A HEM G . -5.75 3.86 24.09
CMA HEM G . -7.77 4.44 25.66
CAA HEM G . -6.18 7.23 25.66
CBA HEM G . -5.73 7.21 27.11
CGA HEM G . -6.32 8.33 27.92
O1A HEM G . -7.24 8.16 28.71
O2A HEM G . -5.76 9.50 27.70
C1B HEM G . -5.43 1.64 22.92
C2B HEM G . -5.87 0.29 22.65
C3B HEM G . -4.96 -0.21 21.72
C4B HEM G . -4.02 0.83 21.44
CMB HEM G . -7.06 -0.37 23.28
CAB HEM G . -4.95 -1.52 21.06
CBB HEM G . -5.24 -2.73 21.55
C1C HEM G . -1.93 1.68 20.35
C2C HEM G . -0.79 1.50 19.50
C3C HEM G . 0.00 2.62 19.69
C4C HEM G . -0.68 3.46 20.62
CMC HEM G . -0.57 0.33 18.57
CAC HEM G . 1.30 2.93 19.09
CBC HEM G . 2.40 3.34 19.68
C1D HEM G . -0.93 5.63 21.86
C2D HEM G . -0.52 7.00 22.04
C3D HEM G . -1.53 7.62 22.73
C4D HEM G . -2.53 6.60 23.01
CMD HEM G . 0.78 7.58 21.57
CAD HEM G . -1.59 9.10 23.03
CBD HEM G . -2.42 9.85 21.99
CGD HEM G . -2.45 11.34 22.16
O1D HEM G . -2.81 12.09 21.27
O2D HEM G . -2.09 11.79 23.34
NA HEM G . -4.64 4.51 23.57
NB HEM G . -4.33 1.95 22.19
NC HEM G . -1.86 2.87 21.02
ND HEM G . -2.13 5.40 22.46
FE HEM G . -3.27 3.70 22.27
CAA 5PK H . -6.18 0.91 29.95
CAF 5PK H . -7.73 0.93 29.74
CAE 5PK H . -8.21 0.02 28.56
CAD 5PK H . -7.10 -0.98 28.17
CAC 5PK H . -5.75 -0.28 27.80
CAB 5PK H . -5.46 1.03 28.60
CAG 5PK H . -3.96 1.33 28.75
OAI 5PK H . -3.82 2.58 29.44
CAH 5PK H . -3.43 1.54 27.32
CAJ 5PK H . -1.98 1.98 27.12
CAK 5PK H . -0.99 0.99 27.27
CAR 5PK H . -0.46 0.43 28.36
CAS 5PK H . 0.60 -0.48 28.28
CAT 5PK H . 1.12 -0.78 27.03
CAU 5PK H . 0.59 -0.13 25.93
CAL 5PK H . -0.42 0.74 26.06
CAM 5PK H . -1.03 1.48 25.13
NAN 5PK H . -1.91 2.27 25.70
CAQ 5PK H . -2.50 3.01 24.76
NAP 5PK H . -1.94 2.70 23.60
CAO 5PK H . -1.02 1.76 23.83
CHA HEM I . 21.48 -11.09 2.12
CHB HEM I . 23.07 -6.65 0.97
CHC HEM I . 19.35 -4.67 3.41
CHD HEM I . 18.17 -9.10 5.04
C1A HEM I . 22.24 -10.05 1.55
C2A HEM I . 23.40 -10.24 0.70
C3A HEM I . 23.86 -8.98 0.37
C4A HEM I . 22.97 -8.03 1.02
CMA HEM I . 25.04 -8.61 -0.49
CAA HEM I . 24.01 -11.54 0.26
CBA HEM I . 25.16 -11.98 1.14
CGA HEM I . 25.89 -13.16 0.57
O1A HEM I . 26.96 -13.06 -0.03
O2A HEM I . 25.28 -14.30 0.78
C1B HEM I . 22.18 -5.69 1.52
C2B HEM I . 22.33 -4.26 1.39
C3B HEM I . 21.25 -3.70 2.07
C4B HEM I . 20.48 -4.79 2.62
CMB HEM I . 23.42 -3.57 0.63
CAB HEM I . 20.88 -2.29 2.19
CBB HEM I . 21.64 -1.25 2.34
C1C HEM I . 18.67 -5.72 4.07
C2C HEM I . 17.52 -5.56 4.93
C3C HEM I . 17.22 -6.80 5.41
C4C HEM I . 18.16 -7.72 4.84
CMC HEM I . 16.78 -4.26 5.15
CAC HEM I . 16.18 -7.19 6.36
CBC HEM I . 16.29 -8.00 7.41
C1D HEM I . 18.97 -10.05 4.37
C2D HEM I . 18.78 -11.48 4.48
C3D HEM I . 19.67 -12.04 3.60
C4D HEM I . 20.42 -10.95 3.02
CMD HEM I . 17.81 -12.17 5.39
CAD HEM I . 19.75 -13.50 3.22
CBD HEM I . 18.88 -13.81 2.00
CGD HEM I . 18.74 -15.27 1.65
O1D HEM I . 17.91 -15.65 0.86
O2D HEM I . 19.58 -16.08 2.23
NA HEM I . 22.00 -8.73 1.72
NB HEM I . 21.06 -6.00 2.25
NC HEM I . 19.04 -7.03 4.02
ND HEM I . 19.96 -9.75 3.50
FE HEM I . 20.50 -7.88 2.84
CAA 5PK J . 28.43 -5.23 4.28
CAF 5PK J . 29.63 -4.53 3.52
CAE 5PK J . 29.59 -4.75 1.96
CAD 5PK J . 28.24 -5.37 1.49
CAC 5PK J . 27.85 -6.67 2.31
CAB 5PK J . 28.31 -6.67 3.80
CAG 5PK J . 27.37 -7.49 4.70
OAI 5PK J . 27.43 -8.85 4.19
CAH 5PK J . 25.90 -7.03 4.64
CAJ 5PK J . 25.02 -7.79 5.66
CAK 5PK J . 25.02 -7.10 6.92
CAR 5PK J . 25.98 -6.95 7.84
CAS 5PK J . 25.77 -6.23 9.01
CAT 5PK J . 24.51 -5.66 9.23
CAU 5PK J . 23.53 -5.85 8.26
CAL 5PK J . 23.80 -6.56 7.15
CAM 5PK J . 22.97 -6.87 6.16
NAN 5PK J . 23.61 -7.60 5.26
CAQ 5PK J . 22.76 -7.91 4.28
NAP 5PK J . 21.59 -7.38 4.58
CAO 5PK J . 21.71 -6.74 5.74
CHA HEM K . -1.66 -12.00 -21.73
CHB HEM K . -4.80 -14.68 -19.18
CHC HEM K . -6.22 -10.75 -16.68
CHD HEM K . -3.63 -8.03 -19.74
C1A HEM K . -2.38 -13.13 -21.22
C2A HEM K . -2.16 -14.51 -21.61
C3A HEM K . -3.05 -15.27 -20.88
C4A HEM K . -3.80 -14.34 -20.06
CMA HEM K . -3.23 -16.77 -20.92
CAA HEM K . -1.20 -15.03 -22.66
CBA HEM K . -1.83 -15.18 -24.03
CGA HEM K . -0.96 -15.93 -25.00
O1A HEM K . -1.11 -17.12 -25.27
O2A HEM K . -0.01 -15.19 -25.53
C1B HEM K . -5.46 -13.86 -18.24
C2B HEM K . -6.45 -14.33 -17.29
C3B HEM K . -6.83 -13.20 -16.58
C4B HEM K . -6.10 -12.07 -17.09
CMB HEM K . -6.92 -15.75 -17.15
CAB HEM K . -7.77 -13.13 -15.46
CBB HEM K . -8.92 -13.78 -15.26
C1C HEM K . -5.59 -9.63 -17.28
C2C HEM K . -5.80 -8.25 -16.88
C3C HEM K . -5.10 -7.50 -17.79
C4C HEM K . -4.45 -8.40 -18.70
CMC HEM K . -6.61 -7.80 -15.70
CAC HEM K . -4.99 -6.04 -17.84
CBC HEM K . -5.12 -5.23 -18.87
C1D HEM K . -2.85 -8.87 -20.56
C2D HEM K . -1.80 -8.40 -21.43
C3D HEM K . -1.18 -9.52 -21.94
C4D HEM K . -1.90 -10.66 -21.41
CMD HEM K . -1.50 -6.96 -21.73
CAD HEM K . 0.06 -9.51 -22.80
CBD HEM K . 1.33 -9.70 -21.98
CGD HEM K . 2.62 -9.61 -22.75
O1D HEM K . 3.69 -9.46 -22.20
O2D HEM K . 2.49 -9.72 -24.05
NA HEM K . -3.37 -13.06 -20.28
NB HEM K . -5.25 -12.52 -18.10
NC HEM K . -4.77 -9.70 -18.37
ND HEM K . -2.90 -10.23 -20.56
FE HEM K . -4.01 -11.38 -19.29
CAA 5PK L . -8.91 -16.46 -21.61
CAF 5PK L . -8.87 -17.95 -21.15
CAE 5PK L . -7.40 -18.42 -21.02
CAD 5PK L . -6.65 -18.21 -22.36
CAC 5PK L . -6.71 -16.72 -22.81
CAB 5PK L . -8.19 -16.29 -22.97
CAG 5PK L . -8.34 -14.87 -23.54
OAI 5PK L . -7.63 -14.82 -24.78
CAH 5PK L . -7.71 -13.88 -22.59
CAJ 5PK L . -7.73 -12.40 -23.02
CAK 5PK L . -8.96 -11.71 -22.98
CAR 5PK L . -10.04 -11.77 -23.78
CAS 5PK L . -11.09 -10.88 -23.64
CAT 5PK L . -11.00 -9.87 -22.69
CAU 5PK L . -9.86 -9.83 -21.91
CAL 5PK L . -8.88 -10.71 -22.08
CAM 5PK L . -7.71 -10.78 -21.43
NAN 5PK L . -6.96 -11.74 -21.97
CAQ 5PK L . -5.82 -11.81 -21.31
NAP 5PK L . -5.82 -10.84 -20.39
CAO 5PK L . -6.99 -10.23 -20.46
#